data_2E6O
#
_entry.id   2E6O
#
_entity_poly.entity_id   1
_entity_poly.type   'polypeptide(L)'
_entity_poly.pdbx_seq_one_letter_code
;GSSGSSGGTVSATSPNKCKRPMNAFMLFAKKYRVEYTQMYPGKDNRAISVILGDRWKKMKNEERRMYTLEAKALAEEQKR
LNPDCWK
;
_entity_poly.pdbx_strand_id   A
#
# COMPACT_ATOMS: atom_id res chain seq x y z
N GLY A 1 -20.95 -2.63 6.23
CA GLY A 1 -20.67 -3.86 6.97
C GLY A 1 -19.18 -4.14 7.08
N SER A 2 -18.77 -4.68 8.23
CA SER A 2 -17.37 -5.00 8.46
C SER A 2 -17.17 -6.49 8.68
N SER A 3 -15.95 -6.97 8.46
CA SER A 3 -15.64 -8.38 8.63
C SER A 3 -14.15 -8.63 8.46
N GLY A 4 -13.60 -9.52 9.30
CA GLY A 4 -12.19 -9.82 9.24
C GLY A 4 -11.50 -9.72 10.58
N SER A 5 -12.17 -10.23 11.62
CA SER A 5 -11.62 -10.19 12.96
C SER A 5 -10.28 -10.93 13.04
N SER A 6 -9.74 -11.03 14.24
CA SER A 6 -8.45 -11.71 14.44
C SER A 6 -8.48 -13.11 13.84
N GLY A 7 -7.29 -13.62 13.51
CA GLY A 7 -7.20 -14.94 12.91
C GLY A 7 -6.92 -16.01 13.94
N GLY A 8 -6.74 -17.24 13.48
CA GLY A 8 -6.47 -18.35 14.39
C GLY A 8 -5.29 -19.19 13.95
N THR A 9 -4.15 -19.01 14.60
CA THR A 9 -2.94 -19.75 14.26
C THR A 9 -2.55 -19.53 12.81
N VAL A 10 -2.72 -18.30 12.33
CA VAL A 10 -2.38 -17.95 10.95
C VAL A 10 -0.99 -17.36 10.87
N SER A 11 -0.21 -17.83 9.90
CA SER A 11 1.16 -17.35 9.71
C SER A 11 1.23 -16.37 8.55
N ALA A 12 2.43 -15.90 8.25
CA ALA A 12 2.65 -14.95 7.16
C ALA A 12 2.83 -15.66 5.83
N THR A 13 1.84 -15.53 4.95
CA THR A 13 1.89 -16.17 3.65
C THR A 13 1.95 -15.14 2.52
N SER A 14 1.42 -13.95 2.81
CA SER A 14 1.41 -12.87 1.82
C SER A 14 0.65 -13.29 0.56
N PRO A 15 -0.68 -13.37 0.69
CA PRO A 15 -1.56 -13.76 -0.43
C PRO A 15 -1.62 -12.68 -1.51
N ASN A 16 -2.48 -12.91 -2.50
CA ASN A 16 -2.63 -11.96 -3.61
C ASN A 16 -4.11 -11.68 -3.88
N LYS A 17 -4.38 -10.54 -4.50
CA LYS A 17 -5.75 -10.15 -4.82
C LYS A 17 -6.62 -10.13 -3.57
N CYS A 18 -5.98 -9.89 -2.42
CA CYS A 18 -6.70 -9.84 -1.15
C CYS A 18 -7.78 -8.76 -1.17
N LYS A 19 -8.53 -8.66 -0.08
CA LYS A 19 -9.61 -7.67 0.01
C LYS A 19 -9.39 -6.77 1.23
N ARG A 20 -8.17 -6.26 1.36
CA ARG A 20 -7.84 -5.37 2.48
C ARG A 20 -7.84 -3.92 2.03
N PRO A 21 -7.94 -2.99 3.01
CA PRO A 21 -7.96 -1.55 2.73
C PRO A 21 -6.60 -1.05 2.27
N MET A 22 -6.54 0.24 1.92
CA MET A 22 -5.31 0.85 1.46
C MET A 22 -4.70 1.73 2.54
N ASN A 23 -3.84 1.15 3.37
CA ASN A 23 -3.19 1.88 4.45
C ASN A 23 -2.25 2.95 3.90
N ALA A 24 -1.70 3.76 4.79
CA ALA A 24 -0.79 4.82 4.40
C ALA A 24 0.36 4.27 3.55
N PHE A 25 1.13 3.36 4.13
CA PHE A 25 2.26 2.75 3.44
C PHE A 25 1.83 2.19 2.09
N MET A 26 0.69 1.50 2.08
CA MET A 26 0.16 0.92 0.85
C MET A 26 0.09 1.95 -0.27
N LEU A 27 -0.41 3.13 0.06
CA LEU A 27 -0.54 4.21 -0.91
C LEU A 27 0.83 4.68 -1.38
N PHE A 28 1.82 4.56 -0.50
CA PHE A 28 3.19 4.97 -0.81
C PHE A 28 3.87 3.95 -1.72
N ALA A 29 4.00 2.72 -1.22
CA ALA A 29 4.63 1.65 -1.98
C ALA A 29 3.97 1.47 -3.34
N LYS A 30 2.69 1.84 -3.42
CA LYS A 30 1.94 1.73 -4.67
C LYS A 30 2.19 2.94 -5.56
N LYS A 31 1.88 4.12 -5.05
CA LYS A 31 2.08 5.36 -5.80
C LYS A 31 3.53 5.50 -6.26
N TYR A 32 4.43 4.86 -5.53
CA TYR A 32 5.85 4.92 -5.87
C TYR A 32 6.33 3.58 -6.43
N ARG A 33 5.39 2.69 -6.70
CA ARG A 33 5.71 1.37 -7.23
C ARG A 33 6.42 1.49 -8.57
N VAL A 34 5.67 1.85 -9.61
CA VAL A 34 6.22 2.00 -10.95
C VAL A 34 7.36 3.02 -10.96
N GLU A 35 7.29 4.00 -10.05
CA GLU A 35 8.31 5.02 -9.95
C GLU A 35 9.71 4.40 -9.85
N TYR A 36 9.81 3.30 -9.12
CA TYR A 36 11.08 2.60 -8.96
C TYR A 36 11.22 1.47 -9.96
N THR A 37 10.09 1.04 -10.53
CA THR A 37 10.10 -0.03 -11.51
C THR A 37 10.87 0.37 -12.76
N GLN A 38 10.81 1.65 -13.09
CA GLN A 38 11.51 2.16 -14.28
C GLN A 38 12.87 2.74 -13.89
N MET A 39 12.98 3.19 -12.66
CA MET A 39 14.23 3.78 -12.17
C MET A 39 15.24 2.68 -11.84
N TYR A 40 14.75 1.53 -11.41
CA TYR A 40 15.61 0.41 -11.05
C TYR A 40 15.17 -0.86 -11.77
N PRO A 41 15.36 -0.90 -13.09
CA PRO A 41 14.98 -2.06 -13.92
C PRO A 41 15.87 -3.26 -13.66
N GLY A 42 17.10 -3.00 -13.22
CA GLY A 42 18.03 -4.08 -12.94
C GLY A 42 17.70 -4.82 -11.67
N LYS A 43 16.96 -4.16 -10.78
CA LYS A 43 16.58 -4.77 -9.51
C LYS A 43 15.30 -5.59 -9.66
N ASP A 44 14.97 -6.36 -8.64
CA ASP A 44 13.78 -7.20 -8.65
C ASP A 44 12.68 -6.59 -7.78
N ASN A 45 11.45 -7.07 -7.98
CA ASN A 45 10.31 -6.57 -7.21
C ASN A 45 10.60 -6.62 -5.72
N ARG A 46 11.13 -7.74 -5.26
CA ARG A 46 11.45 -7.93 -3.85
C ARG A 46 12.34 -6.79 -3.35
N ALA A 47 13.14 -6.23 -4.25
CA ALA A 47 14.03 -5.13 -3.89
C ALA A 47 13.30 -3.79 -3.91
N ILE A 48 12.46 -3.60 -4.92
CA ILE A 48 11.70 -2.37 -5.05
C ILE A 48 10.91 -2.06 -3.77
N SER A 49 10.43 -3.11 -3.12
CA SER A 49 9.66 -2.96 -1.89
C SER A 49 10.58 -2.57 -0.72
N VAL A 50 11.65 -3.33 -0.55
CA VAL A 50 12.60 -3.07 0.52
C VAL A 50 13.07 -1.62 0.50
N ILE A 51 13.38 -1.12 -0.70
CA ILE A 51 13.84 0.25 -0.86
C ILE A 51 12.74 1.24 -0.52
N LEU A 52 11.51 0.94 -0.94
CA LEU A 52 10.37 1.80 -0.67
C LEU A 52 10.23 2.07 0.82
N GLY A 53 10.18 1.01 1.61
CA GLY A 53 10.04 1.15 3.05
C GLY A 53 11.08 2.08 3.64
N ASP A 54 12.32 1.96 3.16
CA ASP A 54 13.41 2.79 3.66
C ASP A 54 13.04 4.27 3.57
N ARG A 55 12.45 4.67 2.44
CA ARG A 55 12.05 6.05 2.24
C ARG A 55 10.99 6.46 3.25
N TRP A 56 10.09 5.54 3.57
CA TRP A 56 9.03 5.81 4.53
C TRP A 56 9.58 5.96 5.94
N LYS A 57 10.73 5.34 6.19
CA LYS A 57 11.38 5.42 7.49
C LYS A 57 12.27 6.65 7.60
N LYS A 58 12.74 7.13 6.46
CA LYS A 58 13.60 8.31 6.42
C LYS A 58 12.77 9.58 6.29
N MET A 59 11.61 9.47 5.65
CA MET A 59 10.73 10.61 5.47
C MET A 59 10.40 11.27 6.82
N LYS A 60 9.71 12.40 6.76
CA LYS A 60 9.33 13.13 7.97
C LYS A 60 7.90 12.79 8.38
N ASN A 61 7.39 13.50 9.38
CA ASN A 61 6.04 13.28 9.87
C ASN A 61 5.01 13.86 8.90
N GLU A 62 5.37 14.98 8.28
CA GLU A 62 4.47 15.65 7.32
C GLU A 62 4.57 14.99 5.95
N GLU A 63 5.76 14.47 5.63
CA GLU A 63 5.98 13.82 4.35
C GLU A 63 5.12 12.58 4.20
N ARG A 64 4.74 11.99 5.33
CA ARG A 64 3.92 10.78 5.33
C ARG A 64 2.44 11.15 5.49
N ARG A 65 2.18 12.31 6.07
CA ARG A 65 0.81 12.76 6.28
C ARG A 65 0.01 12.69 4.97
N MET A 66 0.66 13.04 3.87
CA MET A 66 0.01 13.02 2.57
C MET A 66 -0.65 11.66 2.31
N TYR A 67 -0.06 10.60 2.85
CA TYR A 67 -0.58 9.26 2.68
C TYR A 67 -1.45 8.86 3.87
N THR A 68 -1.09 9.36 5.05
CA THR A 68 -1.83 9.06 6.27
C THR A 68 -3.30 9.47 6.14
N LEU A 69 -3.53 10.77 5.99
CA LEU A 69 -4.89 11.28 5.85
C LEU A 69 -5.55 10.74 4.59
N GLU A 70 -4.84 10.81 3.47
CA GLU A 70 -5.36 10.32 2.20
C GLU A 70 -5.87 8.89 2.33
N ALA A 71 -4.99 8.00 2.78
CA ALA A 71 -5.36 6.60 2.96
C ALA A 71 -6.56 6.45 3.89
N LYS A 72 -6.61 7.28 4.91
CA LYS A 72 -7.70 7.25 5.88
C LYS A 72 -9.05 7.33 5.17
N ALA A 73 -9.23 8.37 4.37
CA ALA A 73 -10.48 8.57 3.63
C ALA A 73 -10.84 7.31 2.85
N LEU A 74 -9.84 6.64 2.30
CA LEU A 74 -10.06 5.42 1.52
C LEU A 74 -10.41 4.25 2.44
N ALA A 75 -9.87 4.29 3.65
CA ALA A 75 -10.13 3.23 4.62
C ALA A 75 -11.57 3.29 5.14
N GLU A 76 -12.17 4.47 5.07
CA GLU A 76 -13.54 4.66 5.54
C GLU A 76 -14.52 4.56 4.37
N GLU A 77 -14.16 5.18 3.25
CA GLU A 77 -15.02 5.15 2.07
C GLU A 77 -15.21 3.72 1.56
N GLN A 78 -14.12 2.96 1.52
CA GLN A 78 -14.17 1.58 1.05
C GLN A 78 -15.23 0.79 1.82
N LYS A 79 -15.45 1.17 3.09
CA LYS A 79 -16.42 0.50 3.93
C LYS A 79 -17.84 0.87 3.52
N ARG A 80 -18.02 2.11 3.05
CA ARG A 80 -19.33 2.58 2.63
C ARG A 80 -19.73 1.95 1.31
N LEU A 81 -18.77 1.77 0.41
CA LEU A 81 -19.02 1.17 -0.89
C LEU A 81 -19.30 -0.33 -0.76
N ASN A 82 -18.77 -0.93 0.30
CA ASN A 82 -18.96 -2.36 0.54
C ASN A 82 -19.75 -2.59 1.82
N PRO A 83 -21.05 -2.27 1.78
CA PRO A 83 -21.94 -2.43 2.93
C PRO A 83 -22.22 -3.90 3.25
N ASP A 84 -22.07 -4.75 2.25
CA ASP A 84 -22.30 -6.18 2.42
C ASP A 84 -20.98 -6.92 2.62
N CYS A 85 -20.41 -6.80 3.81
CA CYS A 85 -19.15 -7.45 4.14
C CYS A 85 -19.33 -8.42 5.30
N TRP A 86 -19.32 -9.71 4.98
CA TRP A 86 -19.48 -10.75 6.01
C TRP A 86 -18.19 -11.54 6.19
N LYS A 87 -17.44 -11.70 5.10
CA LYS A 87 -16.19 -12.44 5.14
C LYS A 87 -15.21 -11.80 6.12
N GLY A 1 -1.17 1.08 -44.69
CA GLY A 1 -0.22 0.09 -44.21
C GLY A 1 -0.84 -0.87 -43.21
N SER A 2 -0.65 -2.16 -43.44
CA SER A 2 -1.19 -3.18 -42.54
C SER A 2 -0.08 -3.93 -41.82
N SER A 3 1.05 -3.25 -41.62
CA SER A 3 2.19 -3.85 -40.94
C SER A 3 2.08 -3.67 -39.43
N GLY A 4 2.16 -4.78 -38.71
CA GLY A 4 2.07 -4.72 -37.26
C GLY A 4 3.42 -4.91 -36.59
N SER A 5 3.70 -4.07 -35.60
CA SER A 5 4.97 -4.15 -34.88
C SER A 5 4.86 -5.08 -33.68
N SER A 6 5.89 -5.90 -33.48
CA SER A 6 5.90 -6.84 -32.37
C SER A 6 5.86 -6.12 -31.03
N GLY A 7 5.01 -6.61 -30.13
CA GLY A 7 4.88 -5.99 -28.83
C GLY A 7 3.63 -6.45 -28.09
N GLY A 8 2.89 -5.48 -27.54
CA GLY A 8 1.68 -5.80 -26.82
C GLY A 8 1.87 -5.78 -25.32
N THR A 9 1.01 -6.48 -24.60
CA THR A 9 1.09 -6.53 -23.14
C THR A 9 1.24 -7.97 -22.65
N VAL A 10 2.33 -8.25 -21.97
CA VAL A 10 2.60 -9.57 -21.44
C VAL A 10 1.87 -9.80 -20.12
N SER A 11 1.67 -11.07 -19.77
CA SER A 11 0.97 -11.42 -18.54
C SER A 11 1.83 -12.36 -17.69
N ALA A 12 2.40 -11.83 -16.62
CA ALA A 12 3.24 -12.62 -15.72
C ALA A 12 2.52 -12.88 -14.40
N THR A 13 1.62 -11.98 -14.02
CA THR A 13 0.87 -12.12 -12.78
C THR A 13 -0.61 -11.85 -12.99
N SER A 14 -1.45 -12.80 -12.63
CA SER A 14 -2.90 -12.66 -12.78
C SER A 14 -3.42 -11.50 -11.94
N PRO A 15 -4.62 -11.02 -12.29
CA PRO A 15 -5.26 -9.91 -11.59
C PRO A 15 -5.72 -10.30 -10.18
N ASN A 16 -5.87 -9.31 -9.31
CA ASN A 16 -6.31 -9.56 -7.94
C ASN A 16 -7.80 -9.25 -7.78
N LYS A 17 -8.61 -10.31 -7.71
CA LYS A 17 -10.05 -10.15 -7.55
C LYS A 17 -10.42 -9.93 -6.09
N CYS A 18 -9.58 -10.43 -5.19
CA CYS A 18 -9.81 -10.28 -3.76
C CYS A 18 -10.07 -8.83 -3.39
N LYS A 19 -10.54 -8.59 -2.17
CA LYS A 19 -10.82 -7.25 -1.70
C LYS A 19 -10.07 -6.95 -0.40
N ARG A 20 -9.53 -5.75 -0.30
CA ARG A 20 -8.78 -5.34 0.88
C ARG A 20 -8.71 -3.82 0.98
N PRO A 21 -8.42 -3.32 2.19
CA PRO A 21 -8.31 -1.88 2.45
C PRO A 21 -7.08 -1.26 1.79
N MET A 22 -7.08 0.06 1.67
CA MET A 22 -5.96 0.77 1.07
C MET A 22 -5.16 1.52 2.12
N ASN A 23 -4.14 0.86 2.68
CA ASN A 23 -3.30 1.47 3.70
C ASN A 23 -2.45 2.59 3.11
N ALA A 24 -2.00 3.51 3.96
CA ALA A 24 -1.18 4.62 3.53
C ALA A 24 0.05 4.14 2.75
N PHE A 25 0.73 3.15 3.32
CA PHE A 25 1.93 2.60 2.68
C PHE A 25 1.63 2.18 1.24
N MET A 26 0.48 1.57 1.03
CA MET A 26 0.08 1.13 -0.30
C MET A 26 0.18 2.27 -1.31
N LEU A 27 -0.35 3.43 -0.93
CA LEU A 27 -0.32 4.60 -1.80
C LEU A 27 1.12 5.02 -2.10
N PHE A 28 2.00 4.80 -1.14
CA PHE A 28 3.41 5.15 -1.32
C PHE A 28 4.10 4.15 -2.24
N ALA A 29 4.12 2.88 -1.84
CA ALA A 29 4.75 1.84 -2.64
C ALA A 29 4.20 1.82 -4.05
N LYS A 30 2.95 2.23 -4.21
CA LYS A 30 2.30 2.26 -5.51
C LYS A 30 2.73 3.49 -6.31
N LYS A 31 2.51 4.67 -5.72
CA LYS A 31 2.87 5.92 -6.37
C LYS A 31 4.36 5.96 -6.69
N TYR A 32 5.14 5.24 -5.90
CA TYR A 32 6.59 5.19 -6.10
C TYR A 32 7.01 3.87 -6.72
N ARG A 33 6.03 3.09 -7.15
CA ARG A 33 6.29 1.79 -7.77
C ARG A 33 7.12 1.96 -9.05
N VAL A 34 6.49 2.52 -10.08
CA VAL A 34 7.17 2.73 -11.35
C VAL A 34 8.40 3.62 -11.17
N GLU A 35 8.35 4.50 -10.19
CA GLU A 35 9.46 5.41 -9.91
C GLU A 35 10.76 4.63 -9.70
N TYR A 36 10.65 3.46 -9.07
CA TYR A 36 11.81 2.63 -8.80
C TYR A 36 11.98 1.58 -9.89
N THR A 37 10.88 1.21 -10.53
CA THR A 37 10.90 0.20 -11.59
C THR A 37 11.78 0.65 -12.74
N GLN A 38 11.89 1.96 -12.94
CA GLN A 38 12.71 2.51 -14.01
C GLN A 38 14.07 2.96 -13.48
N MET A 39 14.09 3.38 -12.22
CA MET A 39 15.32 3.84 -11.59
C MET A 39 16.26 2.67 -11.29
N TYR A 40 15.67 1.51 -11.02
CA TYR A 40 16.45 0.32 -10.72
C TYR A 40 15.98 -0.86 -11.57
N PRO A 41 16.29 -0.81 -12.87
CA PRO A 41 15.92 -1.86 -13.81
C PRO A 41 16.70 -3.15 -13.59
N GLY A 42 17.86 -3.03 -12.94
CA GLY A 42 18.68 -4.19 -12.67
C GLY A 42 18.23 -4.95 -11.45
N LYS A 43 17.52 -4.27 -10.55
CA LYS A 43 17.02 -4.89 -9.33
C LYS A 43 15.69 -5.60 -9.58
N ASP A 44 15.34 -6.51 -8.68
CA ASP A 44 14.10 -7.25 -8.80
C ASP A 44 13.00 -6.62 -7.95
N ASN A 45 11.75 -6.97 -8.24
CA ASN A 45 10.61 -6.44 -7.49
C ASN A 45 10.80 -6.65 -5.99
N ARG A 46 11.31 -7.82 -5.62
CA ARG A 46 11.53 -8.15 -4.22
C ARG A 46 12.45 -7.12 -3.56
N ALA A 47 13.30 -6.50 -4.37
CA ALA A 47 14.23 -5.50 -3.86
C ALA A 47 13.59 -4.12 -3.85
N ILE A 48 12.88 -3.80 -4.93
CA ILE A 48 12.21 -2.51 -5.05
C ILE A 48 11.35 -2.22 -3.82
N SER A 49 10.65 -3.24 -3.34
CA SER A 49 9.79 -3.09 -2.18
C SER A 49 10.62 -2.85 -0.92
N VAL A 50 11.64 -3.66 -0.73
CA VAL A 50 12.52 -3.53 0.43
C VAL A 50 13.10 -2.13 0.53
N ILE A 51 13.50 -1.58 -0.62
CA ILE A 51 14.08 -0.24 -0.66
C ILE A 51 13.01 0.83 -0.48
N LEU A 52 11.78 0.50 -0.88
CA LEU A 52 10.66 1.43 -0.76
C LEU A 52 10.28 1.64 0.70
N GLY A 53 10.16 0.54 1.44
CA GLY A 53 9.81 0.62 2.84
C GLY A 53 10.73 1.53 3.62
N ASP A 54 12.03 1.35 3.43
CA ASP A 54 13.02 2.16 4.12
C ASP A 54 12.73 3.65 3.96
N ARG A 55 12.43 4.05 2.72
CA ARG A 55 12.13 5.44 2.43
C ARG A 55 10.94 5.93 3.26
N TRP A 56 9.97 5.05 3.47
CA TRP A 56 8.78 5.39 4.24
C TRP A 56 9.13 5.64 5.71
N LYS A 57 10.26 5.09 6.14
CA LYS A 57 10.72 5.25 7.51
C LYS A 57 11.56 6.50 7.66
N LYS A 58 12.31 6.84 6.62
CA LYS A 58 13.16 8.03 6.63
C LYS A 58 12.33 9.29 6.54
N MET A 59 11.23 9.22 5.80
CA MET A 59 10.34 10.36 5.64
C MET A 59 9.86 10.88 6.98
N LYS A 60 9.24 12.06 6.98
CA LYS A 60 8.72 12.66 8.21
C LYS A 60 7.23 12.40 8.36
N ASN A 61 6.65 12.92 9.43
CA ASN A 61 5.23 12.75 9.70
C ASN A 61 4.39 13.37 8.59
N GLU A 62 4.71 14.63 8.25
CA GLU A 62 3.97 15.33 7.20
C GLU A 62 4.20 14.67 5.84
N GLU A 63 5.44 14.25 5.59
CA GLU A 63 5.77 13.61 4.33
C GLU A 63 4.88 12.39 4.07
N ARG A 64 4.38 11.81 5.15
CA ARG A 64 3.51 10.64 5.04
C ARG A 64 2.04 11.04 5.18
N ARG A 65 1.80 12.16 5.86
CA ARG A 65 0.44 12.65 6.06
C ARG A 65 -0.31 12.71 4.73
N MET A 66 0.39 13.13 3.68
CA MET A 66 -0.22 13.24 2.36
C MET A 66 -0.92 11.94 1.96
N TYR A 67 -0.37 10.82 2.42
CA TYR A 67 -0.95 9.51 2.12
C TYR A 67 -1.87 9.06 3.23
N THR A 68 -1.52 9.42 4.47
CA THR A 68 -2.32 9.04 5.63
C THR A 68 -3.74 9.58 5.51
N LEU A 69 -3.86 10.90 5.47
CA LEU A 69 -5.17 11.54 5.36
C LEU A 69 -5.92 11.05 4.13
N GLU A 70 -5.19 10.82 3.05
CA GLU A 70 -5.79 10.33 1.81
C GLU A 70 -6.36 8.94 1.99
N ALA A 71 -5.48 7.97 2.22
CA ALA A 71 -5.90 6.58 2.41
C ALA A 71 -6.97 6.47 3.49
N LYS A 72 -6.83 7.29 4.53
CA LYS A 72 -7.78 7.28 5.64
C LYS A 72 -9.20 7.48 5.13
N ALA A 73 -9.40 8.55 4.36
CA ALA A 73 -10.72 8.86 3.81
C ALA A 73 -11.26 7.68 3.00
N LEU A 74 -10.36 6.93 2.37
CA LEU A 74 -10.75 5.78 1.56
C LEU A 74 -11.21 4.63 2.45
N ALA A 75 -10.49 4.41 3.55
CA ALA A 75 -10.83 3.34 4.48
C ALA A 75 -12.10 3.68 5.26
N GLU A 76 -12.39 4.97 5.40
CA GLU A 76 -13.57 5.42 6.12
C GLU A 76 -14.77 5.55 5.17
N GLU A 77 -14.48 5.73 3.89
CA GLU A 77 -15.53 5.87 2.89
C GLU A 77 -15.88 4.52 2.27
N GLN A 78 -14.92 3.60 2.29
CA GLN A 78 -15.13 2.26 1.74
C GLN A 78 -15.85 1.37 2.74
N LYS A 79 -15.57 1.57 4.02
CA LYS A 79 -16.20 0.77 5.07
C LYS A 79 -17.71 0.97 5.07
N ARG A 80 -18.16 2.11 4.57
CA ARG A 80 -19.59 2.42 4.51
C ARG A 80 -20.24 1.70 3.33
N LEU A 81 -19.62 1.78 2.17
CA LEU A 81 -20.14 1.12 0.97
C LEU A 81 -20.22 -0.38 1.16
N ASN A 82 -19.36 -0.91 2.03
CA ASN A 82 -19.33 -2.35 2.30
C ASN A 82 -19.74 -2.63 3.75
N PRO A 83 -21.06 -2.49 4.02
CA PRO A 83 -21.60 -2.73 5.36
C PRO A 83 -21.58 -4.21 5.74
N ASP A 84 -21.75 -5.07 4.74
CA ASP A 84 -21.74 -6.52 4.97
C ASP A 84 -20.37 -7.11 4.68
N CYS A 85 -19.47 -6.99 5.64
CA CYS A 85 -18.11 -7.51 5.47
C CYS A 85 -17.98 -8.91 6.10
N TRP A 86 -19.07 -9.67 6.03
CA TRP A 86 -19.09 -11.02 6.59
C TRP A 86 -19.15 -12.07 5.48
N LYS A 87 -18.35 -11.88 4.43
CA LYS A 87 -18.31 -12.80 3.31
C LYS A 87 -17.33 -13.94 3.57
N GLY A 1 29.15 -14.13 7.72
CA GLY A 1 30.35 -13.63 7.06
C GLY A 1 30.25 -13.67 5.56
N SER A 2 29.56 -14.68 5.03
CA SER A 2 29.39 -14.84 3.59
C SER A 2 27.92 -14.75 3.21
N SER A 3 27.27 -13.66 3.60
CA SER A 3 25.86 -13.46 3.30
C SER A 3 25.64 -13.33 1.79
N GLY A 4 24.91 -14.28 1.23
CA GLY A 4 24.63 -14.26 -0.20
C GLY A 4 23.33 -14.96 -0.56
N SER A 5 22.35 -14.18 -0.97
CA SER A 5 21.04 -14.72 -1.33
C SER A 5 20.97 -15.00 -2.83
N SER A 6 21.82 -15.91 -3.30
CA SER A 6 21.86 -16.26 -4.71
C SER A 6 20.89 -17.40 -5.01
N GLY A 7 20.16 -17.27 -6.11
CA GLY A 7 19.21 -18.31 -6.49
C GLY A 7 18.08 -17.77 -7.35
N GLY A 8 17.00 -17.34 -6.72
CA GLY A 8 15.87 -16.81 -7.45
C GLY A 8 14.59 -16.87 -6.65
N THR A 9 13.56 -16.14 -7.12
CA THR A 9 12.28 -16.11 -6.43
C THR A 9 11.24 -16.95 -7.17
N VAL A 10 10.95 -18.13 -6.63
CA VAL A 10 9.97 -19.03 -7.23
C VAL A 10 8.92 -19.47 -6.21
N SER A 11 7.66 -19.19 -6.52
CA SER A 11 6.56 -19.55 -5.64
C SER A 11 5.25 -19.70 -6.41
N ALA A 12 4.61 -20.84 -6.26
CA ALA A 12 3.35 -21.10 -6.96
C ALA A 12 2.20 -20.30 -6.33
N THR A 13 1.81 -19.22 -7.01
CA THR A 13 0.73 -18.38 -6.52
C THR A 13 -0.17 -17.91 -7.67
N SER A 14 -1.46 -17.78 -7.38
CA SER A 14 -2.41 -17.34 -8.39
C SER A 14 -2.94 -15.95 -8.07
N PRO A 15 -3.50 -15.28 -9.10
CA PRO A 15 -4.05 -13.93 -8.95
C PRO A 15 -5.33 -13.91 -8.12
N ASN A 16 -5.29 -13.19 -7.00
CA ASN A 16 -6.45 -13.08 -6.12
C ASN A 16 -6.93 -11.64 -6.00
N LYS A 17 -8.24 -11.44 -6.10
CA LYS A 17 -8.82 -10.11 -6.00
C LYS A 17 -8.76 -9.60 -4.56
N CYS A 18 -8.17 -8.43 -4.40
CA CYS A 18 -8.05 -7.81 -3.07
C CYS A 18 -9.31 -7.03 -2.71
N LYS A 19 -9.85 -7.31 -1.54
CA LYS A 19 -11.07 -6.64 -1.08
C LYS A 19 -10.82 -5.91 0.24
N ARG A 20 -9.70 -5.18 0.31
CA ARG A 20 -9.34 -4.44 1.50
C ARG A 20 -8.96 -3.00 1.16
N PRO A 21 -9.00 -2.12 2.16
CA PRO A 21 -8.65 -0.70 1.99
C PRO A 21 -7.16 -0.49 1.74
N MET A 22 -6.83 0.53 0.96
CA MET A 22 -5.44 0.83 0.65
C MET A 22 -4.80 1.63 1.77
N ASN A 23 -4.11 0.93 2.66
CA ASN A 23 -3.43 1.58 3.79
C ASN A 23 -2.52 2.70 3.30
N ALA A 24 -2.05 3.53 4.25
CA ALA A 24 -1.17 4.64 3.92
C ALA A 24 0.05 4.16 3.14
N PHE A 25 0.75 3.17 3.69
CA PHE A 25 1.93 2.62 3.04
C PHE A 25 1.62 2.17 1.62
N MET A 26 0.47 1.53 1.44
CA MET A 26 0.05 1.05 0.13
C MET A 26 0.12 2.17 -0.90
N LEU A 27 -0.39 3.34 -0.54
CA LEU A 27 -0.37 4.48 -1.44
C LEU A 27 1.05 4.90 -1.79
N PHE A 28 1.96 4.69 -0.85
CA PHE A 28 3.37 5.04 -1.06
C PHE A 28 4.05 4.03 -1.97
N ALA A 29 4.06 2.77 -1.55
CA ALA A 29 4.69 1.70 -2.33
C ALA A 29 4.09 1.64 -3.73
N LYS A 30 2.85 2.10 -3.87
CA LYS A 30 2.17 2.10 -5.16
C LYS A 30 2.59 3.30 -6.00
N LYS A 31 2.41 4.50 -5.45
CA LYS A 31 2.77 5.72 -6.15
C LYS A 31 4.26 5.73 -6.51
N TYR A 32 5.07 5.14 -5.64
CA TYR A 32 6.51 5.07 -5.86
C TYR A 32 6.90 3.73 -6.47
N ARG A 33 5.91 2.94 -6.87
CA ARG A 33 6.15 1.64 -7.46
C ARG A 33 6.93 1.78 -8.77
N VAL A 34 6.29 2.35 -9.78
CA VAL A 34 6.91 2.54 -11.08
C VAL A 34 8.13 3.45 -10.97
N GLU A 35 8.05 4.43 -10.08
CA GLU A 35 9.16 5.36 -9.89
C GLU A 35 10.47 4.62 -9.64
N TYR A 36 10.37 3.50 -8.94
CA TYR A 36 11.55 2.69 -8.63
C TYR A 36 11.73 1.57 -9.65
N THR A 37 10.63 1.17 -10.28
CA THR A 37 10.67 0.11 -11.28
C THR A 37 11.48 0.53 -12.49
N GLN A 38 11.46 1.82 -12.81
CA GLN A 38 12.19 2.35 -13.95
C GLN A 38 13.55 2.90 -13.51
N MET A 39 13.63 3.31 -12.25
CA MET A 39 14.87 3.86 -11.71
C MET A 39 15.85 2.75 -11.34
N TYR A 40 15.30 1.57 -11.03
CA TYR A 40 16.13 0.43 -10.66
C TYR A 40 15.69 -0.82 -11.41
N PRO A 41 15.94 -0.82 -12.74
CA PRO A 41 15.59 -1.95 -13.60
C PRO A 41 16.45 -3.18 -13.33
N GLY A 42 17.72 -2.96 -13.05
CA GLY A 42 18.63 -4.07 -12.78
C GLY A 42 18.23 -4.84 -11.53
N LYS A 43 17.51 -4.18 -10.63
CA LYS A 43 17.07 -4.82 -9.40
C LYS A 43 15.77 -5.58 -9.61
N ASP A 44 15.46 -6.49 -8.68
CA ASP A 44 14.26 -7.29 -8.76
C ASP A 44 13.10 -6.61 -8.03
N ASN A 45 11.88 -7.02 -8.36
CA ASN A 45 10.68 -6.45 -7.73
C ASN A 45 10.80 -6.49 -6.21
N ARG A 46 11.28 -7.62 -5.69
CA ARG A 46 11.44 -7.78 -4.24
C ARG A 46 12.31 -6.66 -3.67
N ALA A 47 13.40 -6.34 -4.35
CA ALA A 47 14.30 -5.29 -3.90
C ALA A 47 13.59 -3.94 -3.86
N ILE A 48 12.80 -3.66 -4.88
CA ILE A 48 12.07 -2.40 -4.97
C ILE A 48 11.16 -2.21 -3.75
N SER A 49 10.43 -3.27 -3.41
CA SER A 49 9.52 -3.22 -2.27
C SER A 49 10.27 -2.93 -0.98
N VAL A 50 11.42 -3.59 -0.82
CA VAL A 50 12.24 -3.39 0.38
C VAL A 50 12.78 -1.97 0.46
N ILE A 51 13.45 -1.54 -0.61
CA ILE A 51 14.02 -0.20 -0.66
C ILE A 51 12.94 0.86 -0.43
N LEU A 52 11.71 0.53 -0.79
CA LEU A 52 10.59 1.44 -0.62
C LEU A 52 10.28 1.67 0.86
N GLY A 53 10.21 0.56 1.61
CA GLY A 53 9.92 0.66 3.03
C GLY A 53 10.86 1.61 3.75
N ASP A 54 12.15 1.44 3.52
CA ASP A 54 13.16 2.29 4.15
C ASP A 54 12.84 3.77 3.94
N ARG A 55 12.47 4.10 2.71
CA ARG A 55 12.14 5.49 2.36
C ARG A 55 10.97 5.99 3.20
N TRP A 56 10.04 5.09 3.51
CA TRP A 56 8.87 5.45 4.31
C TRP A 56 9.26 5.73 5.75
N LYS A 57 10.37 5.14 6.18
CA LYS A 57 10.86 5.34 7.55
C LYS A 57 11.74 6.58 7.64
N LYS A 58 12.42 6.90 6.54
CA LYS A 58 13.30 8.05 6.49
C LYS A 58 12.50 9.34 6.27
N MET A 59 11.35 9.21 5.62
CA MET A 59 10.50 10.36 5.34
C MET A 59 10.05 11.03 6.65
N LYS A 60 9.40 12.18 6.52
CA LYS A 60 8.91 12.91 7.68
C LYS A 60 7.43 12.64 7.92
N ASN A 61 6.88 13.22 8.98
CA ASN A 61 5.48 13.05 9.32
C ASN A 61 4.58 13.52 8.18
N GLU A 62 4.74 14.79 7.79
CA GLU A 62 3.95 15.36 6.71
C GLU A 62 4.18 14.60 5.41
N GLU A 63 5.42 14.19 5.17
CA GLU A 63 5.77 13.47 3.96
C GLU A 63 4.92 12.20 3.82
N ARG A 64 4.44 11.70 4.95
CA ARG A 64 3.61 10.49 4.96
C ARG A 64 2.13 10.85 5.15
N ARG A 65 1.89 11.99 5.79
CA ARG A 65 0.52 12.43 6.04
C ARG A 65 -0.30 12.43 4.75
N MET A 66 0.33 12.83 3.65
CA MET A 66 -0.35 12.87 2.37
C MET A 66 -1.02 11.53 2.05
N TYR A 67 -0.39 10.45 2.51
CA TYR A 67 -0.93 9.11 2.28
C TYR A 67 -1.75 8.64 3.49
N THR A 68 -1.38 9.12 4.66
CA THR A 68 -2.07 8.76 5.89
C THR A 68 -3.54 9.16 5.84
N LEU A 69 -3.79 10.47 5.77
CA LEU A 69 -5.15 10.99 5.70
C LEU A 69 -5.86 10.52 4.43
N GLU A 70 -5.15 10.58 3.32
CA GLU A 70 -5.71 10.17 2.03
C GLU A 70 -6.29 8.76 2.13
N ALA A 71 -5.47 7.82 2.56
CA ALA A 71 -5.90 6.43 2.71
C ALA A 71 -6.95 6.29 3.80
N LYS A 72 -6.88 7.16 4.79
CA LYS A 72 -7.82 7.14 5.91
C LYS A 72 -9.23 7.50 5.44
N ALA A 73 -9.36 8.66 4.81
CA ALA A 73 -10.65 9.11 4.30
C ALA A 73 -11.26 8.08 3.35
N LEU A 74 -10.42 7.46 2.54
CA LEU A 74 -10.87 6.46 1.58
C LEU A 74 -11.24 5.16 2.29
N ALA A 75 -10.46 4.80 3.31
CA ALA A 75 -10.71 3.59 4.07
C ALA A 75 -11.95 3.72 4.93
N GLU A 76 -12.29 4.96 5.28
CA GLU A 76 -13.47 5.22 6.11
C GLU A 76 -14.71 5.42 5.25
N GLU A 77 -14.50 5.81 4.00
CA GLU A 77 -15.60 6.03 3.08
C GLU A 77 -15.92 4.77 2.28
N GLN A 78 -14.91 3.91 2.12
CA GLN A 78 -15.08 2.65 1.39
C GLN A 78 -15.72 1.59 2.28
N LYS A 79 -15.38 1.60 3.56
CA LYS A 79 -15.91 0.64 4.51
C LYS A 79 -17.43 0.75 4.60
N ARG A 80 -17.96 1.93 4.29
CA ARG A 80 -19.39 2.17 4.33
C ARG A 80 -20.08 1.57 3.09
N LEU A 81 -19.47 1.79 1.93
CA LEU A 81 -20.01 1.29 0.67
C LEU A 81 -19.96 -0.24 0.63
N ASN A 82 -18.99 -0.81 1.35
CA ASN A 82 -18.83 -2.26 1.39
C ASN A 82 -18.97 -2.77 2.82
N PRO A 83 -20.21 -2.78 3.34
CA PRO A 83 -20.51 -3.25 4.70
C PRO A 83 -20.34 -4.76 4.83
N ASP A 84 -20.75 -5.49 3.81
CA ASP A 84 -20.65 -6.95 3.82
C ASP A 84 -19.34 -7.40 3.17
N CYS A 85 -18.22 -7.10 3.84
CA CYS A 85 -16.91 -7.47 3.33
C CYS A 85 -16.60 -8.93 3.66
N TRP A 86 -17.21 -9.43 4.72
CA TRP A 86 -16.99 -10.82 5.14
C TRP A 86 -18.26 -11.64 4.96
N LYS A 87 -18.84 -11.60 3.77
CA LYS A 87 -20.05 -12.34 3.47
C LYS A 87 -19.90 -13.81 3.83
N GLY A 1 11.14 -27.85 -3.20
CA GLY A 1 11.68 -27.59 -4.52
C GLY A 1 12.10 -26.14 -4.70
N SER A 2 13.32 -25.82 -4.30
CA SER A 2 13.84 -24.46 -4.42
C SER A 2 13.96 -24.06 -5.88
N SER A 3 13.11 -23.14 -6.31
CA SER A 3 13.12 -22.66 -7.69
C SER A 3 13.29 -21.15 -7.75
N GLY A 4 13.81 -20.65 -8.87
CA GLY A 4 14.01 -19.23 -9.03
C GLY A 4 15.10 -18.69 -8.12
N SER A 5 15.37 -17.39 -8.22
CA SER A 5 16.39 -16.76 -7.40
C SER A 5 16.00 -16.76 -5.93
N SER A 6 16.55 -17.70 -5.17
CA SER A 6 16.25 -17.81 -3.75
C SER A 6 14.74 -17.98 -3.52
N GLY A 7 14.08 -18.62 -4.47
CA GLY A 7 12.65 -18.84 -4.36
C GLY A 7 11.85 -18.04 -5.38
N GLY A 8 10.64 -18.48 -5.65
CA GLY A 8 9.80 -17.79 -6.62
C GLY A 8 8.71 -18.68 -7.18
N THR A 9 7.47 -18.23 -7.08
CA THR A 9 6.34 -19.00 -7.59
C THR A 9 6.10 -18.72 -9.08
N VAL A 10 6.38 -19.72 -9.91
CA VAL A 10 6.20 -19.58 -11.35
C VAL A 10 4.73 -19.74 -11.74
N SER A 11 3.96 -18.67 -11.61
CA SER A 11 2.55 -18.69 -11.95
C SER A 11 1.83 -19.80 -11.18
N ALA A 12 2.37 -20.15 -10.02
CA ALA A 12 1.77 -21.20 -9.20
C ALA A 12 0.59 -20.66 -8.40
N THR A 13 0.85 -19.70 -7.53
CA THR A 13 -0.20 -19.10 -6.70
C THR A 13 -1.20 -18.33 -7.56
N SER A 14 -2.45 -18.76 -7.53
CA SER A 14 -3.50 -18.12 -8.31
C SER A 14 -3.81 -16.73 -7.76
N PRO A 15 -4.44 -15.89 -8.59
CA PRO A 15 -4.80 -14.52 -8.22
C PRO A 15 -5.92 -14.49 -7.17
N ASN A 16 -6.16 -13.31 -6.61
CA ASN A 16 -7.21 -13.14 -5.60
C ASN A 16 -7.91 -11.80 -5.77
N LYS A 17 -9.07 -11.68 -5.14
CA LYS A 17 -9.86 -10.45 -5.22
C LYS A 17 -9.11 -9.28 -4.59
N CYS A 18 -9.44 -8.07 -5.02
CA CYS A 18 -8.80 -6.87 -4.50
C CYS A 18 -9.80 -6.02 -3.71
N LYS A 19 -10.20 -6.52 -2.54
CA LYS A 19 -11.15 -5.81 -1.69
C LYS A 19 -10.56 -5.59 -0.30
N ARG A 20 -9.36 -5.03 -0.25
CA ARG A 20 -8.69 -4.76 1.02
C ARG A 20 -8.31 -3.28 1.13
N PRO A 21 -8.13 -2.81 2.37
CA PRO A 21 -7.76 -1.41 2.64
C PRO A 21 -6.34 -1.10 2.21
N MET A 22 -6.10 0.17 1.86
CA MET A 22 -4.78 0.60 1.43
C MET A 22 -4.13 1.50 2.49
N ASN A 23 -3.39 0.89 3.40
CA ASN A 23 -2.72 1.63 4.46
C ASN A 23 -1.84 2.74 3.89
N ALA A 24 -1.32 3.59 4.76
CA ALA A 24 -0.46 4.69 4.33
C ALA A 24 0.69 4.19 3.47
N PHE A 25 1.44 3.23 4.00
CA PHE A 25 2.57 2.66 3.28
C PHE A 25 2.15 2.18 1.90
N MET A 26 1.03 1.47 1.83
CA MET A 26 0.53 0.95 0.57
C MET A 26 0.43 2.06 -0.47
N LEU A 27 -0.13 3.20 -0.07
CA LEU A 27 -0.28 4.34 -0.98
C LEU A 27 1.08 4.88 -1.40
N PHE A 28 2.08 4.71 -0.54
CA PHE A 28 3.43 5.17 -0.83
C PHE A 28 4.13 4.25 -1.83
N ALA A 29 4.29 2.99 -1.43
CA ALA A 29 4.94 2.00 -2.29
C ALA A 29 4.25 1.90 -3.64
N LYS A 30 2.96 2.26 -3.67
CA LYS A 30 2.18 2.21 -4.89
C LYS A 30 2.55 3.35 -5.82
N LYS A 31 2.43 4.58 -5.32
CA LYS A 31 2.76 5.77 -6.11
C LYS A 31 4.19 5.70 -6.62
N TYR A 32 5.04 4.98 -5.90
CA TYR A 32 6.44 4.83 -6.28
C TYR A 32 6.72 3.42 -6.80
N ARG A 33 5.65 2.65 -7.01
CA ARG A 33 5.78 1.29 -7.51
C ARG A 33 6.46 1.27 -8.88
N VAL A 34 5.79 1.84 -9.87
CA VAL A 34 6.33 1.90 -11.23
C VAL A 34 7.53 2.82 -11.30
N GLU A 35 7.53 3.87 -10.48
CA GLU A 35 8.64 4.82 -10.45
C GLU A 35 9.96 4.11 -10.17
N TYR A 36 9.89 2.98 -9.47
CA TYR A 36 11.07 2.22 -9.12
C TYR A 36 11.35 1.14 -10.17
N THR A 37 10.29 0.65 -10.80
CA THR A 37 10.42 -0.37 -11.82
C THR A 37 11.24 0.12 -13.00
N GLN A 38 11.08 1.40 -13.35
CA GLN A 38 11.82 1.99 -14.45
C GLN A 38 13.15 2.54 -13.98
N MET A 39 13.22 2.93 -12.72
CA MET A 39 14.44 3.48 -12.14
C MET A 39 15.47 2.37 -11.89
N TYR A 40 14.98 1.20 -11.52
CA TYR A 40 15.85 0.07 -11.24
C TYR A 40 15.35 -1.19 -11.96
N PRO A 41 15.50 -1.20 -13.30
CA PRO A 41 15.08 -2.33 -14.13
C PRO A 41 15.95 -3.56 -13.93
N GLY A 42 17.13 -3.35 -13.34
CA GLY A 42 18.05 -4.45 -13.10
C GLY A 42 17.78 -5.14 -11.77
N LYS A 43 17.11 -4.44 -10.87
CA LYS A 43 16.80 -4.99 -9.55
C LYS A 43 15.47 -5.75 -9.58
N ASP A 44 15.33 -6.71 -8.67
CA ASP A 44 14.11 -7.50 -8.59
C ASP A 44 13.06 -6.82 -7.71
N ASN A 45 11.80 -7.21 -7.88
CA ASN A 45 10.72 -6.62 -7.10
C ASN A 45 11.02 -6.70 -5.61
N ARG A 46 11.70 -7.77 -5.20
CA ARG A 46 12.06 -7.96 -3.80
C ARG A 46 12.92 -6.80 -3.29
N ALA A 47 13.77 -6.27 -4.17
CA ALA A 47 14.64 -5.17 -3.82
C ALA A 47 13.91 -3.83 -3.88
N ILE A 48 13.03 -3.70 -4.88
CA ILE A 48 12.26 -2.47 -5.04
C ILE A 48 11.56 -2.09 -3.76
N SER A 49 10.84 -3.04 -3.17
CA SER A 49 10.11 -2.79 -1.93
C SER A 49 11.06 -2.40 -0.81
N VAL A 50 12.16 -3.14 -0.68
CA VAL A 50 13.15 -2.87 0.35
C VAL A 50 13.65 -1.43 0.27
N ILE A 51 13.94 -0.98 -0.95
CA ILE A 51 14.42 0.39 -1.16
C ILE A 51 13.31 1.41 -0.93
N LEU A 52 12.07 0.98 -1.15
CA LEU A 52 10.92 1.86 -0.96
C LEU A 52 10.67 2.10 0.51
N GLY A 53 10.64 1.03 1.29
CA GLY A 53 10.41 1.14 2.72
C GLY A 53 11.39 2.07 3.40
N ASP A 54 12.66 1.98 3.00
CA ASP A 54 13.69 2.83 3.57
C ASP A 54 13.31 4.30 3.48
N ARG A 55 12.94 4.75 2.29
CA ARG A 55 12.55 6.13 2.08
C ARG A 55 11.43 6.53 3.03
N TRP A 56 10.48 5.63 3.23
CA TRP A 56 9.35 5.89 4.12
C TRP A 56 9.82 6.13 5.55
N LYS A 57 10.97 5.57 5.89
CA LYS A 57 11.54 5.72 7.22
C LYS A 57 12.24 7.07 7.36
N LYS A 58 12.87 7.52 6.28
CA LYS A 58 13.57 8.80 6.28
C LYS A 58 12.60 9.97 6.32
N MET A 59 11.45 9.78 5.67
CA MET A 59 10.42 10.82 5.63
C MET A 59 10.08 11.30 7.04
N LYS A 60 9.39 12.44 7.12
CA LYS A 60 9.00 13.00 8.41
C LYS A 60 7.55 12.64 8.74
N ASN A 61 7.05 13.22 9.83
CA ASN A 61 5.67 12.96 10.25
C ASN A 61 4.67 13.51 9.23
N GLU A 62 4.81 14.79 8.91
CA GLU A 62 3.92 15.44 7.95
C GLU A 62 4.06 14.79 6.57
N GLU A 63 5.28 14.40 6.23
CA GLU A 63 5.54 13.77 4.94
C GLU A 63 4.69 12.51 4.76
N ARG A 64 4.27 11.93 5.88
CA ARG A 64 3.46 10.72 5.85
C ARG A 64 1.97 11.06 5.94
N ARG A 65 1.67 12.21 6.53
CA ARG A 65 0.29 12.65 6.68
C ARG A 65 -0.44 12.62 5.33
N MET A 66 0.26 13.01 4.27
CA MET A 66 -0.32 13.02 2.93
C MET A 66 -0.95 11.67 2.61
N TYR A 67 -0.38 10.61 3.14
CA TYR A 67 -0.89 9.26 2.90
C TYR A 67 -1.81 8.82 4.04
N THR A 68 -1.47 9.20 5.26
CA THR A 68 -2.27 8.85 6.42
C THR A 68 -3.72 9.28 6.25
N LEU A 69 -3.93 10.59 6.10
CA LEU A 69 -5.28 11.12 5.92
C LEU A 69 -5.92 10.58 4.65
N GLU A 70 -5.17 10.62 3.55
CA GLU A 70 -5.66 10.13 2.27
C GLU A 70 -6.22 8.71 2.41
N ALA A 71 -5.35 7.78 2.78
CA ALA A 71 -5.75 6.39 2.95
C ALA A 71 -6.93 6.27 3.90
N LYS A 72 -6.97 7.13 4.91
CA LYS A 72 -8.05 7.12 5.89
C LYS A 72 -9.42 7.22 5.19
N ALA A 73 -9.57 8.26 4.37
CA ALA A 73 -10.82 8.47 3.64
C ALA A 73 -11.20 7.23 2.82
N LEU A 74 -10.20 6.59 2.23
CA LEU A 74 -10.43 5.40 1.43
C LEU A 74 -10.95 4.26 2.29
N ALA A 75 -10.36 4.10 3.47
CA ALA A 75 -10.77 3.04 4.39
C ALA A 75 -12.23 3.20 4.79
N GLU A 76 -12.62 4.41 5.15
CA GLU A 76 -13.99 4.69 5.56
C GLU A 76 -14.94 4.62 4.37
N GLU A 77 -14.55 5.27 3.28
CA GLU A 77 -15.37 5.28 2.06
C GLU A 77 -15.73 3.86 1.64
N GLN A 78 -14.75 2.96 1.73
CA GLN A 78 -14.97 1.57 1.35
C GLN A 78 -16.16 0.97 2.10
N LYS A 79 -16.26 1.29 3.39
CA LYS A 79 -17.36 0.79 4.21
C LYS A 79 -18.70 1.37 3.74
N ARG A 80 -18.66 2.58 3.21
CA ARG A 80 -19.87 3.24 2.72
C ARG A 80 -20.41 2.53 1.49
N LEU A 81 -19.51 2.11 0.61
CA LEU A 81 -19.89 1.41 -0.62
C LEU A 81 -20.32 -0.02 -0.32
N ASN A 82 -19.72 -0.61 0.71
CA ASN A 82 -20.04 -1.98 1.10
C ASN A 82 -20.61 -2.03 2.51
N PRO A 83 -21.85 -1.53 2.67
CA PRO A 83 -22.53 -1.51 3.97
C PRO A 83 -22.92 -2.90 4.45
N ASP A 84 -23.11 -3.81 3.50
CA ASP A 84 -23.48 -5.19 3.84
C ASP A 84 -22.48 -5.80 4.82
N CYS A 85 -21.21 -5.43 4.67
CA CYS A 85 -20.16 -5.95 5.54
C CYS A 85 -19.36 -4.80 6.16
N TRP A 86 -18.41 -5.15 7.01
CA TRP A 86 -17.56 -4.17 7.67
C TRP A 86 -16.14 -4.21 7.13
N LYS A 87 -16.02 -4.32 5.81
CA LYS A 87 -14.71 -4.39 5.17
C LYS A 87 -14.65 -3.45 3.97
N GLY A 1 22.92 -6.54 -6.74
CA GLY A 1 24.06 -6.46 -7.65
C GLY A 1 24.37 -7.79 -8.30
N SER A 2 23.35 -8.62 -8.48
CA SER A 2 23.52 -9.92 -9.10
C SER A 2 23.48 -9.82 -10.62
N SER A 3 24.15 -10.73 -11.30
CA SER A 3 24.20 -10.74 -12.75
C SER A 3 23.48 -11.96 -13.31
N GLY A 4 23.10 -11.89 -14.59
CA GLY A 4 22.41 -13.00 -15.22
C GLY A 4 20.96 -12.69 -15.52
N SER A 5 20.23 -12.27 -14.49
CA SER A 5 18.82 -11.94 -14.64
C SER A 5 18.64 -10.52 -15.17
N SER A 6 17.97 -10.39 -16.31
CA SER A 6 17.74 -9.09 -16.92
C SER A 6 16.43 -9.09 -17.70
N GLY A 7 15.48 -8.26 -17.27
CA GLY A 7 14.20 -8.19 -17.94
C GLY A 7 13.07 -8.78 -17.12
N GLY A 8 12.21 -7.91 -16.59
CA GLY A 8 11.09 -8.37 -15.79
C GLY A 8 9.96 -8.92 -16.63
N THR A 9 9.30 -9.96 -16.13
CA THR A 9 8.19 -10.57 -16.85
C THR A 9 7.20 -11.21 -15.88
N VAL A 10 5.92 -10.92 -16.07
CA VAL A 10 4.88 -11.47 -15.21
C VAL A 10 5.17 -11.19 -13.74
N SER A 11 4.99 -9.93 -13.33
CA SER A 11 5.23 -9.53 -11.96
C SER A 11 4.04 -8.76 -11.40
N ALA A 12 3.49 -7.85 -12.21
CA ALA A 12 2.34 -7.05 -11.80
C ALA A 12 1.06 -7.87 -11.82
N THR A 13 0.18 -7.61 -10.87
CA THR A 13 -1.10 -8.32 -10.79
C THR A 13 -2.23 -7.36 -10.44
N SER A 14 -3.44 -7.92 -10.31
CA SER A 14 -4.61 -7.12 -9.97
C SER A 14 -5.23 -7.60 -8.66
N PRO A 15 -6.05 -6.73 -8.05
CA PRO A 15 -6.73 -7.04 -6.79
C PRO A 15 -7.81 -8.09 -6.95
N ASN A 16 -7.41 -9.35 -7.00
CA ASN A 16 -8.36 -10.46 -7.16
C ASN A 16 -8.59 -11.17 -5.83
N LYS A 17 -7.55 -11.21 -5.00
CA LYS A 17 -7.64 -11.86 -3.69
C LYS A 17 -7.22 -10.90 -2.58
N CYS A 18 -7.99 -9.84 -2.40
CA CYS A 18 -7.70 -8.84 -1.37
C CYS A 18 -8.98 -8.26 -0.80
N LYS A 19 -9.13 -8.35 0.53
CA LYS A 19 -10.31 -7.83 1.20
C LYS A 19 -9.92 -6.96 2.38
N ARG A 20 -9.48 -5.73 2.10
CA ARG A 20 -9.07 -4.81 3.14
C ARG A 20 -8.65 -3.47 2.54
N PRO A 21 -8.70 -2.41 3.37
CA PRO A 21 -8.32 -1.06 2.94
C PRO A 21 -6.82 -0.93 2.70
N MET A 22 -6.45 -0.12 1.71
CA MET A 22 -5.05 0.09 1.38
C MET A 22 -4.38 1.00 2.41
N ASN A 23 -3.61 0.41 3.31
CA ASN A 23 -2.92 1.17 4.34
C ASN A 23 -2.11 2.31 3.73
N ALA A 24 -1.58 3.19 4.59
CA ALA A 24 -0.78 4.31 4.13
C ALA A 24 0.41 3.84 3.29
N PHE A 25 1.18 2.92 3.85
CA PHE A 25 2.35 2.39 3.15
C PHE A 25 1.98 1.88 1.77
N MET A 26 0.85 1.18 1.68
CA MET A 26 0.38 0.64 0.41
C MET A 26 0.34 1.73 -0.66
N LEU A 27 -0.18 2.90 -0.28
CA LEU A 27 -0.27 4.02 -1.21
C LEU A 27 1.10 4.53 -1.61
N PHE A 28 2.07 4.38 -0.70
CA PHE A 28 3.43 4.82 -0.95
C PHE A 28 4.16 3.84 -1.88
N ALA A 29 4.28 2.60 -1.43
CA ALA A 29 4.95 1.56 -2.20
C ALA A 29 4.34 1.44 -3.60
N LYS A 30 3.06 1.80 -3.71
CA LYS A 30 2.35 1.74 -4.98
C LYS A 30 2.65 2.97 -5.83
N LYS A 31 2.39 4.15 -5.27
CA LYS A 31 2.62 5.40 -5.97
C LYS A 31 4.08 5.53 -6.39
N TYR A 32 4.97 4.96 -5.58
CA TYR A 32 6.40 5.01 -5.87
C TYR A 32 6.87 3.73 -6.56
N ARG A 33 5.91 2.90 -6.94
CA ARG A 33 6.21 1.65 -7.62
C ARG A 33 6.81 1.90 -9.00
N VAL A 34 5.97 2.37 -9.92
CA VAL A 34 6.41 2.66 -11.28
C VAL A 34 7.59 3.63 -11.28
N GLU A 35 7.62 4.50 -10.28
CA GLU A 35 8.70 5.49 -10.17
C GLU A 35 10.04 4.80 -9.91
N TYR A 36 9.99 3.68 -9.20
CA TYR A 36 11.20 2.93 -8.88
C TYR A 36 11.46 1.83 -9.92
N THR A 37 10.38 1.38 -10.56
CA THR A 37 10.48 0.32 -11.57
C THR A 37 11.35 0.78 -12.75
N GLN A 38 11.32 2.07 -13.02
CA GLN A 38 12.10 2.63 -14.12
C GLN A 38 13.39 3.27 -13.62
N MET A 39 13.37 3.74 -12.37
CA MET A 39 14.54 4.36 -11.77
C MET A 39 15.58 3.31 -11.40
N TYR A 40 15.12 2.13 -10.99
CA TYR A 40 16.01 1.05 -10.61
C TYR A 40 15.71 -0.22 -11.40
N PRO A 41 16.01 -0.18 -12.71
CA PRO A 41 15.78 -1.31 -13.61
C PRO A 41 16.72 -2.48 -13.32
N GLY A 42 16.28 -3.69 -13.67
CA GLY A 42 17.09 -4.86 -13.44
C GLY A 42 16.84 -5.49 -12.08
N LYS A 43 16.82 -4.65 -11.04
CA LYS A 43 16.60 -5.12 -9.69
C LYS A 43 15.30 -5.92 -9.59
N ASP A 44 15.24 -6.84 -8.64
CA ASP A 44 14.05 -7.66 -8.44
C ASP A 44 13.03 -6.94 -7.56
N ASN A 45 11.77 -7.36 -7.67
CA ASN A 45 10.71 -6.76 -6.87
C ASN A 45 11.06 -6.75 -5.39
N ARG A 46 11.60 -7.85 -4.91
CA ARG A 46 11.98 -7.97 -3.51
C ARG A 46 12.92 -6.84 -3.11
N ALA A 47 13.67 -6.32 -4.08
CA ALA A 47 14.60 -5.23 -3.82
C ALA A 47 13.88 -3.88 -3.82
N ILE A 48 12.99 -3.69 -4.79
CA ILE A 48 12.24 -2.44 -4.90
C ILE A 48 11.47 -2.16 -3.61
N SER A 49 11.13 -3.22 -2.87
CA SER A 49 10.39 -3.08 -1.63
C SER A 49 11.31 -2.65 -0.49
N VAL A 50 12.44 -3.35 -0.35
CA VAL A 50 13.41 -3.04 0.69
C VAL A 50 13.86 -1.59 0.61
N ILE A 51 14.03 -1.10 -0.62
CA ILE A 51 14.46 0.27 -0.84
C ILE A 51 13.31 1.25 -0.59
N LEU A 52 12.10 0.84 -0.91
CA LEU A 52 10.92 1.67 -0.73
C LEU A 52 10.64 1.90 0.76
N GLY A 53 10.66 0.82 1.53
CA GLY A 53 10.41 0.92 2.95
C GLY A 53 11.31 1.94 3.62
N ASP A 54 12.62 1.85 3.36
CA ASP A 54 13.58 2.77 3.95
C ASP A 54 13.16 4.22 3.71
N ARG A 55 12.73 4.51 2.49
CA ARG A 55 12.31 5.86 2.13
C ARG A 55 11.14 6.31 3.00
N TRP A 56 10.29 5.36 3.37
CA TRP A 56 9.13 5.66 4.20
C TRP A 56 9.54 6.00 5.62
N LYS A 57 10.71 5.50 6.03
CA LYS A 57 11.22 5.75 7.36
C LYS A 57 12.08 7.02 7.39
N LYS A 58 12.73 7.30 6.27
CA LYS A 58 13.58 8.48 6.17
C LYS A 58 12.73 9.75 6.00
N MET A 59 11.54 9.58 5.45
CA MET A 59 10.63 10.70 5.24
C MET A 59 10.25 11.34 6.57
N LYS A 60 9.43 12.40 6.50
CA LYS A 60 8.98 13.10 7.69
C LYS A 60 7.55 12.72 8.05
N ASN A 61 6.97 13.45 8.99
CA ASN A 61 5.59 13.19 9.43
C ASN A 61 4.60 13.64 8.35
N GLU A 62 4.79 14.86 7.85
CA GLU A 62 3.91 15.40 6.82
C GLU A 62 4.10 14.67 5.50
N GLU A 63 5.34 14.29 5.21
CA GLU A 63 5.66 13.59 3.97
C GLU A 63 4.85 12.30 3.86
N ARG A 64 4.46 11.75 5.01
CA ARG A 64 3.68 10.51 5.03
C ARG A 64 2.20 10.81 5.22
N ARG A 65 1.90 11.96 5.85
CA ARG A 65 0.53 12.36 6.10
C ARG A 65 -0.30 12.31 4.82
N MET A 66 0.31 12.71 3.72
CA MET A 66 -0.37 12.70 2.42
C MET A 66 -0.99 11.34 2.13
N TYR A 67 -0.35 10.28 2.62
CA TYR A 67 -0.84 8.92 2.42
C TYR A 67 -1.66 8.46 3.61
N THR A 68 -1.30 8.95 4.80
CA THR A 68 -2.00 8.58 6.03
C THR A 68 -3.47 8.95 5.94
N LEU A 69 -3.75 10.24 5.85
CA LEU A 69 -5.13 10.72 5.77
C LEU A 69 -5.81 10.21 4.51
N GLU A 70 -5.09 10.25 3.39
CA GLU A 70 -5.62 9.78 2.12
C GLU A 70 -6.17 8.37 2.24
N ALA A 71 -5.31 7.43 2.62
CA ALA A 71 -5.71 6.04 2.79
C ALA A 71 -6.79 5.90 3.84
N LYS A 72 -6.76 6.78 4.84
CA LYS A 72 -7.75 6.76 5.92
C LYS A 72 -9.15 7.01 5.38
N ALA A 73 -9.34 8.16 4.74
CA ALA A 73 -10.63 8.52 4.17
C ALA A 73 -11.16 7.41 3.26
N LEU A 74 -10.26 6.81 2.49
CA LEU A 74 -10.63 5.74 1.57
C LEU A 74 -10.91 4.45 2.33
N ALA A 75 -10.29 4.31 3.49
CA ALA A 75 -10.47 3.12 4.32
C ALA A 75 -11.84 3.13 5.00
N GLU A 76 -12.40 4.32 5.20
CA GLU A 76 -13.70 4.46 5.83
C GLU A 76 -14.81 4.57 4.78
N GLU A 77 -14.57 5.39 3.77
CA GLU A 77 -15.55 5.58 2.70
C GLU A 77 -15.88 4.27 2.03
N GLN A 78 -14.86 3.49 1.71
CA GLN A 78 -15.04 2.19 1.06
C GLN A 78 -16.05 1.34 1.83
N LYS A 79 -16.12 1.54 3.14
CA LYS A 79 -17.03 0.79 3.99
C LYS A 79 -18.46 1.30 3.82
N ARG A 80 -18.60 2.61 3.70
CA ARG A 80 -19.92 3.23 3.54
C ARG A 80 -20.56 2.78 2.22
N LEU A 81 -19.74 2.49 1.24
CA LEU A 81 -20.22 2.06 -0.07
C LEU A 81 -20.76 0.62 0.00
N ASN A 82 -20.09 -0.21 0.79
CA ASN A 82 -20.50 -1.60 0.95
C ASN A 82 -20.86 -1.91 2.39
N PRO A 83 -21.99 -1.34 2.84
CA PRO A 83 -22.47 -1.53 4.23
C PRO A 83 -22.97 -2.96 4.46
N ASP A 84 -23.46 -3.60 3.41
CA ASP A 84 -23.96 -4.96 3.50
C ASP A 84 -25.17 -5.03 4.45
N CYS A 85 -25.88 -3.92 4.57
CA CYS A 85 -27.04 -3.85 5.44
C CYS A 85 -28.32 -4.17 4.67
N TRP A 86 -28.31 -3.90 3.38
CA TRP A 86 -29.46 -4.16 2.52
C TRP A 86 -29.37 -5.55 1.89
N LYS A 87 -29.38 -6.57 2.74
CA LYS A 87 -29.30 -7.95 2.25
C LYS A 87 -30.66 -8.43 1.74
N GLY A 1 28.55 -16.53 11.36
CA GLY A 1 29.22 -15.34 11.84
C GLY A 1 28.26 -14.35 12.48
N SER A 2 27.16 -14.87 13.04
CA SER A 2 26.17 -14.03 13.68
C SER A 2 26.73 -13.33 14.91
N SER A 3 27.00 -12.04 14.77
CA SER A 3 27.56 -11.25 15.88
C SER A 3 26.65 -10.07 16.21
N GLY A 4 25.61 -10.32 16.97
CA GLY A 4 24.68 -9.27 17.35
C GLY A 4 23.60 -9.76 18.30
N SER A 5 22.66 -8.88 18.63
CA SER A 5 21.57 -9.21 19.53
C SER A 5 20.41 -9.84 18.77
N SER A 6 20.69 -10.94 18.07
CA SER A 6 19.66 -11.62 17.29
C SER A 6 19.56 -13.09 17.71
N GLY A 7 18.54 -13.39 18.53
CA GLY A 7 18.35 -14.75 18.99
C GLY A 7 16.93 -15.24 18.81
N GLY A 8 16.52 -15.41 17.55
CA GLY A 8 15.16 -15.86 17.27
C GLY A 8 14.28 -14.74 16.73
N THR A 9 13.12 -15.12 16.21
CA THR A 9 12.19 -14.14 15.65
C THR A 9 11.48 -13.37 16.75
N VAL A 10 11.87 -12.11 16.93
CA VAL A 10 11.27 -11.26 17.96
C VAL A 10 9.92 -10.71 17.50
N SER A 11 9.79 -10.53 16.19
CA SER A 11 8.54 -10.01 15.63
C SER A 11 7.73 -11.13 14.99
N ALA A 12 6.57 -11.41 15.58
CA ALA A 12 5.69 -12.46 15.07
C ALA A 12 4.32 -11.90 14.70
N THR A 13 3.93 -12.10 13.45
CA THR A 13 2.65 -11.61 12.96
C THR A 13 1.80 -12.74 12.40
N SER A 14 0.48 -12.62 12.53
CA SER A 14 -0.43 -13.64 12.03
C SER A 14 -0.47 -13.63 10.51
N PRO A 15 -0.95 -14.74 9.93
CA PRO A 15 -1.05 -14.89 8.47
C PRO A 15 -2.14 -14.00 7.87
N ASN A 16 -2.09 -13.80 6.57
CA ASN A 16 -3.07 -12.97 5.87
C ASN A 16 -3.39 -13.54 4.49
N LYS A 17 -4.56 -14.14 4.35
CA LYS A 17 -4.97 -14.72 3.08
C LYS A 17 -6.13 -13.92 2.48
N CYS A 18 -7.08 -13.54 3.31
CA CYS A 18 -8.23 -12.77 2.85
C CYS A 18 -7.82 -11.35 2.46
N LYS A 19 -8.76 -10.60 1.91
CA LYS A 19 -8.50 -9.23 1.49
C LYS A 19 -8.10 -8.36 2.67
N ARG A 20 -7.82 -7.09 2.41
CA ARG A 20 -7.42 -6.15 3.45
C ARG A 20 -7.41 -4.72 2.92
N PRO A 21 -7.53 -3.75 3.84
CA PRO A 21 -7.53 -2.33 3.50
C PRO A 21 -6.17 -1.84 3.01
N MET A 22 -6.13 -0.62 2.49
CA MET A 22 -4.89 -0.05 2.00
C MET A 22 -4.33 0.96 2.99
N ASN A 23 -3.46 0.49 3.88
CA ASN A 23 -2.85 1.35 4.88
C ASN A 23 -2.08 2.49 4.23
N ALA A 24 -1.41 3.30 5.06
CA ALA A 24 -0.64 4.42 4.55
C ALA A 24 0.53 3.95 3.69
N PHE A 25 1.35 3.07 4.26
CA PHE A 25 2.51 2.54 3.54
C PHE A 25 2.10 1.99 2.18
N MET A 26 0.91 1.40 2.13
CA MET A 26 0.40 0.83 0.87
C MET A 26 0.30 1.90 -0.21
N LEU A 27 -0.25 3.05 0.14
CA LEU A 27 -0.40 4.16 -0.80
C LEU A 27 0.95 4.66 -1.26
N PHE A 28 1.97 4.50 -0.41
CA PHE A 28 3.32 4.94 -0.73
C PHE A 28 3.99 3.98 -1.70
N ALA A 29 4.14 2.72 -1.27
CA ALA A 29 4.77 1.71 -2.10
C ALA A 29 4.06 1.58 -3.45
N LYS A 30 2.78 1.95 -3.47
CA LYS A 30 1.98 1.87 -4.69
C LYS A 30 2.16 3.12 -5.53
N LYS A 31 2.39 4.25 -4.87
CA LYS A 31 2.58 5.53 -5.55
C LYS A 31 3.91 5.55 -6.28
N TYR A 32 4.99 5.27 -5.55
CA TYR A 32 6.33 5.26 -6.12
C TYR A 32 6.68 3.89 -6.68
N ARG A 33 5.69 3.01 -6.73
CA ARG A 33 5.89 1.65 -7.24
C ARG A 33 6.55 1.69 -8.62
N VAL A 34 5.84 2.25 -9.59
CA VAL A 34 6.36 2.35 -10.95
C VAL A 34 7.62 3.22 -11.00
N GLU A 35 7.67 4.24 -10.16
CA GLU A 35 8.80 5.14 -10.10
C GLU A 35 10.10 4.36 -9.95
N TYR A 36 10.04 3.25 -9.22
CA TYR A 36 11.21 2.42 -8.99
C TYR A 36 11.28 1.28 -10.01
N THR A 37 10.11 0.88 -10.51
CA THR A 37 10.04 -0.20 -11.48
C THR A 37 10.77 0.16 -12.77
N GLN A 38 10.78 1.46 -13.09
CA GLN A 38 11.45 1.94 -14.29
C GLN A 38 12.85 2.46 -13.97
N MET A 39 13.03 2.97 -12.75
CA MET A 39 14.31 3.49 -12.32
C MET A 39 15.29 2.36 -12.04
N TYR A 40 14.77 1.25 -11.54
CA TYR A 40 15.61 0.09 -11.23
C TYR A 40 15.08 -1.16 -11.92
N PRO A 41 15.22 -1.21 -13.25
CA PRO A 41 14.76 -2.35 -14.06
C PRO A 41 15.61 -3.60 -13.83
N GLY A 42 16.89 -3.39 -13.51
CA GLY A 42 17.78 -4.50 -13.27
C GLY A 42 17.53 -5.17 -11.94
N LYS A 43 16.98 -4.43 -10.99
CA LYS A 43 16.67 -4.96 -9.67
C LYS A 43 15.36 -5.72 -9.66
N ASP A 44 15.21 -6.64 -8.72
CA ASP A 44 14.00 -7.44 -8.61
C ASP A 44 12.96 -6.74 -7.74
N ASN A 45 11.70 -7.16 -7.87
CA ASN A 45 10.62 -6.56 -7.10
C ASN A 45 10.95 -6.54 -5.62
N ARG A 46 11.57 -7.62 -5.14
CA ARG A 46 11.94 -7.74 -3.75
C ARG A 46 12.80 -6.56 -3.31
N ALA A 47 13.72 -6.14 -4.18
CA ALA A 47 14.59 -5.01 -3.88
C ALA A 47 13.82 -3.70 -3.86
N ILE A 48 12.95 -3.52 -4.86
CA ILE A 48 12.15 -2.30 -4.95
C ILE A 48 11.37 -2.05 -3.67
N SER A 49 10.71 -3.09 -3.17
CA SER A 49 9.93 -2.98 -1.94
C SER A 49 10.81 -2.60 -0.76
N VAL A 50 11.96 -3.27 -0.66
CA VAL A 50 12.90 -3.00 0.42
C VAL A 50 13.40 -1.55 0.37
N ILE A 51 13.84 -1.12 -0.79
CA ILE A 51 14.34 0.23 -0.98
C ILE A 51 13.23 1.26 -0.75
N LEU A 52 11.99 0.84 -0.98
CA LEU A 52 10.84 1.72 -0.79
C LEU A 52 10.60 2.00 0.68
N GLY A 53 10.67 0.95 1.51
CA GLY A 53 10.46 1.11 2.93
C GLY A 53 11.40 2.14 3.54
N ASP A 54 12.68 2.03 3.23
CA ASP A 54 13.67 2.96 3.76
C ASP A 54 13.24 4.41 3.51
N ARG A 55 12.77 4.69 2.30
CA ARG A 55 12.34 6.03 1.93
C ARG A 55 11.21 6.50 2.85
N TRP A 56 10.35 5.58 3.25
CA TRP A 56 9.23 5.90 4.11
C TRP A 56 9.72 6.28 5.51
N LYS A 57 10.91 5.81 5.87
CA LYS A 57 11.49 6.10 7.17
C LYS A 57 12.27 7.41 7.14
N LYS A 58 12.87 7.70 5.99
CA LYS A 58 13.65 8.92 5.81
C LYS A 58 12.73 10.14 5.75
N MET A 59 11.55 9.96 5.17
CA MET A 59 10.58 11.04 5.05
C MET A 59 10.26 11.64 6.41
N LYS A 60 9.45 12.70 6.41
CA LYS A 60 9.06 13.36 7.65
C LYS A 60 7.66 12.94 8.09
N ASN A 61 7.23 13.45 9.24
CA ASN A 61 5.90 13.13 9.75
C ASN A 61 4.81 13.69 8.86
N GLU A 62 5.09 14.82 8.23
CA GLU A 62 4.12 15.45 7.33
C GLU A 62 4.15 14.80 5.95
N GLU A 63 5.34 14.44 5.51
CA GLU A 63 5.50 13.81 4.19
C GLU A 63 4.67 12.53 4.11
N ARG A 64 4.38 11.93 5.26
CA ARG A 64 3.59 10.71 5.31
C ARG A 64 2.11 11.01 5.53
N ARG A 65 1.84 12.18 6.11
CA ARG A 65 0.47 12.60 6.38
C ARG A 65 -0.39 12.49 5.12
N MET A 66 0.20 12.85 3.98
CA MET A 66 -0.51 12.81 2.70
C MET A 66 -1.13 11.43 2.49
N TYR A 67 -0.48 10.40 3.00
CA TYR A 67 -0.97 9.04 2.86
C TYR A 67 -1.79 8.62 4.09
N THR A 68 -1.35 9.09 5.26
CA THR A 68 -2.04 8.76 6.50
C THR A 68 -3.50 9.19 6.46
N LEU A 69 -3.73 10.45 6.12
CA LEU A 69 -5.09 10.98 6.04
C LEU A 69 -5.84 10.39 4.85
N GLU A 70 -5.14 10.27 3.72
CA GLU A 70 -5.74 9.72 2.51
C GLU A 70 -6.25 8.30 2.76
N ALA A 71 -5.34 7.41 3.13
CA ALA A 71 -5.71 6.02 3.40
C ALA A 71 -6.87 5.93 4.38
N LYS A 72 -6.89 6.84 5.34
CA LYS A 72 -7.96 6.87 6.34
C LYS A 72 -9.32 7.09 5.68
N ALA A 73 -9.45 8.20 4.96
CA ALA A 73 -10.70 8.53 4.28
C ALA A 73 -11.15 7.38 3.40
N LEU A 74 -10.20 6.73 2.73
CA LEU A 74 -10.50 5.61 1.85
C LEU A 74 -10.86 4.36 2.66
N ALA A 75 -10.34 4.29 3.88
CA ALA A 75 -10.61 3.16 4.75
C ALA A 75 -12.02 3.22 5.33
N GLU A 76 -12.56 4.43 5.42
CA GLU A 76 -13.91 4.63 5.95
C GLU A 76 -14.92 4.77 4.82
N GLU A 77 -14.50 5.41 3.73
CA GLU A 77 -15.38 5.62 2.59
C GLU A 77 -15.66 4.31 1.87
N GLN A 78 -14.62 3.49 1.71
CA GLN A 78 -14.77 2.20 1.04
C GLN A 78 -15.87 1.38 1.68
N LYS A 79 -16.05 1.53 2.99
CA LYS A 79 -17.08 0.80 3.72
C LYS A 79 -18.47 1.30 3.34
N ARG A 80 -18.56 2.58 2.99
CA ARG A 80 -19.83 3.19 2.62
C ARG A 80 -20.18 2.85 1.16
N LEU A 81 -19.16 2.66 0.34
CA LEU A 81 -19.35 2.34 -1.07
C LEU A 81 -19.59 0.85 -1.25
N ASN A 82 -19.03 0.05 -0.35
CA ASN A 82 -19.18 -1.40 -0.42
C ASN A 82 -19.87 -1.93 0.83
N PRO A 83 -21.17 -1.65 0.95
CA PRO A 83 -21.98 -2.09 2.11
C PRO A 83 -22.21 -3.60 2.10
N ASP A 84 -22.02 -4.22 0.95
CA ASP A 84 -22.21 -5.66 0.81
C ASP A 84 -20.94 -6.41 1.22
N CYS A 85 -20.49 -6.17 2.45
CA CYS A 85 -19.30 -6.82 2.96
C CYS A 85 -19.53 -7.37 4.37
N TRP A 86 -18.62 -8.22 4.83
CA TRP A 86 -18.73 -8.81 6.16
C TRP A 86 -20.06 -9.55 6.31
N LYS A 87 -20.35 -10.43 5.37
CA LYS A 87 -21.59 -11.20 5.39
C LYS A 87 -21.47 -12.37 6.37
N GLY A 1 26.02 -18.34 -21.84
CA GLY A 1 26.36 -19.63 -21.29
C GLY A 1 25.21 -20.24 -20.51
N SER A 2 24.75 -19.54 -19.49
CA SER A 2 23.65 -20.03 -18.65
C SER A 2 22.31 -19.56 -19.21
N SER A 3 21.39 -20.50 -19.39
CA SER A 3 20.07 -20.19 -19.92
C SER A 3 19.17 -21.41 -19.87
N GLY A 4 17.87 -21.20 -20.10
CA GLY A 4 16.92 -22.30 -20.09
C GLY A 4 15.54 -21.87 -20.52
N SER A 5 15.12 -20.68 -20.09
CA SER A 5 13.80 -20.15 -20.44
C SER A 5 13.82 -19.50 -21.82
N SER A 6 12.78 -19.75 -22.60
CA SER A 6 12.69 -19.19 -23.95
C SER A 6 11.30 -18.63 -24.20
N GLY A 7 10.90 -17.66 -23.40
CA GLY A 7 9.58 -17.06 -23.55
C GLY A 7 8.63 -17.47 -22.45
N GLY A 8 8.99 -17.16 -21.21
CA GLY A 8 8.14 -17.51 -20.09
C GLY A 8 8.61 -16.89 -18.79
N THR A 9 8.14 -15.68 -18.49
CA THR A 9 8.52 -14.98 -17.27
C THR A 9 7.39 -15.00 -16.25
N VAL A 10 6.16 -14.97 -16.74
CA VAL A 10 4.99 -14.98 -15.87
C VAL A 10 4.85 -16.33 -15.17
N SER A 11 4.57 -16.28 -13.86
CA SER A 11 4.41 -17.50 -13.07
C SER A 11 2.99 -17.61 -12.52
N ALA A 12 2.51 -16.52 -11.94
CA ALA A 12 1.16 -16.49 -11.38
C ALA A 12 0.29 -15.44 -12.07
N THR A 13 -0.91 -15.84 -12.47
CA THR A 13 -1.83 -14.94 -13.15
C THR A 13 -3.09 -14.73 -12.33
N SER A 14 -3.51 -13.47 -12.19
CA SER A 14 -4.70 -13.13 -11.42
C SER A 14 -5.04 -11.65 -11.56
N PRO A 15 -6.29 -11.29 -11.25
CA PRO A 15 -6.76 -9.91 -11.33
C PRO A 15 -6.15 -9.03 -10.24
N ASN A 16 -6.34 -7.72 -10.36
CA ASN A 16 -5.81 -6.78 -9.38
C ASN A 16 -6.53 -5.44 -9.48
N LYS A 17 -7.12 -5.01 -8.37
CA LYS A 17 -7.84 -3.74 -8.32
C LYS A 17 -7.82 -3.15 -6.91
N CYS A 18 -8.08 -1.86 -6.81
CA CYS A 18 -8.09 -1.18 -5.52
C CYS A 18 -9.18 -1.76 -4.61
N LYS A 19 -8.77 -2.69 -3.75
CA LYS A 19 -9.70 -3.33 -2.83
C LYS A 19 -9.15 -3.34 -1.41
N ARG A 20 -10.03 -3.50 -0.44
CA ARG A 20 -9.62 -3.52 0.97
C ARG A 20 -9.01 -2.19 1.38
N PRO A 21 -8.97 -1.93 2.70
CA PRO A 21 -8.41 -0.69 3.25
C PRO A 21 -6.90 -0.61 3.08
N MET A 22 -6.46 -0.03 1.97
CA MET A 22 -5.04 0.12 1.70
C MET A 22 -4.39 1.12 2.65
N ASN A 23 -3.59 0.61 3.58
CA ASN A 23 -2.91 1.48 4.55
C ASN A 23 -2.12 2.57 3.86
N ALA A 24 -1.57 3.50 4.64
CA ALA A 24 -0.79 4.60 4.10
C ALA A 24 0.40 4.07 3.29
N PHE A 25 1.06 3.05 3.82
CA PHE A 25 2.22 2.46 3.14
C PHE A 25 1.84 2.00 1.74
N MET A 26 0.70 1.34 1.61
CA MET A 26 0.23 0.85 0.32
C MET A 26 0.24 1.96 -0.72
N LEU A 27 -0.30 3.11 -0.34
CA LEU A 27 -0.36 4.26 -1.25
C LEU A 27 1.04 4.74 -1.61
N PHE A 28 1.99 4.52 -0.70
CA PHE A 28 3.37 4.94 -0.92
C PHE A 28 4.08 3.97 -1.86
N ALA A 29 4.17 2.71 -1.46
CA ALA A 29 4.82 1.68 -2.26
C ALA A 29 4.20 1.61 -3.66
N LYS A 30 2.94 2.01 -3.77
CA LYS A 30 2.23 2.00 -5.04
C LYS A 30 2.57 3.23 -5.86
N LYS A 31 2.38 4.41 -5.28
CA LYS A 31 2.67 5.67 -5.95
C LYS A 31 4.14 5.74 -6.36
N TYR A 32 5.01 5.19 -5.52
CA TYR A 32 6.44 5.20 -5.79
C TYR A 32 6.87 3.91 -6.48
N ARG A 33 5.89 3.11 -6.89
CA ARG A 33 6.17 1.85 -7.56
C ARG A 33 6.81 2.09 -8.92
N VAL A 34 6.04 2.65 -9.85
CA VAL A 34 6.53 2.94 -11.19
C VAL A 34 7.76 3.82 -11.14
N GLU A 35 7.86 4.64 -10.10
CA GLU A 35 8.99 5.54 -9.94
C GLU A 35 10.29 4.76 -9.76
N TYR A 36 10.19 3.62 -9.09
CA TYR A 36 11.35 2.76 -8.84
C TYR A 36 11.47 1.69 -9.91
N THR A 37 10.34 1.32 -10.50
CA THR A 37 10.32 0.29 -11.53
C THR A 37 11.12 0.73 -12.76
N GLN A 38 11.18 2.03 -12.98
CA GLN A 38 11.91 2.58 -14.12
C GLN A 38 13.29 3.06 -13.70
N MET A 39 13.43 3.42 -12.43
CA MET A 39 14.70 3.89 -11.91
C MET A 39 15.65 2.72 -11.64
N TYR A 40 15.10 1.61 -11.19
CA TYR A 40 15.90 0.41 -10.90
C TYR A 40 15.39 -0.79 -11.69
N PRO A 41 15.56 -0.75 -13.02
CA PRO A 41 15.14 -1.82 -13.91
C PRO A 41 15.96 -3.09 -13.75
N GLY A 42 17.13 -2.94 -13.11
CA GLY A 42 18.00 -4.08 -12.89
C GLY A 42 17.68 -4.82 -11.61
N LYS A 43 17.00 -4.14 -10.69
CA LYS A 43 16.63 -4.74 -9.41
C LYS A 43 15.33 -5.53 -9.54
N ASP A 44 15.14 -6.47 -8.63
CA ASP A 44 13.93 -7.30 -8.63
C ASP A 44 12.85 -6.67 -7.75
N ASN A 45 11.60 -7.07 -8.00
CA ASN A 45 10.47 -6.54 -7.23
C ASN A 45 10.71 -6.69 -5.73
N ARG A 46 11.35 -7.79 -5.35
CA ARG A 46 11.63 -8.06 -3.94
C ARG A 46 12.51 -6.96 -3.36
N ALA A 47 13.38 -6.41 -4.20
CA ALA A 47 14.29 -5.34 -3.76
C ALA A 47 13.59 -3.99 -3.76
N ILE A 48 12.76 -3.75 -4.78
CA ILE A 48 12.02 -2.50 -4.89
C ILE A 48 11.27 -2.19 -3.59
N SER A 49 10.67 -3.21 -3.00
CA SER A 49 9.92 -3.05 -1.76
C SER A 49 10.84 -2.71 -0.60
N VAL A 50 11.88 -3.52 -0.44
CA VAL A 50 12.85 -3.31 0.64
C VAL A 50 13.38 -1.88 0.63
N ILE A 51 13.65 -1.37 -0.56
CA ILE A 51 14.16 -0.01 -0.71
C ILE A 51 13.05 1.03 -0.44
N LEU A 52 11.83 0.69 -0.81
CA LEU A 52 10.70 1.58 -0.61
C LEU A 52 10.44 1.80 0.88
N GLY A 53 10.43 0.72 1.65
CA GLY A 53 10.21 0.82 3.07
C GLY A 53 11.14 1.81 3.75
N ASP A 54 12.44 1.67 3.47
CA ASP A 54 13.44 2.56 4.05
C ASP A 54 13.07 4.01 3.82
N ARG A 55 12.61 4.32 2.61
CA ARG A 55 12.22 5.69 2.26
C ARG A 55 11.06 6.16 3.12
N TRP A 56 10.16 5.24 3.46
CA TRP A 56 9.01 5.57 4.28
C TRP A 56 9.42 5.84 5.72
N LYS A 57 10.51 5.24 6.14
CA LYS A 57 11.02 5.43 7.50
C LYS A 57 11.92 6.65 7.58
N LYS A 58 12.54 7.00 6.46
CA LYS A 58 13.43 8.16 6.40
C LYS A 58 12.63 9.45 6.24
N MET A 59 11.49 9.35 5.58
CA MET A 59 10.63 10.52 5.36
C MET A 59 10.24 11.16 6.70
N LYS A 60 9.56 12.29 6.61
CA LYS A 60 9.13 13.02 7.81
C LYS A 60 7.68 12.66 8.16
N ASN A 61 7.13 13.37 9.14
CA ASN A 61 5.76 13.15 9.57
C ASN A 61 4.77 13.74 8.57
N GLU A 62 5.20 14.80 7.88
CA GLU A 62 4.34 15.46 6.90
C GLU A 62 4.44 14.77 5.54
N GLU A 63 5.65 14.35 5.18
CA GLU A 63 5.88 13.66 3.91
C GLU A 63 5.00 12.42 3.79
N ARG A 64 4.61 11.87 4.94
CA ARG A 64 3.77 10.68 4.97
C ARG A 64 2.30 11.06 5.15
N ARG A 65 2.06 12.22 5.73
CA ARG A 65 0.69 12.70 5.96
C ARG A 65 -0.12 12.65 4.67
N MET A 66 0.53 13.00 3.56
CA MET A 66 -0.14 12.99 2.26
C MET A 66 -0.83 11.65 1.99
N TYR A 67 -0.23 10.58 2.52
CA TYR A 67 -0.79 9.24 2.35
C TYR A 67 -1.64 8.84 3.54
N THR A 68 -1.26 9.33 4.72
CA THR A 68 -1.99 9.02 5.95
C THR A 68 -3.46 9.41 5.82
N LEU A 69 -3.71 10.71 5.67
CA LEU A 69 -5.06 11.22 5.53
C LEU A 69 -5.77 10.60 4.33
N GLU A 70 -5.05 10.52 3.21
CA GLU A 70 -5.60 9.95 1.99
C GLU A 70 -6.12 8.54 2.24
N ALA A 71 -5.22 7.64 2.61
CA ALA A 71 -5.59 6.26 2.88
C ALA A 71 -6.70 6.17 3.93
N LYS A 72 -6.77 7.18 4.80
CA LYS A 72 -7.78 7.22 5.84
C LYS A 72 -9.18 7.33 5.24
N ALA A 73 -9.41 8.40 4.48
CA ALA A 73 -10.70 8.62 3.85
C ALA A 73 -11.13 7.39 3.05
N LEU A 74 -10.18 6.78 2.36
CA LEU A 74 -10.46 5.60 1.55
C LEU A 74 -10.70 4.38 2.43
N ALA A 75 -10.08 4.38 3.62
CA ALA A 75 -10.23 3.28 4.56
C ALA A 75 -11.67 3.18 5.06
N GLU A 76 -12.36 4.30 5.11
CA GLU A 76 -13.74 4.33 5.57
C GLU A 76 -14.71 4.39 4.39
N GLU A 77 -14.33 5.14 3.37
CA GLU A 77 -15.18 5.28 2.17
C GLU A 77 -15.43 3.93 1.53
N GLN A 78 -14.57 2.96 1.83
CA GLN A 78 -14.69 1.62 1.27
C GLN A 78 -15.68 0.79 2.08
N LYS A 79 -15.90 1.19 3.33
CA LYS A 79 -16.82 0.49 4.22
C LYS A 79 -18.26 0.90 3.94
N ARG A 80 -18.49 2.20 3.77
CA ARG A 80 -19.82 2.72 3.50
C ARG A 80 -20.35 2.18 2.17
N LEU A 81 -19.44 1.95 1.22
CA LEU A 81 -19.82 1.43 -0.09
C LEU A 81 -20.33 -0.01 0.02
N ASN A 82 -19.71 -0.78 0.90
CA ASN A 82 -20.11 -2.17 1.10
C ASN A 82 -20.58 -2.40 2.54
N PRO A 83 -21.79 -1.91 2.84
CA PRO A 83 -22.38 -2.06 4.17
C PRO A 83 -22.79 -3.50 4.48
N ASP A 84 -22.87 -4.31 3.44
CA ASP A 84 -23.25 -5.72 3.59
C ASP A 84 -22.02 -6.61 3.49
N CYS A 85 -20.87 -6.08 3.86
CA CYS A 85 -19.62 -6.84 3.80
C CYS A 85 -19.58 -7.90 4.89
N TRP A 86 -18.44 -8.57 5.03
CA TRP A 86 -18.27 -9.61 6.03
C TRP A 86 -18.43 -9.04 7.44
N LYS A 87 -17.84 -7.87 7.67
CA LYS A 87 -17.92 -7.23 8.97
C LYS A 87 -18.58 -5.86 8.86
N GLY A 1 -37.94 9.93 1.56
CA GLY A 1 -37.13 9.16 2.48
C GLY A 1 -37.90 7.99 3.09
N SER A 2 -38.07 8.02 4.41
CA SER A 2 -38.78 6.97 5.11
C SER A 2 -38.08 5.63 4.93
N SER A 3 -36.77 5.62 5.14
CA SER A 3 -35.97 4.40 5.00
C SER A 3 -35.12 4.17 6.23
N GLY A 4 -35.33 3.01 6.87
CA GLY A 4 -34.57 2.68 8.07
C GLY A 4 -34.04 1.26 8.03
N SER A 5 -33.25 0.90 9.04
CA SER A 5 -32.67 -0.43 9.12
C SER A 5 -32.61 -0.91 10.57
N SER A 6 -33.43 -1.91 10.88
CA SER A 6 -33.48 -2.46 12.23
C SER A 6 -33.52 -3.99 12.20
N GLY A 7 -32.82 -4.61 13.14
CA GLY A 7 -32.79 -6.06 13.19
C GLY A 7 -31.38 -6.62 13.28
N GLY A 8 -30.55 -5.96 14.08
CA GLY A 8 -29.17 -6.42 14.24
C GLY A 8 -29.04 -7.50 15.28
N THR A 9 -28.60 -8.68 14.84
CA THR A 9 -28.43 -9.82 15.75
C THR A 9 -27.15 -10.59 15.42
N VAL A 10 -26.37 -10.88 16.44
CA VAL A 10 -25.12 -11.62 16.25
C VAL A 10 -25.18 -12.98 16.94
N SER A 11 -24.78 -14.02 16.21
CA SER A 11 -24.81 -15.37 16.73
C SER A 11 -23.42 -16.01 16.66
N ALA A 12 -22.84 -16.00 15.46
CA ALA A 12 -21.51 -16.57 15.25
C ALA A 12 -20.48 -15.48 14.98
N THR A 13 -19.24 -15.73 15.36
CA THR A 13 -18.16 -14.77 15.16
C THR A 13 -17.25 -15.20 14.02
N SER A 14 -17.31 -14.48 12.91
CA SER A 14 -16.49 -14.79 11.74
C SER A 14 -16.76 -13.79 10.62
N PRO A 15 -16.31 -12.54 10.82
CA PRO A 15 -16.49 -11.47 9.83
C PRO A 15 -15.62 -11.69 8.59
N ASN A 16 -16.25 -11.65 7.42
CA ASN A 16 -15.55 -11.84 6.16
C ASN A 16 -15.83 -10.69 5.20
N LYS A 17 -14.84 -9.82 5.04
CA LYS A 17 -14.97 -8.67 4.14
C LYS A 17 -14.38 -8.97 2.77
N CYS A 18 -14.73 -8.16 1.79
CA CYS A 18 -14.24 -8.34 0.43
C CYS A 18 -12.95 -7.54 0.20
N LYS A 19 -12.84 -6.41 0.89
CA LYS A 19 -11.68 -5.54 0.77
C LYS A 19 -11.17 -5.12 2.14
N ARG A 20 -9.86 -4.90 2.25
CA ARG A 20 -9.25 -4.48 3.50
C ARG A 20 -8.72 -3.06 3.41
N PRO A 21 -8.51 -2.43 4.58
CA PRO A 21 -8.02 -1.05 4.65
C PRO A 21 -6.55 -0.95 4.21
N MET A 22 -6.33 -0.36 3.04
CA MET A 22 -4.98 -0.19 2.52
C MET A 22 -4.20 0.83 3.34
N ASN A 23 -3.25 0.33 4.13
CA ASN A 23 -2.43 1.21 4.96
C ASN A 23 -1.74 2.28 4.13
N ALA A 24 -1.21 3.30 4.79
CA ALA A 24 -0.52 4.38 4.12
C ALA A 24 0.61 3.85 3.23
N PHE A 25 1.36 2.90 3.76
CA PHE A 25 2.47 2.30 3.03
C PHE A 25 2.02 1.83 1.65
N MET A 26 0.88 1.15 1.61
CA MET A 26 0.34 0.65 0.35
C MET A 26 0.25 1.76 -0.70
N LEU A 27 -0.24 2.91 -0.29
CA LEU A 27 -0.37 4.06 -1.19
C LEU A 27 1.00 4.58 -1.60
N PHE A 28 2.00 4.33 -0.76
CA PHE A 28 3.36 4.78 -1.05
C PHE A 28 4.05 3.83 -2.02
N ALA A 29 4.18 2.57 -1.63
CA ALA A 29 4.81 1.56 -2.47
C ALA A 29 4.11 1.46 -3.83
N LYS A 30 2.84 1.83 -3.86
CA LYS A 30 2.06 1.79 -5.09
C LYS A 30 2.36 3.00 -5.96
N LYS A 31 2.18 4.19 -5.40
CA LYS A 31 2.43 5.43 -6.13
C LYS A 31 3.89 5.53 -6.53
N TYR A 32 4.76 4.87 -5.78
CA TYR A 32 6.19 4.89 -6.06
C TYR A 32 6.66 3.55 -6.61
N ARG A 33 5.71 2.68 -6.92
CA ARG A 33 6.03 1.36 -7.46
C ARG A 33 6.79 1.48 -8.78
N VAL A 34 6.13 2.05 -9.79
CA VAL A 34 6.75 2.21 -11.10
C VAL A 34 7.92 3.18 -11.02
N GLU A 35 7.84 4.14 -10.11
CA GLU A 35 8.90 5.13 -9.94
C GLU A 35 10.26 4.46 -9.78
N TYR A 36 10.26 3.32 -9.09
CA TYR A 36 11.49 2.57 -8.86
C TYR A 36 11.67 1.48 -9.91
N THR A 37 10.57 1.01 -10.46
CA THR A 37 10.60 -0.04 -11.48
C THR A 37 11.39 0.43 -12.70
N GLN A 38 11.37 1.73 -12.96
CA GLN A 38 12.08 2.29 -14.10
C GLN A 38 13.41 2.90 -13.67
N MET A 39 13.47 3.39 -12.44
CA MET A 39 14.68 4.00 -11.91
C MET A 39 15.72 2.94 -11.59
N TYR A 40 15.26 1.74 -11.25
CA TYR A 40 16.16 0.64 -10.93
C TYR A 40 15.77 -0.63 -11.67
N PRO A 41 16.00 -0.64 -12.99
CA PRO A 41 15.68 -1.77 -13.85
C PRO A 41 16.58 -2.97 -13.58
N GLY A 42 17.83 -2.70 -13.23
CA GLY A 42 18.77 -3.77 -12.95
C GLY A 42 18.42 -4.54 -11.69
N LYS A 43 17.62 -3.93 -10.83
CA LYS A 43 17.21 -4.56 -9.58
C LYS A 43 15.87 -5.26 -9.75
N ASP A 44 15.59 -6.22 -8.87
CA ASP A 44 14.34 -6.97 -8.92
C ASP A 44 13.31 -6.37 -7.95
N ASN A 45 12.06 -6.74 -8.14
CA ASN A 45 10.98 -6.25 -7.28
C ASN A 45 11.31 -6.47 -5.81
N ARG A 46 12.01 -7.56 -5.53
CA ARG A 46 12.39 -7.89 -4.15
C ARG A 46 13.25 -6.78 -3.54
N ALA A 47 14.04 -6.12 -4.38
CA ALA A 47 14.90 -5.04 -3.94
C ALA A 47 14.15 -3.71 -3.91
N ILE A 48 13.31 -3.48 -4.91
CA ILE A 48 12.53 -2.25 -5.00
C ILE A 48 11.72 -2.03 -3.73
N SER A 49 11.05 -3.08 -3.27
CA SER A 49 10.23 -2.99 -2.06
C SER A 49 11.09 -2.62 -0.86
N VAL A 50 12.22 -3.29 -0.71
CA VAL A 50 13.12 -3.04 0.41
C VAL A 50 13.57 -1.59 0.42
N ILE A 51 14.07 -1.11 -0.71
CA ILE A 51 14.54 0.26 -0.83
C ILE A 51 13.39 1.25 -0.63
N LEU A 52 12.18 0.82 -0.98
CA LEU A 52 10.99 1.67 -0.84
C LEU A 52 10.65 1.88 0.63
N GLY A 53 10.76 0.81 1.42
CA GLY A 53 10.46 0.89 2.83
C GLY A 53 11.32 1.92 3.55
N ASP A 54 12.62 1.84 3.33
CA ASP A 54 13.56 2.77 3.96
C ASP A 54 13.13 4.21 3.73
N ARG A 55 12.66 4.51 2.52
CA ARG A 55 12.22 5.85 2.17
C ARG A 55 11.05 6.28 3.05
N TRP A 56 10.21 5.32 3.41
CA TRP A 56 9.04 5.59 4.24
C TRP A 56 9.46 5.92 5.67
N LYS A 57 10.64 5.45 6.06
CA LYS A 57 11.16 5.69 7.40
C LYS A 57 12.01 6.97 7.44
N LYS A 58 12.66 7.27 6.32
CA LYS A 58 13.50 8.46 6.22
C LYS A 58 12.65 9.71 6.04
N MET A 59 11.47 9.54 5.44
CA MET A 59 10.56 10.66 5.21
C MET A 59 10.14 11.30 6.53
N LYS A 60 9.35 12.36 6.44
CA LYS A 60 8.88 13.07 7.63
C LYS A 60 7.42 12.73 7.91
N ASN A 61 6.84 13.41 8.89
CA ASN A 61 5.45 13.19 9.27
C ASN A 61 4.51 13.63 8.15
N GLU A 62 4.67 14.88 7.70
CA GLU A 62 3.83 15.41 6.63
C GLU A 62 4.04 14.64 5.33
N GLU A 63 5.29 14.27 5.07
CA GLU A 63 5.61 13.52 3.86
C GLU A 63 4.80 12.23 3.77
N ARG A 64 4.37 11.73 4.93
CA ARG A 64 3.58 10.51 4.99
C ARG A 64 2.10 10.82 5.20
N ARG A 65 1.83 11.97 5.80
CA ARG A 65 0.45 12.39 6.06
C ARG A 65 -0.38 12.32 4.78
N MET A 66 0.22 12.71 3.66
CA MET A 66 -0.46 12.70 2.38
C MET A 66 -1.10 11.34 2.12
N TYR A 67 -0.46 10.28 2.61
CA TYR A 67 -0.96 8.92 2.43
C TYR A 67 -1.77 8.48 3.64
N THR A 68 -1.38 8.96 4.81
CA THR A 68 -2.08 8.61 6.05
C THR A 68 -3.56 8.93 5.96
N LEU A 69 -3.88 10.22 5.82
CA LEU A 69 -5.26 10.65 5.72
C LEU A 69 -5.94 10.04 4.50
N GLU A 70 -5.25 10.04 3.38
CA GLU A 70 -5.78 9.48 2.14
C GLU A 70 -6.25 8.04 2.35
N ALA A 71 -5.32 7.17 2.73
CA ALA A 71 -5.63 5.77 2.97
C ALA A 71 -6.78 5.62 3.96
N LYS A 72 -6.80 6.51 4.96
CA LYS A 72 -7.85 6.48 5.98
C LYS A 72 -9.22 6.72 5.35
N ALA A 73 -9.37 7.86 4.68
CA ALA A 73 -10.64 8.20 4.05
C ALA A 73 -11.10 7.09 3.11
N LEU A 74 -10.15 6.48 2.41
CA LEU A 74 -10.46 5.41 1.48
C LEU A 74 -10.79 4.12 2.23
N ALA A 75 -10.26 3.99 3.44
CA ALA A 75 -10.50 2.81 4.26
C ALA A 75 -11.86 2.90 4.96
N GLU A 76 -12.34 4.12 5.15
CA GLU A 76 -13.63 4.33 5.80
C GLU A 76 -14.74 4.49 4.77
N GLU A 77 -14.47 5.28 3.74
CA GLU A 77 -15.46 5.52 2.68
C GLU A 77 -15.99 4.20 2.13
N GLN A 78 -15.08 3.26 1.89
CA GLN A 78 -15.45 1.96 1.35
C GLN A 78 -16.51 1.30 2.22
N LYS A 79 -16.54 1.65 3.50
CA LYS A 79 -17.50 1.09 4.44
C LYS A 79 -18.89 1.67 4.19
N ARG A 80 -18.95 2.96 3.85
CA ARG A 80 -20.22 3.62 3.59
C ARG A 80 -20.80 3.16 2.25
N LEU A 81 -19.93 3.05 1.25
CA LEU A 81 -20.36 2.63 -0.08
C LEU A 81 -20.97 1.23 -0.04
N ASN A 82 -20.56 0.44 0.95
CA ASN A 82 -21.06 -0.92 1.10
C ASN A 82 -21.85 -1.06 2.40
N PRO A 83 -23.06 -0.50 2.43
CA PRO A 83 -23.93 -0.55 3.61
C PRO A 83 -24.48 -1.94 3.86
N ASP A 84 -24.42 -2.79 2.84
CA ASP A 84 -24.91 -4.17 2.95
C ASP A 84 -23.84 -5.07 3.54
N CYS A 85 -22.57 -4.70 3.33
CA CYS A 85 -21.46 -5.49 3.84
C CYS A 85 -21.16 -5.14 5.29
N TRP A 86 -22.14 -5.36 6.16
CA TRP A 86 -21.98 -5.07 7.57
C TRP A 86 -22.10 -6.34 8.41
N LYS A 87 -20.98 -7.05 8.53
CA LYS A 87 -20.95 -8.29 9.31
C LYS A 87 -20.26 -8.09 10.64
N GLY A 1 3.07 -19.81 9.37
CA GLY A 1 2.20 -19.27 10.40
C GLY A 1 1.92 -17.79 10.21
N SER A 2 0.66 -17.43 10.01
CA SER A 2 0.27 -16.04 9.81
C SER A 2 -0.08 -15.39 11.15
N SER A 3 -0.04 -14.06 11.17
CA SER A 3 -0.35 -13.30 12.37
C SER A 3 -1.60 -12.45 12.19
N GLY A 4 -2.54 -12.95 11.39
CA GLY A 4 -3.76 -12.23 11.13
C GLY A 4 -4.70 -12.24 12.33
N SER A 5 -5.84 -11.57 12.18
CA SER A 5 -6.83 -11.50 13.26
C SER A 5 -7.81 -12.66 13.17
N SER A 6 -7.49 -13.75 13.87
CA SER A 6 -8.34 -14.93 13.86
C SER A 6 -9.47 -14.79 14.87
N GLY A 7 -10.63 -15.35 14.54
CA GLY A 7 -11.78 -15.27 15.42
C GLY A 7 -13.07 -15.65 14.72
N GLY A 8 -13.75 -14.65 14.15
CA GLY A 8 -15.00 -14.90 13.46
C GLY A 8 -14.85 -14.87 11.96
N THR A 9 -15.98 -14.77 11.25
CA THR A 9 -15.96 -14.73 9.80
C THR A 9 -17.09 -13.86 9.27
N VAL A 10 -16.93 -13.37 8.04
CA VAL A 10 -17.93 -12.53 7.41
C VAL A 10 -19.17 -13.33 7.04
N SER A 11 -20.34 -12.72 7.19
CA SER A 11 -21.60 -13.37 6.87
C SER A 11 -22.13 -12.92 5.52
N ALA A 12 -21.24 -12.88 4.54
CA ALA A 12 -21.61 -12.46 3.19
C ALA A 12 -20.69 -13.11 2.14
N THR A 13 -21.07 -12.97 0.87
CA THR A 13 -20.29 -13.55 -0.22
C THR A 13 -19.15 -12.62 -0.62
N SER A 14 -18.03 -12.72 0.09
CA SER A 14 -16.87 -11.88 -0.19
C SER A 14 -16.28 -12.23 -1.56
N PRO A 15 -15.48 -11.30 -2.11
CA PRO A 15 -14.84 -11.47 -3.40
C PRO A 15 -13.73 -12.53 -3.37
N ASN A 16 -13.28 -12.85 -2.17
CA ASN A 16 -12.23 -13.84 -2.00
C ASN A 16 -10.98 -13.46 -2.79
N LYS A 17 -10.72 -12.16 -2.89
CA LYS A 17 -9.56 -11.66 -3.61
C LYS A 17 -8.37 -11.50 -2.68
N CYS A 18 -8.64 -11.17 -1.42
CA CYS A 18 -7.59 -10.98 -0.43
C CYS A 18 -6.67 -9.82 -0.83
N LYS A 19 -7.27 -8.70 -1.20
CA LYS A 19 -6.51 -7.53 -1.61
C LYS A 19 -6.19 -6.64 -0.41
N ARG A 20 -6.94 -6.83 0.67
CA ARG A 20 -6.73 -6.04 1.89
C ARG A 20 -6.99 -4.56 1.63
N PRO A 21 -7.23 -3.81 2.71
CA PRO A 21 -7.50 -2.36 2.63
C PRO A 21 -6.26 -1.57 2.23
N MET A 22 -6.49 -0.44 1.55
CA MET A 22 -5.39 0.41 1.11
C MET A 22 -4.87 1.27 2.26
N ASN A 23 -3.84 0.79 2.94
CA ASN A 23 -3.26 1.53 4.06
C ASN A 23 -2.45 2.73 3.57
N ALA A 24 -1.81 3.42 4.50
CA ALA A 24 -1.01 4.59 4.16
C ALA A 24 0.22 4.19 3.35
N PHE A 25 1.02 3.28 3.91
CA PHE A 25 2.23 2.82 3.24
C PHE A 25 1.92 2.34 1.83
N MET A 26 0.80 1.63 1.69
CA MET A 26 0.38 1.11 0.39
C MET A 26 0.37 2.21 -0.66
N LEU A 27 -0.15 3.37 -0.29
CA LEU A 27 -0.22 4.51 -1.20
C LEU A 27 1.18 4.97 -1.60
N PHE A 28 2.13 4.84 -0.68
CA PHE A 28 3.50 5.24 -0.95
C PHE A 28 4.18 4.28 -1.93
N ALA A 29 4.28 3.02 -1.53
CA ALA A 29 4.90 2.00 -2.37
C ALA A 29 4.28 1.98 -3.76
N LYS A 30 2.97 2.23 -3.81
CA LYS A 30 2.25 2.24 -5.08
C LYS A 30 2.63 3.48 -5.91
N LYS A 31 2.40 4.65 -5.33
CA LYS A 31 2.72 5.90 -6.02
C LYS A 31 4.18 5.95 -6.42
N TYR A 32 5.02 5.22 -5.69
CA TYR A 32 6.45 5.18 -5.95
C TYR A 32 6.84 3.87 -6.61
N ARG A 33 5.85 3.07 -6.99
CA ARG A 33 6.08 1.79 -7.63
C ARG A 33 6.73 1.98 -9.00
N VAL A 34 5.94 2.44 -9.96
CA VAL A 34 6.43 2.66 -11.32
C VAL A 34 7.66 3.55 -11.32
N GLU A 35 7.75 4.43 -10.33
CA GLU A 35 8.87 5.35 -10.20
C GLU A 35 10.18 4.58 -9.99
N TYR A 36 10.09 3.47 -9.26
CA TYR A 36 11.25 2.64 -8.97
C TYR A 36 11.38 1.51 -9.98
N THR A 37 10.24 1.10 -10.54
CA THR A 37 10.21 0.02 -11.52
C THR A 37 11.05 0.37 -12.74
N GLN A 38 11.11 1.66 -13.07
CA GLN A 38 11.86 2.12 -14.23
C GLN A 38 13.25 2.60 -13.81
N MET A 39 13.36 3.05 -12.57
CA MET A 39 14.64 3.54 -12.04
C MET A 39 15.57 2.38 -11.71
N TYR A 40 14.99 1.25 -11.33
CA TYR A 40 15.76 0.07 -10.98
C TYR A 40 15.22 -1.17 -11.68
N PRO A 41 15.39 -1.22 -13.02
CA PRO A 41 14.92 -2.34 -13.83
C PRO A 41 15.72 -3.61 -13.58
N GLY A 42 16.99 -3.45 -13.19
CA GLY A 42 17.83 -4.60 -12.92
C GLY A 42 17.48 -5.28 -11.62
N LYS A 43 16.88 -4.54 -10.70
CA LYS A 43 16.49 -5.08 -9.40
C LYS A 43 15.17 -5.83 -9.50
N ASP A 44 14.93 -6.72 -8.54
CA ASP A 44 13.69 -7.50 -8.51
C ASP A 44 12.66 -6.85 -7.61
N ASN A 45 11.40 -7.25 -7.78
CA ASN A 45 10.31 -6.71 -6.98
C ASN A 45 10.61 -6.84 -5.49
N ARG A 46 11.22 -7.96 -5.10
CA ARG A 46 11.57 -8.19 -3.71
C ARG A 46 12.49 -7.09 -3.17
N ALA A 47 13.24 -6.47 -4.08
CA ALA A 47 14.15 -5.40 -3.70
C ALA A 47 13.45 -4.04 -3.75
N ILE A 48 12.65 -3.83 -4.80
CA ILE A 48 11.93 -2.58 -4.97
C ILE A 48 11.16 -2.22 -3.70
N SER A 49 10.72 -3.23 -2.97
CA SER A 49 9.96 -3.03 -1.75
C SER A 49 10.88 -2.63 -0.59
N VAL A 50 11.90 -3.45 -0.35
CA VAL A 50 12.85 -3.18 0.72
C VAL A 50 13.43 -1.78 0.61
N ILE A 51 13.62 -1.32 -0.64
CA ILE A 51 14.16 0.01 -0.88
C ILE A 51 13.11 1.09 -0.64
N LEU A 52 11.87 0.79 -1.01
CA LEU A 52 10.77 1.73 -0.84
C LEU A 52 10.52 2.01 0.64
N GLY A 53 10.45 0.94 1.43
CA GLY A 53 10.21 1.08 2.86
C GLY A 53 11.18 2.04 3.52
N ASP A 54 12.45 1.90 3.18
CA ASP A 54 13.49 2.77 3.74
C ASP A 54 13.12 4.25 3.57
N ARG A 55 12.80 4.62 2.34
CA ARG A 55 12.42 6.00 2.04
C ARG A 55 11.30 6.47 2.96
N TRP A 56 10.32 5.61 3.17
CA TRP A 56 9.18 5.93 4.04
C TRP A 56 9.64 6.24 5.45
N LYS A 57 10.80 5.71 5.82
CA LYS A 57 11.36 5.92 7.15
C LYS A 57 12.13 7.24 7.21
N LYS A 58 12.77 7.60 6.10
CA LYS A 58 13.54 8.83 6.02
C LYS A 58 12.62 10.05 6.02
N MET A 59 11.45 9.89 5.41
CA MET A 59 10.48 10.98 5.34
C MET A 59 10.10 11.46 6.73
N LYS A 60 9.45 12.63 6.79
CA LYS A 60 9.04 13.20 8.07
C LYS A 60 7.60 12.79 8.40
N ASN A 61 7.06 13.37 9.46
CA ASN A 61 5.70 13.07 9.89
C ASN A 61 4.69 13.56 8.86
N GLU A 62 4.80 14.82 8.46
CA GLU A 62 3.90 15.40 7.48
C GLU A 62 4.08 14.76 6.12
N GLU A 63 5.33 14.42 5.79
CA GLU A 63 5.64 13.79 4.51
C GLU A 63 4.83 12.51 4.32
N ARG A 64 4.42 11.90 5.43
CA ARG A 64 3.64 10.67 5.39
C ARG A 64 2.16 10.96 5.59
N ARG A 65 1.86 12.07 6.26
CA ARG A 65 0.48 12.45 6.52
C ARG A 65 -0.33 12.47 5.23
N MET A 66 0.29 12.93 4.15
CA MET A 66 -0.37 12.99 2.85
C MET A 66 -0.99 11.64 2.49
N TYR A 67 -0.35 10.57 2.93
CA TYR A 67 -0.84 9.23 2.65
C TYR A 67 -1.67 8.69 3.81
N THR A 68 -1.33 9.14 5.02
CA THR A 68 -2.04 8.71 6.22
C THR A 68 -3.52 9.07 6.14
N LEU A 69 -3.80 10.37 6.11
CA LEU A 69 -5.17 10.86 6.04
C LEU A 69 -5.84 10.40 4.74
N GLU A 70 -5.12 10.50 3.63
CA GLU A 70 -5.64 10.10 2.34
C GLU A 70 -6.17 8.66 2.39
N ALA A 71 -5.30 7.73 2.75
CA ALA A 71 -5.68 6.33 2.84
C ALA A 71 -6.73 6.11 3.93
N LYS A 72 -6.55 6.77 5.07
CA LYS A 72 -7.47 6.65 6.18
C LYS A 72 -8.89 6.99 5.76
N ALA A 73 -9.01 7.88 4.78
CA ALA A 73 -10.32 8.29 4.27
C ALA A 73 -10.88 7.25 3.31
N LEU A 74 -9.99 6.53 2.64
CA LEU A 74 -10.40 5.49 1.69
C LEU A 74 -11.03 4.32 2.41
N ALA A 75 -10.47 3.95 3.56
CA ALA A 75 -10.99 2.84 4.34
C ALA A 75 -12.30 3.22 5.03
N GLU A 76 -12.49 4.52 5.26
CA GLU A 76 -13.70 5.00 5.90
C GLU A 76 -14.78 5.32 4.87
N GLU A 77 -14.35 5.57 3.65
CA GLU A 77 -15.28 5.90 2.56
C GLU A 77 -15.68 4.64 1.80
N GLN A 78 -14.77 3.69 1.72
CA GLN A 78 -15.02 2.43 1.02
C GLN A 78 -15.95 1.53 1.82
N LYS A 79 -15.79 1.55 3.14
CA LYS A 79 -16.62 0.74 4.02
C LYS A 79 -18.09 1.05 3.82
N ARG A 80 -18.39 2.28 3.43
CA ARG A 80 -19.76 2.71 3.21
C ARG A 80 -20.27 2.22 1.85
N LEU A 81 -19.38 2.19 0.87
CA LEU A 81 -19.73 1.75 -0.47
C LEU A 81 -19.93 0.24 -0.52
N ASN A 82 -19.24 -0.47 0.39
CA ASN A 82 -19.34 -1.92 0.46
C ASN A 82 -19.57 -2.39 1.89
N PRO A 83 -20.81 -2.21 2.38
CA PRO A 83 -21.19 -2.61 3.74
C PRO A 83 -21.22 -4.12 3.92
N ASP A 84 -21.87 -4.80 2.99
CA ASP A 84 -21.98 -6.25 3.04
C ASP A 84 -22.46 -6.72 4.41
N CYS A 85 -23.53 -6.10 4.89
CA CYS A 85 -24.09 -6.45 6.20
C CYS A 85 -25.61 -6.50 6.14
N TRP A 86 -26.23 -6.86 7.26
CA TRP A 86 -27.68 -6.96 7.33
C TRP A 86 -28.27 -5.69 7.92
N LYS A 87 -28.03 -4.56 7.26
CA LYS A 87 -28.54 -3.28 7.72
C LYS A 87 -30.05 -3.33 7.95
N GLY A 1 -25.12 14.74 -11.11
CA GLY A 1 -24.41 14.52 -9.87
C GLY A 1 -25.25 14.85 -8.65
N SER A 2 -25.74 13.81 -7.97
CA SER A 2 -26.57 14.00 -6.79
C SER A 2 -25.77 13.72 -5.52
N SER A 3 -26.10 14.43 -4.45
CA SER A 3 -25.41 14.26 -3.18
C SER A 3 -26.22 13.39 -2.22
N GLY A 4 -25.69 13.17 -1.03
CA GLY A 4 -26.39 12.35 -0.04
C GLY A 4 -25.72 11.01 0.16
N SER A 5 -25.33 10.73 1.40
CA SER A 5 -24.67 9.46 1.72
C SER A 5 -25.43 8.71 2.82
N SER A 6 -25.24 7.40 2.87
CA SER A 6 -25.90 6.57 3.87
C SER A 6 -25.30 6.79 5.25
N GLY A 7 -26.12 6.62 6.28
CA GLY A 7 -25.65 6.81 7.64
C GLY A 7 -25.24 5.49 8.29
N GLY A 8 -26.20 4.60 8.49
CA GLY A 8 -25.90 3.31 9.10
C GLY A 8 -24.89 2.51 8.32
N THR A 9 -23.93 1.91 9.02
CA THR A 9 -22.90 1.11 8.38
C THR A 9 -22.46 -0.04 9.27
N VAL A 10 -22.48 -1.25 8.72
CA VAL A 10 -22.09 -2.44 9.48
C VAL A 10 -20.80 -3.03 8.91
N SER A 11 -19.83 -3.27 9.80
CA SER A 11 -18.54 -3.84 9.39
C SER A 11 -18.75 -5.13 8.60
N ALA A 12 -17.69 -5.58 7.94
CA ALA A 12 -17.75 -6.80 7.15
C ALA A 12 -17.94 -8.02 8.04
N THR A 13 -18.82 -8.93 7.60
CA THR A 13 -19.09 -10.14 8.37
C THR A 13 -19.08 -11.37 7.47
N SER A 14 -18.83 -12.53 8.07
CA SER A 14 -18.78 -13.79 7.32
C SER A 14 -17.64 -13.77 6.31
N PRO A 15 -17.23 -14.97 5.86
CA PRO A 15 -16.15 -15.12 4.89
C PRO A 15 -16.54 -14.61 3.49
N ASN A 16 -15.78 -13.65 2.99
CA ASN A 16 -16.05 -13.08 1.67
C ASN A 16 -14.80 -12.42 1.09
N LYS A 17 -14.70 -12.39 -0.23
CA LYS A 17 -13.57 -11.78 -0.90
C LYS A 17 -13.78 -10.28 -1.08
N CYS A 18 -12.71 -9.51 -0.94
CA CYS A 18 -12.77 -8.07 -1.10
C CYS A 18 -11.38 -7.44 -1.03
N LYS A 19 -11.26 -6.21 -1.52
CA LYS A 19 -9.98 -5.51 -1.52
C LYS A 19 -9.64 -5.01 -0.12
N ARG A 20 -8.65 -5.64 0.50
CA ARG A 20 -8.23 -5.27 1.84
C ARG A 20 -7.94 -3.76 1.91
N PRO A 21 -8.01 -3.21 3.14
CA PRO A 21 -7.76 -1.78 3.37
C PRO A 21 -6.28 -1.42 3.17
N MET A 22 -5.99 -0.71 2.09
CA MET A 22 -4.63 -0.29 1.79
C MET A 22 -4.15 0.76 2.79
N ASN A 23 -3.27 0.36 3.69
CA ASN A 23 -2.74 1.28 4.70
C ASN A 23 -2.04 2.47 4.03
N ALA A 24 -1.56 3.40 4.86
CA ALA A 24 -0.89 4.58 4.36
C ALA A 24 0.35 4.21 3.55
N PHE A 25 1.04 3.16 3.98
CA PHE A 25 2.23 2.70 3.29
C PHE A 25 1.91 2.20 1.89
N MET A 26 0.80 1.46 1.77
CA MET A 26 0.37 0.93 0.49
C MET A 26 0.31 2.03 -0.57
N LEU A 27 -0.31 3.14 -0.21
CA LEU A 27 -0.45 4.28 -1.11
C LEU A 27 0.93 4.78 -1.57
N PHE A 28 1.93 4.57 -0.72
CA PHE A 28 3.28 5.00 -1.02
C PHE A 28 4.00 3.97 -1.90
N ALA A 29 4.09 2.75 -1.41
CA ALA A 29 4.75 1.68 -2.14
C ALA A 29 4.11 1.47 -3.51
N LYS A 30 2.86 1.88 -3.64
CA LYS A 30 2.13 1.75 -4.89
C LYS A 30 2.46 2.91 -5.83
N LYS A 31 2.25 4.13 -5.37
CA LYS A 31 2.53 5.32 -6.16
C LYS A 31 4.00 5.37 -6.56
N TYR A 32 4.86 4.87 -5.69
CA TYR A 32 6.30 4.85 -5.95
C TYR A 32 6.75 3.51 -6.50
N ARG A 33 5.77 2.66 -6.82
CA ARG A 33 6.06 1.33 -7.35
C ARG A 33 6.82 1.43 -8.68
N VAL A 34 6.13 1.87 -9.71
CA VAL A 34 6.73 2.02 -11.03
C VAL A 34 7.89 3.01 -11.01
N GLU A 35 7.80 3.99 -10.10
CA GLU A 35 8.84 5.00 -9.97
C GLU A 35 10.21 4.35 -9.83
N TYR A 36 10.27 3.25 -9.11
CA TYR A 36 11.52 2.53 -8.89
C TYR A 36 11.69 1.41 -9.91
N THR A 37 10.58 0.97 -10.48
CA THR A 37 10.60 -0.11 -11.47
C THR A 37 11.42 0.29 -12.69
N GLN A 38 11.34 1.57 -13.05
CA GLN A 38 12.08 2.09 -14.21
C GLN A 38 13.41 2.69 -13.77
N MET A 39 13.45 3.24 -12.57
CA MET A 39 14.65 3.86 -12.04
C MET A 39 15.69 2.80 -11.68
N TYR A 40 15.22 1.61 -11.31
CA TYR A 40 16.11 0.52 -10.94
C TYR A 40 15.70 -0.78 -11.65
N PRO A 41 15.95 -0.83 -12.96
CA PRO A 41 15.62 -2.01 -13.78
C PRO A 41 16.50 -3.21 -13.45
N GLY A 42 17.78 -2.94 -13.19
CA GLY A 42 18.71 -4.02 -12.88
C GLY A 42 18.34 -4.74 -11.59
N LYS A 43 17.58 -4.07 -10.73
CA LYS A 43 17.15 -4.66 -9.47
C LYS A 43 15.91 -5.51 -9.66
N ASP A 44 15.58 -6.31 -8.65
CA ASP A 44 14.41 -7.18 -8.70
C ASP A 44 13.25 -6.57 -7.93
N ASN A 45 12.03 -7.04 -8.24
CA ASN A 45 10.84 -6.53 -7.58
C ASN A 45 10.98 -6.60 -6.07
N ARG A 46 11.59 -7.68 -5.58
CA ARG A 46 11.79 -7.86 -4.15
C ARG A 46 12.62 -6.71 -3.57
N ALA A 47 13.58 -6.24 -4.35
CA ALA A 47 14.45 -5.14 -3.91
C ALA A 47 13.70 -3.80 -3.94
N ILE A 48 12.91 -3.60 -4.99
CA ILE A 48 12.15 -2.37 -5.14
C ILE A 48 11.33 -2.08 -3.88
N SER A 49 10.58 -3.08 -3.43
CA SER A 49 9.74 -2.93 -2.24
C SER A 49 10.60 -2.59 -1.02
N VAL A 50 11.73 -3.28 -0.89
CA VAL A 50 12.63 -3.05 0.23
C VAL A 50 13.16 -1.62 0.23
N ILE A 51 13.65 -1.18 -0.93
CA ILE A 51 14.18 0.17 -1.06
C ILE A 51 13.11 1.22 -0.81
N LEU A 52 11.85 0.86 -1.08
CA LEU A 52 10.74 1.76 -0.89
C LEU A 52 10.49 2.02 0.60
N GLY A 53 10.46 0.94 1.37
CA GLY A 53 10.25 1.07 2.81
C GLY A 53 11.21 2.04 3.46
N ASP A 54 12.49 1.90 3.15
CA ASP A 54 13.52 2.77 3.71
C ASP A 54 13.15 4.24 3.51
N ARG A 55 12.63 4.56 2.33
CA ARG A 55 12.24 5.92 2.01
C ARG A 55 11.11 6.40 2.93
N TRP A 56 10.26 5.47 3.33
CA TRP A 56 9.14 5.78 4.21
C TRP A 56 9.63 6.09 5.62
N LYS A 57 10.79 5.54 5.97
CA LYS A 57 11.36 5.75 7.29
C LYS A 57 12.19 7.03 7.33
N LYS A 58 12.72 7.42 6.18
CA LYS A 58 13.53 8.63 6.09
C LYS A 58 12.64 9.86 5.99
N MET A 59 11.46 9.70 5.41
CA MET A 59 10.52 10.80 5.26
C MET A 59 10.18 11.41 6.62
N LYS A 60 9.40 12.49 6.60
CA LYS A 60 8.98 13.15 7.83
C LYS A 60 7.56 12.77 8.21
N ASN A 61 7.05 13.37 9.28
CA ASN A 61 5.70 13.10 9.75
C ASN A 61 4.66 13.69 8.80
N GLU A 62 5.04 14.76 8.10
CA GLU A 62 4.15 15.42 7.16
C GLU A 62 4.22 14.76 5.79
N GLU A 63 5.43 14.37 5.39
CA GLU A 63 5.63 13.73 4.09
C GLU A 63 4.76 12.47 3.97
N ARG A 64 4.44 11.87 5.11
CA ARG A 64 3.63 10.66 5.13
C ARG A 64 2.16 11.00 5.36
N ARG A 65 1.91 12.14 5.99
CA ARG A 65 0.55 12.58 6.28
C ARG A 65 -0.30 12.55 5.01
N MET A 66 0.30 12.94 3.89
CA MET A 66 -0.41 12.97 2.61
C MET A 66 -1.07 11.62 2.33
N TYR A 67 -0.45 10.56 2.80
CA TYR A 67 -0.98 9.21 2.60
C TYR A 67 -1.79 8.76 3.80
N THR A 68 -1.33 9.12 5.00
CA THR A 68 -2.02 8.76 6.23
C THR A 68 -3.49 9.16 6.18
N LEU A 69 -3.74 10.44 5.97
CA LEU A 69 -5.10 10.96 5.90
C LEU A 69 -5.86 10.34 4.71
N GLU A 70 -5.15 10.19 3.59
CA GLU A 70 -5.75 9.62 2.39
C GLU A 70 -6.27 8.21 2.66
N ALA A 71 -5.36 7.30 2.96
CA ALA A 71 -5.73 5.92 3.23
C ALA A 71 -6.81 5.84 4.30
N LYS A 72 -6.81 6.81 5.21
CA LYS A 72 -7.80 6.85 6.29
C LYS A 72 -9.19 7.14 5.73
N ALA A 73 -9.27 8.01 4.74
CA ALA A 73 -10.54 8.36 4.12
C ALA A 73 -11.01 7.26 3.18
N LEU A 74 -10.06 6.49 2.65
CA LEU A 74 -10.38 5.41 1.73
C LEU A 74 -11.12 4.29 2.45
N ALA A 75 -10.51 3.77 3.50
CA ALA A 75 -11.11 2.70 4.28
C ALA A 75 -12.48 3.10 4.83
N GLU A 76 -12.67 4.41 5.01
CA GLU A 76 -13.92 4.93 5.52
C GLU A 76 -14.90 5.22 4.39
N GLU A 77 -14.36 5.40 3.18
CA GLU A 77 -15.18 5.69 2.01
C GLU A 77 -15.62 4.40 1.32
N GLN A 78 -14.93 3.31 1.63
CA GLN A 78 -15.25 2.02 1.03
C GLN A 78 -16.26 1.26 1.89
N LYS A 79 -16.28 1.56 3.18
CA LYS A 79 -17.20 0.92 4.10
C LYS A 79 -18.62 1.49 3.96
N ARG A 80 -18.70 2.76 3.61
CA ARG A 80 -19.99 3.43 3.44
C ARG A 80 -20.65 2.98 2.14
N LEU A 81 -19.84 2.61 1.15
CA LEU A 81 -20.36 2.18 -0.14
C LEU A 81 -20.83 0.73 -0.06
N ASN A 82 -20.16 -0.07 0.75
CA ASN A 82 -20.52 -1.47 0.91
C ASN A 82 -20.85 -1.79 2.37
N PRO A 83 -22.00 -1.28 2.83
CA PRO A 83 -22.46 -1.49 4.20
C PRO A 83 -22.89 -2.93 4.46
N ASP A 84 -23.41 -3.59 3.43
CA ASP A 84 -23.85 -4.97 3.54
C ASP A 84 -24.96 -5.11 4.57
N CYS A 85 -25.88 -4.15 4.58
CA CYS A 85 -26.99 -4.15 5.52
C CYS A 85 -28.30 -4.55 4.83
N TRP A 86 -29.38 -4.62 5.60
CA TRP A 86 -30.68 -4.99 5.05
C TRP A 86 -30.61 -6.32 4.32
N LYS A 87 -29.74 -7.20 4.79
CA LYS A 87 -29.57 -8.51 4.18
C LYS A 87 -30.92 -9.22 4.05
N GLY A 1 28.80 -18.46 -17.91
CA GLY A 1 27.97 -17.31 -18.25
C GLY A 1 26.54 -17.68 -18.55
N SER A 2 25.78 -16.75 -19.12
CA SER A 2 24.38 -16.99 -19.45
C SER A 2 24.25 -17.56 -20.86
N SER A 3 23.21 -18.36 -21.07
CA SER A 3 22.97 -18.97 -22.38
C SER A 3 22.04 -18.10 -23.22
N GLY A 4 21.04 -17.51 -22.58
CA GLY A 4 20.10 -16.66 -23.28
C GLY A 4 20.38 -15.19 -23.09
N SER A 5 19.34 -14.37 -23.14
CA SER A 5 19.49 -12.93 -22.98
C SER A 5 19.26 -12.53 -21.53
N SER A 6 19.79 -11.36 -21.16
CA SER A 6 19.66 -10.86 -19.80
C SER A 6 18.38 -10.03 -19.64
N GLY A 7 17.55 -10.41 -18.67
CA GLY A 7 16.31 -9.70 -18.45
C GLY A 7 15.11 -10.37 -19.11
N GLY A 8 14.39 -11.18 -18.33
CA GLY A 8 13.23 -11.87 -18.85
C GLY A 8 11.93 -11.14 -18.56
N THR A 9 11.16 -11.68 -17.62
CA THR A 9 9.89 -11.09 -17.25
C THR A 9 9.86 -10.74 -15.76
N VAL A 10 9.71 -9.44 -15.47
CA VAL A 10 9.66 -8.98 -14.09
C VAL A 10 8.26 -8.49 -13.72
N SER A 11 7.51 -8.05 -14.72
CA SER A 11 6.15 -7.56 -14.50
C SER A 11 5.20 -8.71 -14.21
N ALA A 12 4.46 -8.60 -13.11
CA ALA A 12 3.51 -9.63 -12.72
C ALA A 12 2.13 -9.37 -13.35
N THR A 13 1.46 -10.43 -13.75
CA THR A 13 0.14 -10.31 -14.36
C THR A 13 -0.90 -9.90 -13.34
N SER A 14 -1.05 -8.59 -13.14
CA SER A 14 -2.02 -8.06 -12.18
C SER A 14 -3.03 -7.16 -12.88
N PRO A 15 -3.92 -7.77 -13.67
CA PRO A 15 -4.96 -7.04 -14.41
C PRO A 15 -6.03 -6.47 -13.49
N ASN A 16 -6.51 -7.31 -12.56
CA ASN A 16 -7.53 -6.88 -11.62
C ASN A 16 -7.47 -7.72 -10.34
N LYS A 17 -7.50 -7.03 -9.20
CA LYS A 17 -7.46 -7.71 -7.90
C LYS A 17 -8.61 -7.27 -7.01
N CYS A 18 -8.75 -7.93 -5.87
CA CYS A 18 -9.82 -7.61 -4.93
C CYS A 18 -9.58 -6.25 -4.28
N LYS A 19 -10.55 -5.78 -3.52
CA LYS A 19 -10.45 -4.49 -2.83
C LYS A 19 -10.08 -4.68 -1.36
N ARG A 20 -8.98 -4.07 -0.95
CA ARG A 20 -8.53 -4.17 0.44
C ARG A 20 -8.22 -2.79 1.01
N PRO A 21 -8.25 -2.67 2.34
CA PRO A 21 -7.99 -1.42 3.05
C PRO A 21 -6.52 -1.00 2.95
N MET A 22 -6.19 -0.24 1.91
CA MET A 22 -4.83 0.23 1.70
C MET A 22 -4.44 1.26 2.76
N ASN A 23 -3.57 0.87 3.68
CA ASN A 23 -3.11 1.76 4.74
C ASN A 23 -2.27 2.89 4.17
N ALA A 24 -1.71 3.70 5.06
CA ALA A 24 -0.87 4.82 4.65
C ALA A 24 0.31 4.34 3.80
N PHE A 25 1.09 3.42 4.35
CA PHE A 25 2.25 2.88 3.65
C PHE A 25 1.85 2.34 2.29
N MET A 26 0.73 1.62 2.24
CA MET A 26 0.24 1.05 0.99
C MET A 26 0.16 2.12 -0.10
N LEU A 27 -0.36 3.29 0.26
CA LEU A 27 -0.50 4.39 -0.69
C LEU A 27 0.86 4.86 -1.18
N PHE A 28 1.86 4.77 -0.30
CA PHE A 28 3.22 5.19 -0.65
C PHE A 28 3.85 4.22 -1.64
N ALA A 29 4.00 2.97 -1.22
CA ALA A 29 4.59 1.93 -2.06
C ALA A 29 3.85 1.84 -3.40
N LYS A 30 2.57 2.18 -3.39
CA LYS A 30 1.75 2.12 -4.60
C LYS A 30 2.02 3.34 -5.47
N LYS A 31 2.33 4.46 -4.85
CA LYS A 31 2.61 5.70 -5.58
C LYS A 31 3.96 5.63 -6.28
N TYR A 32 4.99 5.25 -5.52
CA TYR A 32 6.33 5.13 -6.07
C TYR A 32 6.58 3.74 -6.63
N ARG A 33 5.53 2.94 -6.70
CA ARG A 33 5.63 1.58 -7.22
C ARG A 33 6.31 1.56 -8.58
N VAL A 34 5.66 2.16 -9.57
CA VAL A 34 6.21 2.23 -10.92
C VAL A 34 7.42 3.15 -10.98
N GLU A 35 7.40 4.19 -10.16
CA GLU A 35 8.49 5.16 -10.13
C GLU A 35 9.83 4.46 -9.95
N TYR A 36 9.83 3.36 -9.20
CA TYR A 36 11.04 2.59 -8.95
C TYR A 36 11.17 1.44 -9.94
N THR A 37 10.03 0.98 -10.45
CA THR A 37 10.02 -0.12 -11.40
C THR A 37 10.78 0.24 -12.67
N GLN A 38 10.82 1.52 -13.00
CA GLN A 38 11.52 2.00 -14.18
C GLN A 38 12.90 2.54 -13.81
N MET A 39 13.05 3.01 -12.58
CA MET A 39 14.32 3.55 -12.11
C MET A 39 15.30 2.43 -11.80
N TYR A 40 14.79 1.31 -11.31
CA TYR A 40 15.62 0.17 -10.97
C TYR A 40 15.08 -1.12 -11.60
N PRO A 41 15.23 -1.23 -12.93
CA PRO A 41 14.77 -2.39 -13.68
C PRO A 41 15.59 -3.65 -13.38
N GLY A 42 16.91 -3.48 -13.33
CA GLY A 42 17.78 -4.60 -13.04
C GLY A 42 17.45 -5.29 -11.74
N LYS A 43 16.83 -4.55 -10.82
CA LYS A 43 16.45 -5.09 -9.52
C LYS A 43 15.11 -5.82 -9.61
N ASP A 44 14.90 -6.78 -8.71
CA ASP A 44 13.66 -7.55 -8.68
C ASP A 44 12.61 -6.84 -7.85
N ASN A 45 11.34 -7.19 -8.08
CA ASN A 45 10.24 -6.59 -7.35
C ASN A 45 10.47 -6.66 -5.84
N ARG A 46 10.86 -7.83 -5.37
CA ARG A 46 11.13 -8.03 -3.95
C ARG A 46 12.10 -6.99 -3.42
N ALA A 47 12.97 -6.50 -4.29
CA ALA A 47 13.96 -5.49 -3.92
C ALA A 47 13.35 -4.09 -3.94
N ILE A 48 12.57 -3.81 -4.98
CA ILE A 48 11.92 -2.51 -5.12
C ILE A 48 11.16 -2.14 -3.85
N SER A 49 10.49 -3.13 -3.26
CA SER A 49 9.72 -2.90 -2.04
C SER A 49 10.63 -2.54 -0.88
N VAL A 50 11.71 -3.29 -0.73
CA VAL A 50 12.66 -3.05 0.35
C VAL A 50 13.22 -1.64 0.29
N ILE A 51 13.39 -1.13 -0.93
CA ILE A 51 13.90 0.22 -1.12
C ILE A 51 12.84 1.27 -0.83
N LEU A 52 11.58 0.91 -1.04
CA LEU A 52 10.46 1.81 -0.79
C LEU A 52 10.32 2.10 0.70
N GLY A 53 10.33 1.05 1.51
CA GLY A 53 10.20 1.21 2.94
C GLY A 53 11.24 2.15 3.52
N ASP A 54 12.49 1.95 3.13
CA ASP A 54 13.58 2.79 3.61
C ASP A 54 13.27 4.26 3.42
N ARG A 55 12.63 4.59 2.29
CA ARG A 55 12.27 5.96 1.98
C ARG A 55 11.18 6.46 2.93
N TRP A 56 10.27 5.58 3.29
CA TRP A 56 9.17 5.93 4.19
C TRP A 56 9.69 6.16 5.60
N LYS A 57 10.82 5.54 5.93
CA LYS A 57 11.41 5.68 7.25
C LYS A 57 12.22 6.97 7.34
N LYS A 58 12.70 7.45 6.20
CA LYS A 58 13.49 8.68 6.15
C LYS A 58 12.59 9.90 6.06
N MET A 59 11.43 9.74 5.41
CA MET A 59 10.48 10.83 5.26
C MET A 59 10.16 11.46 6.62
N LYS A 60 9.58 12.66 6.58
CA LYS A 60 9.23 13.37 7.81
C LYS A 60 7.77 13.12 8.17
N ASN A 61 7.34 13.65 9.31
CA ASN A 61 5.97 13.48 9.78
C ASN A 61 4.98 13.99 8.73
N GLU A 62 5.05 15.27 8.42
CA GLU A 62 4.16 15.88 7.44
C GLU A 62 4.27 15.15 6.10
N GLU A 63 5.44 14.62 5.81
CA GLU A 63 5.67 13.90 4.57
C GLU A 63 4.88 12.60 4.52
N ARG A 64 4.45 12.14 5.70
CA ARG A 64 3.68 10.90 5.80
C ARG A 64 2.19 11.20 5.90
N ARG A 65 1.86 12.38 6.42
CA ARG A 65 0.47 12.80 6.57
C ARG A 65 -0.27 12.69 5.24
N MET A 66 0.39 13.09 4.16
CA MET A 66 -0.22 13.05 2.83
C MET A 66 -0.80 11.67 2.55
N TYR A 67 -0.15 10.64 3.08
CA TYR A 67 -0.61 9.27 2.89
C TYR A 67 -1.46 8.81 4.06
N THR A 68 -1.16 9.32 5.24
CA THR A 68 -1.91 8.96 6.45
C THR A 68 -3.38 9.30 6.30
N LEU A 69 -3.68 10.59 6.17
CA LEU A 69 -5.06 11.04 6.04
C LEU A 69 -5.69 10.49 4.75
N GLU A 70 -4.97 10.63 3.65
CA GLU A 70 -5.45 10.14 2.36
C GLU A 70 -5.88 8.68 2.46
N ALA A 71 -4.97 7.83 2.89
CA ALA A 71 -5.24 6.40 3.03
C ALA A 71 -6.27 6.15 4.13
N LYS A 72 -6.35 7.08 5.09
CA LYS A 72 -7.29 6.96 6.20
C LYS A 72 -8.72 7.24 5.73
N ALA A 73 -8.84 8.07 4.70
CA ALA A 73 -10.16 8.42 4.15
C ALA A 73 -10.65 7.34 3.18
N LEU A 74 -9.71 6.76 2.44
CA LEU A 74 -10.05 5.72 1.47
C LEU A 74 -10.57 4.47 2.17
N ALA A 75 -9.97 4.15 3.32
CA ALA A 75 -10.37 2.98 4.08
C ALA A 75 -11.75 3.18 4.71
N GLU A 76 -12.12 4.43 4.94
CA GLU A 76 -13.41 4.75 5.52
C GLU A 76 -14.46 4.99 4.44
N GLU A 77 -14.00 5.35 3.25
CA GLU A 77 -14.90 5.61 2.13
C GLU A 77 -15.16 4.33 1.33
N GLN A 78 -14.19 3.43 1.35
CA GLN A 78 -14.31 2.16 0.63
C GLN A 78 -15.14 1.16 1.43
N LYS A 79 -15.09 1.28 2.75
CA LYS A 79 -15.85 0.38 3.62
C LYS A 79 -17.35 0.59 3.46
N ARG A 80 -17.74 1.78 3.00
CA ARG A 80 -19.15 2.10 2.79
C ARG A 80 -19.61 1.60 1.42
N LEU A 81 -18.72 1.62 0.45
CA LEU A 81 -19.04 1.17 -0.91
C LEU A 81 -19.36 -0.31 -0.92
N ASN A 82 -18.87 -1.03 0.09
CA ASN A 82 -19.12 -2.46 0.19
C ASN A 82 -19.99 -2.78 1.40
N PRO A 83 -21.29 -2.47 1.29
CA PRO A 83 -22.26 -2.72 2.36
C PRO A 83 -22.53 -4.20 2.56
N ASP A 84 -22.16 -5.01 1.57
CA ASP A 84 -22.37 -6.45 1.64
C ASP A 84 -21.03 -7.19 1.72
N CYS A 85 -20.19 -6.77 2.68
CA CYS A 85 -18.89 -7.39 2.85
C CYS A 85 -18.48 -7.37 4.32
N TRP A 86 -17.30 -7.93 4.61
CA TRP A 86 -16.79 -7.96 5.97
C TRP A 86 -17.80 -8.61 6.92
N LYS A 87 -18.38 -9.72 6.47
CA LYS A 87 -19.37 -10.44 7.27
C LYS A 87 -18.69 -11.17 8.43
N GLY A 1 -0.04 -24.40 4.06
CA GLY A 1 -1.31 -23.80 3.73
C GLY A 1 -1.62 -22.59 4.58
N SER A 2 -2.90 -22.37 4.86
CA SER A 2 -3.33 -21.23 5.66
C SER A 2 -4.66 -21.50 6.34
N SER A 3 -5.01 -20.66 7.31
CA SER A 3 -6.26 -20.82 8.04
C SER A 3 -7.39 -20.04 7.37
N GLY A 4 -8.51 -20.71 7.12
CA GLY A 4 -9.65 -20.06 6.49
C GLY A 4 -10.88 -20.93 6.48
N SER A 5 -12.02 -20.34 6.16
CA SER A 5 -13.29 -21.06 6.13
C SER A 5 -13.99 -20.87 4.79
N SER A 6 -14.21 -21.97 4.08
CA SER A 6 -14.88 -21.92 2.78
C SER A 6 -16.39 -21.79 2.95
N GLY A 7 -17.03 -21.19 1.94
CA GLY A 7 -18.48 -21.00 2.01
C GLY A 7 -18.86 -19.74 2.74
N GLY A 8 -19.76 -19.88 3.71
CA GLY A 8 -20.20 -18.73 4.49
C GLY A 8 -21.25 -19.10 5.52
N THR A 9 -21.05 -18.63 6.76
CA THR A 9 -21.99 -18.91 7.83
C THR A 9 -22.28 -17.66 8.65
N VAL A 10 -23.55 -17.43 8.94
CA VAL A 10 -23.96 -16.27 9.73
C VAL A 10 -23.59 -16.43 11.19
N SER A 11 -23.10 -15.34 11.79
CA SER A 11 -22.69 -15.37 13.19
C SER A 11 -23.11 -14.08 13.90
N ALA A 12 -23.10 -14.11 15.23
CA ALA A 12 -23.48 -12.94 16.02
C ALA A 12 -22.43 -11.84 15.90
N THR A 13 -21.17 -12.24 15.77
CA THR A 13 -20.07 -11.28 15.66
C THR A 13 -19.53 -11.24 14.24
N SER A 14 -19.08 -10.06 13.82
CA SER A 14 -18.54 -9.89 12.47
C SER A 14 -17.07 -9.47 12.53
N PRO A 15 -16.21 -10.43 12.89
CA PRO A 15 -14.76 -10.20 12.99
C PRO A 15 -14.11 -9.98 11.63
N ASN A 16 -12.80 -9.74 11.63
CA ASN A 16 -12.06 -9.51 10.40
C ASN A 16 -11.12 -10.68 10.10
N LYS A 17 -11.19 -11.19 8.88
CA LYS A 17 -10.35 -12.31 8.47
C LYS A 17 -9.50 -11.93 7.26
N CYS A 18 -10.12 -11.27 6.29
CA CYS A 18 -9.42 -10.85 5.09
C CYS A 18 -8.24 -9.95 5.42
N LYS A 19 -7.51 -9.53 4.39
CA LYS A 19 -6.35 -8.67 4.57
C LYS A 19 -6.78 -7.21 4.72
N ARG A 20 -6.09 -6.47 5.58
CA ARG A 20 -6.39 -5.07 5.81
C ARG A 20 -6.38 -4.29 4.50
N PRO A 21 -7.02 -3.11 4.51
CA PRO A 21 -7.11 -2.24 3.33
C PRO A 21 -5.76 -1.61 2.98
N MET A 22 -5.77 -0.74 1.99
CA MET A 22 -4.55 -0.06 1.56
C MET A 22 -4.07 0.93 2.61
N ASN A 23 -3.23 0.46 3.53
CA ASN A 23 -2.70 1.30 4.60
C ASN A 23 -1.96 2.50 4.03
N ALA A 24 -1.41 3.33 4.91
CA ALA A 24 -0.68 4.51 4.49
C ALA A 24 0.53 4.14 3.64
N PHE A 25 1.37 3.26 4.16
CA PHE A 25 2.57 2.82 3.45
C PHE A 25 2.21 2.31 2.06
N MET A 26 1.13 1.55 1.97
CA MET A 26 0.69 1.00 0.69
C MET A 26 0.56 2.10 -0.36
N LEU A 27 -0.03 3.22 0.04
CA LEU A 27 -0.21 4.35 -0.87
C LEU A 27 1.13 4.89 -1.35
N PHE A 28 2.15 4.76 -0.50
CA PHE A 28 3.49 5.22 -0.85
C PHE A 28 4.17 4.27 -1.82
N ALA A 29 4.34 3.02 -1.39
CA ALA A 29 4.97 2.01 -2.23
C ALA A 29 4.25 1.86 -3.56
N LYS A 30 2.94 2.12 -3.54
CA LYS A 30 2.13 2.01 -4.75
C LYS A 30 2.41 3.17 -5.71
N LYS A 31 2.21 4.39 -5.22
CA LYS A 31 2.46 5.58 -6.03
C LYS A 31 3.91 5.64 -6.49
N TYR A 32 4.80 5.01 -5.72
CA TYR A 32 6.21 5.00 -6.05
C TYR A 32 6.62 3.66 -6.65
N ARG A 33 5.62 2.83 -6.95
CA ARG A 33 5.88 1.51 -7.53
C ARG A 33 6.46 1.65 -8.94
N VAL A 34 5.65 2.16 -9.86
CA VAL A 34 6.09 2.34 -11.24
C VAL A 34 7.33 3.21 -11.31
N GLU A 35 7.45 4.15 -10.38
CA GLU A 35 8.59 5.05 -10.34
C GLU A 35 9.89 4.28 -10.09
N TYR A 36 9.78 3.18 -9.37
CA TYR A 36 10.93 2.35 -9.05
C TYR A 36 11.12 1.24 -10.09
N THR A 37 10.01 0.85 -10.73
CA THR A 37 10.06 -0.19 -11.74
C THR A 37 10.93 0.22 -12.93
N GLN A 38 10.82 1.49 -13.31
CA GLN A 38 11.59 2.00 -14.44
C GLN A 38 12.96 2.48 -13.98
N MET A 39 13.05 2.91 -12.73
CA MET A 39 14.30 3.38 -12.16
C MET A 39 15.26 2.22 -11.90
N TYR A 40 14.71 1.09 -11.47
CA TYR A 40 15.51 -0.08 -11.18
C TYR A 40 14.92 -1.33 -11.85
N PRO A 41 15.03 -1.37 -13.18
CA PRO A 41 14.52 -2.50 -13.98
C PRO A 41 15.32 -3.77 -13.76
N GLY A 42 16.60 -3.62 -13.45
CA GLY A 42 17.46 -4.76 -13.23
C GLY A 42 17.26 -5.38 -11.86
N LYS A 43 16.76 -4.58 -10.92
CA LYS A 43 16.53 -5.04 -9.55
C LYS A 43 15.23 -5.83 -9.47
N ASP A 44 15.15 -6.74 -8.50
CA ASP A 44 13.96 -7.56 -8.31
C ASP A 44 12.93 -6.82 -7.45
N ASN A 45 11.69 -7.30 -7.49
CA ASN A 45 10.61 -6.68 -6.72
C ASN A 45 10.96 -6.61 -5.24
N ARG A 46 11.50 -7.71 -4.72
CA ARG A 46 11.90 -7.77 -3.32
C ARG A 46 12.82 -6.62 -2.96
N ALA A 47 13.57 -6.14 -3.95
CA ALA A 47 14.50 -5.04 -3.73
C ALA A 47 13.79 -3.70 -3.79
N ILE A 48 12.88 -3.56 -4.75
CA ILE A 48 12.13 -2.32 -4.93
C ILE A 48 11.40 -1.94 -3.64
N SER A 49 10.84 -2.95 -2.97
CA SER A 49 10.11 -2.73 -1.73
C SER A 49 11.05 -2.26 -0.62
N VAL A 50 12.19 -2.93 -0.49
CA VAL A 50 13.17 -2.57 0.53
C VAL A 50 13.63 -1.13 0.38
N ILE A 51 14.02 -0.77 -0.84
CA ILE A 51 14.48 0.59 -1.12
C ILE A 51 13.37 1.60 -0.90
N LEU A 52 12.12 1.17 -1.12
CA LEU A 52 10.97 2.05 -0.93
C LEU A 52 10.76 2.36 0.55
N GLY A 53 10.78 1.31 1.37
CA GLY A 53 10.60 1.49 2.80
C GLY A 53 11.57 2.49 3.40
N ASP A 54 12.84 2.38 3.01
CA ASP A 54 13.87 3.28 3.51
C ASP A 54 13.45 4.74 3.35
N ARG A 55 12.91 5.06 2.17
CA ARG A 55 12.48 6.43 1.88
C ARG A 55 11.32 6.83 2.78
N TRP A 56 10.48 5.86 3.13
CA TRP A 56 9.32 6.11 3.99
C TRP A 56 9.76 6.32 5.43
N LYS A 57 10.91 5.76 5.79
CA LYS A 57 11.44 5.89 7.14
C LYS A 57 12.26 7.17 7.28
N LYS A 58 12.80 7.66 6.17
CA LYS A 58 13.59 8.88 6.17
C LYS A 58 12.70 10.11 6.12
N MET A 59 11.52 9.95 5.53
CA MET A 59 10.58 11.05 5.42
C MET A 59 10.21 11.60 6.79
N LYS A 60 9.42 12.67 6.81
CA LYS A 60 8.99 13.29 8.06
C LYS A 60 7.59 12.83 8.45
N ASN A 61 7.03 13.44 9.49
CA ASN A 61 5.70 13.10 9.96
C ASN A 61 4.63 13.60 8.98
N GLU A 62 4.82 14.83 8.50
CA GLU A 62 3.88 15.43 7.56
C GLU A 62 4.03 14.81 6.17
N GLU A 63 5.26 14.48 5.80
CA GLU A 63 5.54 13.89 4.50
C GLU A 63 4.76 12.59 4.32
N ARG A 64 4.43 11.95 5.45
CA ARG A 64 3.69 10.69 5.41
C ARG A 64 2.21 10.93 5.68
N ARG A 65 1.90 12.02 6.37
CA ARG A 65 0.51 12.36 6.69
C ARG A 65 -0.35 12.35 5.43
N MET A 66 0.21 12.84 4.33
CA MET A 66 -0.51 12.89 3.06
C MET A 66 -1.10 11.52 2.72
N TYR A 67 -0.40 10.46 3.12
CA TYR A 67 -0.85 9.10 2.86
C TYR A 67 -1.62 8.54 4.06
N THR A 68 -1.21 8.94 5.26
CA THR A 68 -1.86 8.47 6.48
C THR A 68 -3.36 8.78 6.46
N LEU A 69 -3.69 10.05 6.43
CA LEU A 69 -5.09 10.48 6.40
C LEU A 69 -5.79 10.00 5.13
N GLU A 70 -5.09 10.13 4.00
CA GLU A 70 -5.64 9.70 2.72
C GLU A 70 -6.09 8.25 2.78
N ALA A 71 -5.14 7.35 3.03
CA ALA A 71 -5.45 5.93 3.11
C ALA A 71 -6.61 5.67 4.06
N LYS A 72 -6.66 6.42 5.15
CA LYS A 72 -7.73 6.26 6.14
C LYS A 72 -9.09 6.53 5.51
N ALA A 73 -9.26 7.72 4.96
CA ALA A 73 -10.52 8.10 4.33
C ALA A 73 -10.93 7.07 3.28
N LEU A 74 -9.97 6.57 2.53
CA LEU A 74 -10.23 5.58 1.50
C LEU A 74 -10.53 4.21 2.11
N ALA A 75 -10.03 3.99 3.32
CA ALA A 75 -10.26 2.74 4.02
C ALA A 75 -11.67 2.68 4.60
N GLU A 76 -12.25 3.85 4.86
CA GLU A 76 -13.60 3.92 5.41
C GLU A 76 -14.63 4.13 4.30
N GLU A 77 -14.31 5.01 3.36
CA GLU A 77 -15.21 5.31 2.26
C GLU A 77 -15.62 4.03 1.54
N GLN A 78 -14.67 3.12 1.38
CA GLN A 78 -14.93 1.84 0.71
C GLN A 78 -16.06 1.08 1.40
N LYS A 79 -16.21 1.33 2.70
CA LYS A 79 -17.25 0.66 3.48
C LYS A 79 -18.61 1.31 3.23
N ARG A 80 -18.61 2.62 3.08
CA ARG A 80 -19.84 3.37 2.84
C ARG A 80 -20.41 3.04 1.46
N LEU A 81 -19.53 2.85 0.49
CA LEU A 81 -19.94 2.53 -0.87
C LEU A 81 -20.53 1.12 -0.95
N ASN A 82 -20.02 0.22 -0.10
CA ASN A 82 -20.49 -1.15 -0.07
C ASN A 82 -21.01 -1.52 1.31
N PRO A 83 -22.19 -0.98 1.66
CA PRO A 83 -22.83 -1.24 2.95
C PRO A 83 -23.33 -2.68 3.07
N ASP A 84 -23.65 -3.28 1.93
CA ASP A 84 -24.15 -4.65 1.92
C ASP A 84 -23.14 -5.59 1.27
N CYS A 85 -22.18 -6.06 2.06
CA CYS A 85 -21.16 -6.97 1.57
C CYS A 85 -21.65 -8.41 1.57
N TRP A 86 -20.86 -9.30 0.98
CA TRP A 86 -21.22 -10.72 0.91
C TRP A 86 -20.88 -11.42 2.21
N LYS A 87 -20.30 -10.68 3.15
CA LYS A 87 -19.94 -11.24 4.45
C LYS A 87 -20.73 -10.58 5.57
N GLY A 1 -4.12 1.59 14.55
CA GLY A 1 -2.75 1.95 14.84
C GLY A 1 -1.77 0.87 14.43
N SER A 2 -1.93 -0.32 15.01
CA SER A 2 -1.05 -1.44 14.71
C SER A 2 -1.75 -2.78 14.98
N SER A 3 -1.78 -3.64 13.97
CA SER A 3 -2.42 -4.94 14.10
C SER A 3 -1.83 -5.94 13.11
N GLY A 4 -2.37 -7.16 13.11
CA GLY A 4 -1.88 -8.18 12.21
C GLY A 4 -0.59 -8.81 12.70
N SER A 5 0.17 -9.38 11.76
CA SER A 5 1.44 -10.03 12.11
C SER A 5 2.54 -9.61 11.13
N SER A 6 3.79 -9.86 11.52
CA SER A 6 4.92 -9.49 10.69
C SER A 6 5.77 -10.73 10.38
N GLY A 7 6.73 -10.57 9.46
CA GLY A 7 7.58 -11.66 9.08
C GLY A 7 7.71 -11.81 7.57
N GLY A 8 8.02 -13.02 7.12
CA GLY A 8 8.17 -13.27 5.69
C GLY A 8 6.84 -13.23 4.96
N THR A 9 6.59 -12.12 4.26
CA THR A 9 5.36 -11.95 3.51
C THR A 9 5.55 -12.27 2.04
N VAL A 10 6.40 -13.26 1.76
CA VAL A 10 6.68 -13.66 0.39
C VAL A 10 5.86 -14.88 -0.01
N SER A 11 4.92 -14.67 -0.93
CA SER A 11 4.06 -15.75 -1.39
C SER A 11 3.34 -15.36 -2.68
N ALA A 12 2.94 -16.36 -3.45
CA ALA A 12 2.23 -16.12 -4.71
C ALA A 12 0.76 -16.48 -4.59
N THR A 13 0.48 -17.61 -3.94
CA THR A 13 -0.90 -18.07 -3.77
C THR A 13 -1.74 -17.02 -3.04
N SER A 14 -2.70 -16.45 -3.76
CA SER A 14 -3.57 -15.44 -3.19
C SER A 14 -4.71 -15.08 -4.16
N PRO A 15 -5.78 -14.48 -3.62
CA PRO A 15 -6.94 -14.08 -4.42
C PRO A 15 -6.63 -12.91 -5.35
N ASN A 16 -7.19 -12.96 -6.55
CA ASN A 16 -6.97 -11.90 -7.54
C ASN A 16 -7.39 -10.54 -6.98
N LYS A 17 -8.64 -10.45 -6.56
CA LYS A 17 -9.18 -9.21 -6.01
C LYS A 17 -8.32 -8.73 -4.83
N CYS A 18 -8.21 -7.42 -4.69
CA CYS A 18 -7.42 -6.83 -3.61
C CYS A 18 -8.00 -7.21 -2.24
N LYS A 19 -7.14 -7.39 -1.26
CA LYS A 19 -7.56 -7.75 0.08
C LYS A 19 -7.17 -6.67 1.09
N ARG A 20 -7.99 -6.51 2.12
CA ARG A 20 -7.73 -5.51 3.15
C ARG A 20 -7.77 -4.10 2.57
N PRO A 21 -7.95 -3.10 3.43
CA PRO A 21 -8.00 -1.69 3.03
C PRO A 21 -6.65 -1.17 2.56
N MET A 22 -6.67 -0.16 1.71
CA MET A 22 -5.45 0.44 1.18
C MET A 22 -4.74 1.26 2.25
N ASN A 23 -3.85 0.61 2.99
CA ASN A 23 -3.11 1.29 4.05
C ASN A 23 -2.31 2.46 3.50
N ALA A 24 -1.76 3.27 4.40
CA ALA A 24 -0.97 4.44 4.00
C ALA A 24 0.26 4.02 3.21
N PHE A 25 1.03 3.08 3.76
CA PHE A 25 2.24 2.60 3.11
C PHE A 25 1.94 2.14 1.68
N MET A 26 0.81 1.45 1.52
CA MET A 26 0.41 0.95 0.21
C MET A 26 0.43 2.07 -0.83
N LEU A 27 -0.13 3.22 -0.47
CA LEU A 27 -0.17 4.36 -1.37
C LEU A 27 1.24 4.82 -1.75
N PHE A 28 2.17 4.69 -0.81
CA PHE A 28 3.55 5.09 -1.05
C PHE A 28 4.24 4.10 -2.01
N ALA A 29 4.32 2.85 -1.58
CA ALA A 29 4.95 1.81 -2.40
C ALA A 29 4.35 1.78 -3.80
N LYS A 30 3.09 2.17 -3.91
CA LYS A 30 2.40 2.19 -5.20
C LYS A 30 2.76 3.45 -5.98
N LYS A 31 2.50 4.61 -5.38
CA LYS A 31 2.80 5.89 -6.02
C LYS A 31 4.27 5.98 -6.41
N TYR A 32 5.11 5.24 -5.70
CA TYR A 32 6.54 5.23 -5.96
C TYR A 32 6.97 3.93 -6.63
N ARG A 33 5.99 3.12 -7.01
CA ARG A 33 6.26 1.84 -7.65
C ARG A 33 6.99 2.04 -8.98
N VAL A 34 6.27 2.55 -9.97
CA VAL A 34 6.85 2.79 -11.29
C VAL A 34 8.08 3.67 -11.19
N GLU A 35 8.11 4.53 -10.18
CA GLU A 35 9.23 5.44 -9.97
C GLU A 35 10.54 4.65 -9.80
N TYR A 36 10.45 3.53 -9.10
CA TYR A 36 11.62 2.70 -8.85
C TYR A 36 11.72 1.58 -9.88
N THR A 37 10.58 1.19 -10.44
CA THR A 37 10.53 0.14 -11.45
C THR A 37 11.32 0.54 -12.70
N GLN A 38 11.36 1.84 -12.97
CA GLN A 38 12.08 2.34 -14.13
C GLN A 38 13.47 2.85 -13.74
N MET A 39 13.61 3.27 -12.49
CA MET A 39 14.89 3.77 -11.99
C MET A 39 15.85 2.62 -11.70
N TYR A 40 15.31 1.51 -11.23
CA TYR A 40 16.12 0.34 -10.91
C TYR A 40 15.63 -0.89 -11.66
N PRO A 41 15.81 -0.87 -13.00
CA PRO A 41 15.38 -1.98 -13.86
C PRO A 41 16.23 -3.23 -13.66
N GLY A 42 17.40 -3.05 -13.05
CA GLY A 42 18.30 -4.17 -12.80
C GLY A 42 17.91 -4.97 -11.59
N LYS A 43 17.12 -4.37 -10.70
CA LYS A 43 16.67 -5.02 -9.48
C LYS A 43 15.32 -5.69 -9.70
N ASP A 44 14.83 -6.38 -8.67
CA ASP A 44 13.55 -7.07 -8.74
C ASP A 44 12.57 -6.49 -7.73
N ASN A 45 11.30 -6.86 -7.86
CA ASN A 45 10.26 -6.37 -6.97
C ASN A 45 10.65 -6.59 -5.51
N ARG A 46 11.27 -7.73 -5.23
CA ARG A 46 11.70 -8.06 -3.88
C ARG A 46 12.61 -6.97 -3.32
N ALA A 47 13.37 -6.34 -4.20
CA ALA A 47 14.29 -5.27 -3.80
C ALA A 47 13.58 -3.93 -3.74
N ILE A 48 12.77 -3.65 -4.75
CA ILE A 48 12.03 -2.39 -4.81
C ILE A 48 11.26 -2.15 -3.51
N SER A 49 10.59 -3.18 -3.02
CA SER A 49 9.82 -3.07 -1.79
C SER A 49 10.72 -2.74 -0.61
N VAL A 50 11.86 -3.41 -0.54
CA VAL A 50 12.82 -3.18 0.55
C VAL A 50 13.33 -1.74 0.54
N ILE A 51 13.76 -1.28 -0.63
CA ILE A 51 14.27 0.07 -0.78
C ILE A 51 13.17 1.11 -0.54
N LEU A 52 11.95 0.76 -0.94
CA LEU A 52 10.82 1.65 -0.76
C LEU A 52 10.52 1.88 0.72
N GLY A 53 10.44 0.79 1.47
CA GLY A 53 10.17 0.88 2.89
C GLY A 53 11.12 1.82 3.61
N ASP A 54 12.41 1.67 3.33
CA ASP A 54 13.43 2.50 3.95
C ASP A 54 13.10 3.99 3.77
N ARG A 55 12.75 4.36 2.55
CA ARG A 55 12.41 5.75 2.24
C ARG A 55 11.26 6.23 3.12
N TRP A 56 10.30 5.36 3.36
CA TRP A 56 9.14 5.70 4.18
C TRP A 56 9.56 5.99 5.62
N LYS A 57 10.68 5.40 6.03
CA LYS A 57 11.20 5.60 7.38
C LYS A 57 11.98 6.91 7.47
N LYS A 58 12.65 7.26 6.39
CA LYS A 58 13.44 8.49 6.34
C LYS A 58 12.55 9.71 6.25
N MET A 59 11.43 9.57 5.54
CA MET A 59 10.48 10.68 5.38
C MET A 59 10.05 11.23 6.74
N LYS A 60 9.41 12.39 6.72
CA LYS A 60 8.95 13.02 7.95
C LYS A 60 7.49 12.68 8.22
N ASN A 61 6.92 13.33 9.23
CA ASN A 61 5.52 13.09 9.60
C ASN A 61 4.58 13.58 8.49
N GLU A 62 4.76 14.83 8.07
CA GLU A 62 3.93 15.41 7.03
C GLU A 62 4.15 14.70 5.69
N GLU A 63 5.40 14.31 5.44
CA GLU A 63 5.73 13.62 4.20
C GLU A 63 4.91 12.36 4.04
N ARG A 64 4.47 11.79 5.17
CA ARG A 64 3.67 10.57 5.14
C ARG A 64 2.19 10.89 5.36
N ARG A 65 1.92 12.01 6.03
CA ARG A 65 0.55 12.42 6.30
C ARG A 65 -0.27 12.44 5.01
N MET A 66 0.34 12.88 3.92
CA MET A 66 -0.33 12.94 2.63
C MET A 66 -0.99 11.61 2.29
N TYR A 67 -0.34 10.52 2.70
CA TYR A 67 -0.86 9.18 2.44
C TYR A 67 -1.70 8.68 3.61
N THR A 68 -1.31 9.09 4.82
CA THR A 68 -2.03 8.68 6.03
C THR A 68 -3.51 9.04 5.94
N LEU A 69 -3.79 10.34 5.91
CA LEU A 69 -5.16 10.83 5.82
C LEU A 69 -5.84 10.33 4.55
N GLU A 70 -5.13 10.42 3.43
CA GLU A 70 -5.67 9.97 2.15
C GLU A 70 -6.19 8.55 2.25
N ALA A 71 -5.30 7.62 2.61
CA ALA A 71 -5.67 6.22 2.73
C ALA A 71 -6.86 6.04 3.67
N LYS A 72 -6.88 6.85 4.73
CA LYS A 72 -7.97 6.79 5.70
C LYS A 72 -9.32 7.02 5.04
N ALA A 73 -9.47 8.17 4.38
CA ALA A 73 -10.70 8.50 3.69
C ALA A 73 -11.13 7.39 2.75
N LEU A 74 -10.15 6.79 2.07
CA LEU A 74 -10.42 5.71 1.13
C LEU A 74 -10.78 4.42 1.86
N ALA A 75 -10.30 4.29 3.10
CA ALA A 75 -10.56 3.12 3.91
C ALA A 75 -11.95 3.20 4.55
N GLU A 76 -12.39 4.42 4.83
CA GLU A 76 -13.70 4.63 5.45
C GLU A 76 -14.78 4.79 4.38
N GLU A 77 -14.37 5.18 3.18
CA GLU A 77 -15.32 5.36 2.07
C GLU A 77 -15.67 4.02 1.44
N GLN A 78 -14.79 3.04 1.58
CA GLN A 78 -15.01 1.72 1.02
C GLN A 78 -15.83 0.86 1.97
N LYS A 79 -15.67 1.09 3.26
CA LYS A 79 -16.39 0.34 4.28
C LYS A 79 -17.84 0.84 4.40
N ARG A 80 -18.03 2.12 4.12
CA ARG A 80 -19.35 2.73 4.21
C ARG A 80 -20.19 2.37 2.98
N LEU A 81 -19.53 2.23 1.84
CA LEU A 81 -20.21 1.89 0.60
C LEU A 81 -20.79 0.47 0.67
N ASN A 82 -20.18 -0.36 1.49
CA ASN A 82 -20.64 -1.74 1.65
C ASN A 82 -21.06 -2.01 3.09
N PRO A 83 -22.22 -1.45 3.49
CA PRO A 83 -22.76 -1.62 4.84
C PRO A 83 -23.25 -3.03 5.09
N ASP A 84 -23.84 -3.65 4.07
CA ASP A 84 -24.35 -5.00 4.19
C ASP A 84 -25.42 -5.10 5.27
N CYS A 85 -26.28 -4.08 5.32
CA CYS A 85 -27.35 -4.04 6.31
C CYS A 85 -28.49 -3.14 5.85
N TRP A 86 -29.69 -3.41 6.34
CA TRP A 86 -30.87 -2.62 5.97
C TRP A 86 -30.93 -1.33 6.78
N LYS A 87 -29.96 -1.15 7.68
CA LYS A 87 -29.91 0.03 8.52
C LYS A 87 -29.91 1.31 7.67
N GLY A 1 -48.69 -2.72 5.76
CA GLY A 1 -47.66 -3.47 6.46
C GLY A 1 -46.42 -3.67 5.61
N SER A 2 -45.40 -2.86 5.84
CA SER A 2 -44.16 -2.95 5.10
C SER A 2 -43.26 -4.05 5.64
N SER A 3 -42.47 -4.65 4.77
CA SER A 3 -41.57 -5.73 5.16
C SER A 3 -40.12 -5.35 4.89
N GLY A 4 -39.21 -6.28 5.18
CA GLY A 4 -37.80 -6.03 4.96
C GLY A 4 -37.17 -5.25 6.10
N SER A 5 -36.41 -4.22 5.76
CA SER A 5 -35.75 -3.39 6.76
C SER A 5 -35.51 -1.98 6.24
N SER A 6 -35.27 -1.05 7.16
CA SER A 6 -35.04 0.34 6.79
C SER A 6 -33.64 0.79 7.20
N GLY A 7 -32.77 0.97 6.22
CA GLY A 7 -31.41 1.40 6.50
C GLY A 7 -30.50 1.29 5.29
N GLY A 8 -29.22 1.58 5.49
CA GLY A 8 -28.27 1.52 4.39
C GLY A 8 -27.28 2.67 4.41
N THR A 9 -27.79 3.89 4.43
CA THR A 9 -26.94 5.07 4.45
C THR A 9 -26.13 5.14 5.73
N VAL A 10 -26.71 4.65 6.82
CA VAL A 10 -26.04 4.65 8.12
C VAL A 10 -24.73 3.89 8.06
N SER A 11 -23.68 4.48 8.64
CA SER A 11 -22.36 3.85 8.65
C SER A 11 -22.29 2.76 9.71
N ALA A 12 -22.64 1.54 9.31
CA ALA A 12 -22.61 0.40 10.22
C ALA A 12 -21.40 -0.48 9.96
N THR A 13 -20.61 -0.69 11.01
CA THR A 13 -19.41 -1.51 10.89
C THR A 13 -19.76 -2.98 10.70
N SER A 14 -19.66 -3.45 9.45
CA SER A 14 -19.97 -4.83 9.12
C SER A 14 -18.70 -5.60 8.78
N PRO A 15 -18.78 -6.94 8.86
CA PRO A 15 -17.66 -7.83 8.56
C PRO A 15 -17.31 -7.84 7.06
N ASN A 16 -16.11 -7.36 6.74
CA ASN A 16 -15.66 -7.31 5.35
C ASN A 16 -14.79 -8.51 5.03
N LYS A 17 -15.19 -9.27 4.02
CA LYS A 17 -14.45 -10.46 3.60
C LYS A 17 -13.27 -10.07 2.71
N CYS A 18 -13.44 -9.00 1.94
CA CYS A 18 -12.39 -8.52 1.05
C CYS A 18 -11.13 -8.15 1.83
N LYS A 19 -9.99 -8.27 1.17
CA LYS A 19 -8.71 -7.94 1.82
C LYS A 19 -8.74 -6.54 2.43
N ARG A 20 -7.98 -6.34 3.50
CA ARG A 20 -7.93 -5.06 4.17
C ARG A 20 -7.64 -3.94 3.17
N PRO A 21 -8.03 -2.70 3.54
CA PRO A 21 -7.81 -1.52 2.70
C PRO A 21 -6.34 -1.14 2.60
N MET A 22 -6.00 -0.38 1.56
CA MET A 22 -4.63 0.06 1.35
C MET A 22 -4.21 1.08 2.41
N ASN A 23 -3.46 0.62 3.40
CA ASN A 23 -3.00 1.49 4.47
C ASN A 23 -2.17 2.66 3.93
N ALA A 24 -1.63 3.47 4.82
CA ALA A 24 -0.82 4.62 4.42
C ALA A 24 0.40 4.17 3.61
N PHE A 25 1.21 3.29 4.19
CA PHE A 25 2.40 2.79 3.52
C PHE A 25 2.05 2.24 2.15
N MET A 26 0.95 1.50 2.07
CA MET A 26 0.51 0.91 0.82
C MET A 26 0.44 1.96 -0.29
N LEU A 27 -0.12 3.12 0.04
CA LEU A 27 -0.23 4.21 -0.93
C LEU A 27 1.15 4.69 -1.38
N PHE A 28 2.12 4.57 -0.49
CA PHE A 28 3.49 4.99 -0.79
C PHE A 28 4.18 3.98 -1.69
N ALA A 29 4.29 2.74 -1.21
CA ALA A 29 4.93 1.68 -1.98
C ALA A 29 4.35 1.59 -3.39
N LYS A 30 3.08 1.94 -3.52
CA LYS A 30 2.40 1.89 -4.81
C LYS A 30 2.74 3.13 -5.64
N LYS A 31 2.50 4.30 -5.06
CA LYS A 31 2.78 5.56 -5.74
C LYS A 31 4.24 5.64 -6.17
N TYR A 32 5.11 4.96 -5.43
CA TYR A 32 6.54 4.96 -5.72
C TYR A 32 6.95 3.65 -6.38
N ARG A 33 5.96 2.83 -6.75
CA ARG A 33 6.21 1.56 -7.38
C ARG A 33 6.81 1.75 -8.77
N VAL A 34 5.99 2.20 -9.71
CA VAL A 34 6.43 2.43 -11.08
C VAL A 34 7.65 3.34 -11.11
N GLU A 35 7.69 4.30 -10.19
CA GLU A 35 8.81 5.24 -10.11
C GLU A 35 10.13 4.51 -9.95
N TYR A 36 10.09 3.40 -9.21
CA TYR A 36 11.30 2.61 -8.98
C TYR A 36 11.41 1.47 -9.99
N THR A 37 10.26 1.03 -10.51
CA THR A 37 10.23 -0.05 -11.48
C THR A 37 11.03 0.30 -12.73
N GLN A 38 11.09 1.60 -13.04
CA GLN A 38 11.82 2.06 -14.21
C GLN A 38 13.21 2.56 -13.81
N MET A 39 13.32 3.08 -12.59
CA MET A 39 14.60 3.59 -12.10
C MET A 39 15.55 2.44 -11.78
N TYR A 40 14.99 1.29 -11.43
CA TYR A 40 15.79 0.12 -11.09
C TYR A 40 15.25 -1.12 -11.81
N PRO A 41 15.48 -1.18 -13.13
CA PRO A 41 15.04 -2.31 -13.95
C PRO A 41 15.83 -3.58 -13.67
N GLY A 42 17.12 -3.42 -13.39
CA GLY A 42 17.97 -4.57 -13.10
C GLY A 42 17.58 -5.26 -11.81
N LYS A 43 16.92 -4.53 -10.92
CA LYS A 43 16.50 -5.07 -9.64
C LYS A 43 15.15 -5.78 -9.76
N ASP A 44 14.83 -6.60 -8.78
CA ASP A 44 13.57 -7.33 -8.78
C ASP A 44 12.54 -6.65 -7.90
N ASN A 45 11.26 -6.97 -8.11
CA ASN A 45 10.18 -6.39 -7.33
C ASN A 45 10.45 -6.52 -5.84
N ARG A 46 10.99 -7.67 -5.44
CA ARG A 46 11.30 -7.92 -4.04
C ARG A 46 12.25 -6.86 -3.49
N ALA A 47 13.10 -6.33 -4.35
CA ALA A 47 14.06 -5.30 -3.95
C ALA A 47 13.40 -3.94 -3.88
N ILE A 48 12.57 -3.63 -4.87
CA ILE A 48 11.87 -2.35 -4.92
C ILE A 48 11.06 -2.12 -3.64
N SER A 49 10.36 -3.15 -3.20
CA SER A 49 9.54 -3.06 -1.98
C SER A 49 10.41 -2.73 -0.78
N VAL A 50 11.58 -3.35 -0.69
CA VAL A 50 12.49 -3.12 0.42
C VAL A 50 13.03 -1.70 0.40
N ILE A 51 13.63 -1.31 -0.73
CA ILE A 51 14.18 0.03 -0.88
C ILE A 51 13.13 1.09 -0.59
N LEU A 52 11.87 0.77 -0.86
CA LEU A 52 10.77 1.69 -0.64
C LEU A 52 10.61 1.99 0.85
N GLY A 53 10.59 0.94 1.66
CA GLY A 53 10.45 1.12 3.09
C GLY A 53 11.45 2.10 3.66
N ASP A 54 12.72 1.93 3.29
CA ASP A 54 13.78 2.82 3.76
C ASP A 54 13.41 4.27 3.53
N ARG A 55 12.92 4.57 2.35
CA ARG A 55 12.53 5.94 2.00
C ARG A 55 11.42 6.44 2.92
N TRP A 56 10.47 5.57 3.21
CA TRP A 56 9.35 5.92 4.08
C TRP A 56 9.83 6.28 5.48
N LYS A 57 11.03 5.80 5.83
CA LYS A 57 11.62 6.06 7.14
C LYS A 57 12.28 7.43 7.17
N LYS A 58 12.84 7.83 6.03
CA LYS A 58 13.51 9.13 5.92
C LYS A 58 12.51 10.27 5.97
N MET A 59 11.38 10.09 5.29
CA MET A 59 10.34 11.11 5.25
C MET A 59 9.93 11.52 6.67
N LYS A 60 9.26 12.66 6.78
CA LYS A 60 8.83 13.18 8.07
C LYS A 60 7.37 12.80 8.34
N ASN A 61 6.91 13.12 9.54
CA ASN A 61 5.53 12.82 9.93
C ASN A 61 4.54 13.49 8.98
N GLU A 62 4.88 14.69 8.52
CA GLU A 62 4.02 15.43 7.62
C GLU A 62 4.09 14.86 6.21
N GLU A 63 5.29 14.47 5.79
CA GLU A 63 5.49 13.90 4.46
C GLU A 63 4.68 12.62 4.29
N ARG A 64 4.37 11.97 5.41
CA ARG A 64 3.60 10.74 5.38
C ARG A 64 2.10 11.02 5.56
N ARG A 65 1.80 12.15 6.19
CA ARG A 65 0.41 12.53 6.42
C ARG A 65 -0.40 12.47 5.13
N MET A 66 0.22 12.89 4.02
CA MET A 66 -0.45 12.89 2.73
C MET A 66 -1.05 11.52 2.43
N TYR A 67 -0.40 10.47 2.92
CA TYR A 67 -0.88 9.11 2.72
C TYR A 67 -1.72 8.64 3.89
N THR A 68 -1.31 9.02 5.10
CA THR A 68 -2.03 8.63 6.31
C THR A 68 -3.49 9.02 6.22
N LEU A 69 -3.75 10.33 6.12
CA LEU A 69 -5.12 10.83 6.04
C LEU A 69 -5.81 10.32 4.78
N GLU A 70 -5.11 10.40 3.65
CA GLU A 70 -5.66 9.93 2.38
C GLU A 70 -6.19 8.50 2.51
N ALA A 71 -5.31 7.58 2.88
CA ALA A 71 -5.68 6.18 3.03
C ALA A 71 -6.86 6.03 3.99
N LYS A 72 -6.88 6.85 5.03
CA LYS A 72 -7.96 6.82 6.01
C LYS A 72 -9.30 7.13 5.36
N ALA A 73 -9.38 8.30 4.73
CA ALA A 73 -10.61 8.73 4.07
C ALA A 73 -11.08 7.68 3.06
N LEU A 74 -10.13 7.07 2.36
CA LEU A 74 -10.45 6.06 1.36
C LEU A 74 -10.86 4.75 2.04
N ALA A 75 -10.35 4.51 3.24
CA ALA A 75 -10.66 3.31 3.99
C ALA A 75 -12.05 3.40 4.63
N GLU A 76 -12.50 4.63 4.88
CA GLU A 76 -13.80 4.86 5.49
C GLU A 76 -14.86 5.12 4.42
N GLU A 77 -14.41 5.62 3.26
CA GLU A 77 -15.32 5.91 2.16
C GLU A 77 -15.59 4.66 1.33
N GLN A 78 -14.65 3.72 1.36
CA GLN A 78 -14.79 2.49 0.60
C GLN A 78 -15.56 1.44 1.39
N LYS A 79 -15.50 1.54 2.72
CA LYS A 79 -16.20 0.60 3.59
C LYS A 79 -17.68 0.93 3.66
N ARG A 80 -18.03 2.19 3.41
CA ARG A 80 -19.41 2.63 3.44
C ARG A 80 -20.13 2.25 2.14
N LEU A 81 -19.35 2.01 1.10
CA LEU A 81 -19.91 1.63 -0.20
C LEU A 81 -20.18 0.13 -0.27
N ASN A 82 -19.39 -0.63 0.48
CA ASN A 82 -19.55 -2.08 0.50
C ASN A 82 -19.89 -2.57 1.91
N PRO A 83 -21.13 -2.27 2.35
CA PRO A 83 -21.61 -2.66 3.67
C PRO A 83 -21.83 -4.17 3.78
N ASP A 84 -22.06 -4.82 2.65
CA ASP A 84 -22.28 -6.25 2.62
C ASP A 84 -23.54 -6.63 3.40
N CYS A 85 -24.56 -5.79 3.31
CA CYS A 85 -25.82 -6.02 4.00
C CYS A 85 -26.86 -6.61 3.05
N TRP A 86 -26.91 -7.93 2.98
CA TRP A 86 -27.87 -8.61 2.12
C TRP A 86 -28.89 -9.39 2.93
N LYS A 87 -29.77 -8.66 3.61
CA LYS A 87 -30.80 -9.27 4.43
C LYS A 87 -32.08 -9.50 3.62
N GLY A 1 13.02 -23.63 -14.00
CA GLY A 1 13.93 -22.52 -14.23
C GLY A 1 15.25 -22.69 -13.49
N SER A 2 15.38 -22.01 -12.36
CA SER A 2 16.60 -22.07 -11.57
C SER A 2 16.36 -21.56 -10.15
N SER A 3 16.47 -22.46 -9.18
CA SER A 3 16.26 -22.10 -7.79
C SER A 3 17.59 -21.79 -7.09
N GLY A 4 17.58 -20.80 -6.22
CA GLY A 4 18.78 -20.42 -5.50
C GLY A 4 19.68 -19.51 -6.31
N SER A 5 20.64 -20.11 -7.03
CA SER A 5 21.56 -19.35 -7.85
C SER A 5 20.82 -18.50 -8.87
N SER A 6 21.47 -17.43 -9.34
CA SER A 6 20.87 -16.54 -10.31
C SER A 6 21.05 -17.07 -11.72
N GLY A 7 20.60 -16.29 -12.71
CA GLY A 7 20.72 -16.71 -14.09
C GLY A 7 19.43 -17.27 -14.65
N GLY A 8 18.51 -16.38 -15.04
CA GLY A 8 17.24 -16.82 -15.58
C GLY A 8 16.09 -15.94 -15.14
N THR A 9 15.96 -14.78 -15.78
CA THR A 9 14.89 -13.84 -15.44
C THR A 9 13.55 -14.30 -16.03
N VAL A 10 12.66 -14.75 -15.15
CA VAL A 10 11.34 -15.21 -15.58
C VAL A 10 10.37 -14.04 -15.74
N SER A 11 10.64 -12.96 -15.02
CA SER A 11 9.79 -11.77 -15.08
C SER A 11 8.33 -12.14 -14.83
N ALA A 12 8.12 -13.19 -14.05
CA ALA A 12 6.77 -13.64 -13.72
C ALA A 12 5.96 -12.52 -13.08
N THR A 13 4.64 -12.70 -13.02
CA THR A 13 3.75 -11.70 -12.44
C THR A 13 3.42 -12.04 -10.99
N SER A 14 2.72 -11.14 -10.33
CA SER A 14 2.34 -11.34 -8.93
C SER A 14 0.82 -11.21 -8.75
N PRO A 15 0.31 -11.75 -7.64
CA PRO A 15 -1.12 -11.71 -7.34
C PRO A 15 -1.60 -10.31 -6.98
N ASN A 16 -2.12 -9.60 -7.97
CA ASN A 16 -2.61 -8.24 -7.77
C ASN A 16 -3.80 -8.23 -6.80
N LYS A 17 -3.64 -7.52 -5.69
CA LYS A 17 -4.70 -7.43 -4.69
C LYS A 17 -5.18 -5.99 -4.54
N CYS A 18 -6.42 -5.74 -4.88
CA CYS A 18 -7.01 -4.41 -4.78
C CYS A 18 -8.16 -4.39 -3.79
N LYS A 19 -8.11 -5.29 -2.81
CA LYS A 19 -9.15 -5.38 -1.79
C LYS A 19 -8.64 -4.88 -0.45
N ARG A 20 -9.54 -4.79 0.52
CA ARG A 20 -9.19 -4.32 1.85
C ARG A 20 -8.70 -2.88 1.81
N PRO A 21 -8.72 -2.21 2.97
CA PRO A 21 -8.27 -0.81 3.09
C PRO A 21 -6.76 -0.67 2.93
N MET A 22 -6.35 0.02 1.86
CA MET A 22 -4.94 0.23 1.59
C MET A 22 -4.34 1.20 2.60
N ASN A 23 -3.55 0.68 3.53
CA ASN A 23 -2.92 1.50 4.55
C ASN A 23 -2.10 2.63 3.91
N ALA A 24 -1.59 3.52 4.75
CA ALA A 24 -0.80 4.65 4.27
C ALA A 24 0.41 4.16 3.47
N PHE A 25 1.04 3.09 3.95
CA PHE A 25 2.21 2.54 3.29
C PHE A 25 1.86 2.06 1.87
N MET A 26 0.69 1.43 1.75
CA MET A 26 0.24 0.92 0.45
C MET A 26 0.22 2.04 -0.60
N LEU A 27 -0.41 3.16 -0.24
CA LEU A 27 -0.50 4.30 -1.14
C LEU A 27 0.89 4.78 -1.55
N PHE A 28 1.87 4.53 -0.70
CA PHE A 28 3.25 4.94 -0.97
C PHE A 28 3.95 3.94 -1.88
N ALA A 29 4.01 2.69 -1.43
CA ALA A 29 4.65 1.64 -2.21
C ALA A 29 3.95 1.45 -3.55
N LYS A 30 2.72 1.92 -3.65
CA LYS A 30 1.95 1.81 -4.88
C LYS A 30 2.23 2.99 -5.81
N LYS A 31 2.49 4.14 -5.22
CA LYS A 31 2.77 5.35 -5.99
C LYS A 31 4.23 5.38 -6.44
N TYR A 32 5.14 5.03 -5.54
CA TYR A 32 6.56 5.01 -5.85
C TYR A 32 6.98 3.65 -6.40
N ARG A 33 6.00 2.81 -6.68
CA ARG A 33 6.28 1.47 -7.21
C ARG A 33 6.99 1.55 -8.55
N VAL A 34 6.32 2.15 -9.53
CA VAL A 34 6.90 2.30 -10.87
C VAL A 34 8.09 3.26 -10.85
N GLU A 35 8.04 4.22 -9.94
CA GLU A 35 9.12 5.21 -9.82
C GLU A 35 10.47 4.52 -9.72
N TYR A 36 10.51 3.39 -9.02
CA TYR A 36 11.75 2.63 -8.84
C TYR A 36 11.86 1.53 -9.89
N THR A 37 10.73 1.14 -10.45
CA THR A 37 10.70 0.09 -11.47
C THR A 37 11.52 0.50 -12.70
N GLN A 38 11.47 1.79 -13.04
CA GLN A 38 12.20 2.30 -14.19
C GLN A 38 13.56 2.86 -13.77
N MET A 39 13.64 3.33 -12.53
CA MET A 39 14.87 3.89 -12.01
C MET A 39 15.87 2.79 -11.68
N TYR A 40 15.36 1.60 -11.37
CA TYR A 40 16.21 0.47 -11.04
C TYR A 40 15.79 -0.78 -11.82
N PRO A 41 16.03 -0.75 -13.14
CA PRO A 41 15.69 -1.87 -14.02
C PRO A 41 16.57 -3.09 -13.79
N GLY A 42 17.71 -2.87 -13.15
CA GLY A 42 18.63 -3.96 -12.87
C GLY A 42 18.26 -4.73 -11.62
N LYS A 43 17.50 -4.09 -10.74
CA LYS A 43 17.08 -4.71 -9.49
C LYS A 43 15.86 -5.60 -9.71
N ASP A 44 15.43 -6.29 -8.66
CA ASP A 44 14.28 -7.17 -8.74
C ASP A 44 13.09 -6.58 -7.98
N ASN A 45 11.90 -7.08 -8.27
CA ASN A 45 10.69 -6.60 -7.61
C ASN A 45 10.84 -6.67 -6.09
N ARG A 46 11.37 -7.79 -5.61
CA ARG A 46 11.57 -7.97 -4.17
C ARG A 46 12.47 -6.88 -3.60
N ALA A 47 13.33 -6.32 -4.44
CA ALA A 47 14.24 -5.25 -4.02
C ALA A 47 13.54 -3.91 -4.01
N ILE A 48 12.69 -3.68 -5.02
CA ILE A 48 11.96 -2.42 -5.12
C ILE A 48 11.10 -2.18 -3.89
N SER A 49 10.41 -3.22 -3.44
CA SER A 49 9.55 -3.12 -2.26
C SER A 49 10.36 -2.81 -1.02
N VAL A 50 11.52 -3.44 -0.90
CA VAL A 50 12.40 -3.22 0.25
C VAL A 50 12.92 -1.79 0.28
N ILE A 51 13.50 -1.35 -0.83
CA ILE A 51 14.03 0.01 -0.94
C ILE A 51 12.95 1.05 -0.67
N LEU A 52 11.71 0.69 -0.97
CA LEU A 52 10.58 1.59 -0.77
C LEU A 52 10.33 1.82 0.72
N GLY A 53 10.29 0.73 1.48
CA GLY A 53 10.07 0.83 2.91
C GLY A 53 11.02 1.79 3.59
N ASP A 54 12.31 1.64 3.30
CA ASP A 54 13.33 2.50 3.89
C ASP A 54 12.97 3.98 3.69
N ARG A 55 12.52 4.30 2.48
CA ARG A 55 12.16 5.68 2.15
C ARG A 55 11.03 6.16 3.05
N TRP A 56 10.12 5.26 3.41
CA TRP A 56 9.00 5.60 4.27
C TRP A 56 9.47 5.91 5.69
N LYS A 57 10.62 5.35 6.06
CA LYS A 57 11.17 5.57 7.39
C LYS A 57 12.01 6.85 7.42
N LYS A 58 12.63 7.18 6.28
CA LYS A 58 13.46 8.38 6.19
C LYS A 58 12.59 9.62 6.06
N MET A 59 11.45 9.47 5.40
CA MET A 59 10.53 10.59 5.22
C MET A 59 10.19 11.25 6.55
N LYS A 60 9.46 12.37 6.49
CA LYS A 60 9.07 13.09 7.69
C LYS A 60 7.63 12.78 8.06
N ASN A 61 7.12 13.49 9.06
CA ASN A 61 5.74 13.28 9.52
C ASN A 61 4.74 13.78 8.48
N GLU A 62 5.00 14.98 7.94
CA GLU A 62 4.12 15.57 6.93
C GLU A 62 4.25 14.83 5.61
N GLU A 63 5.47 14.40 5.29
CA GLU A 63 5.72 13.69 4.04
C GLU A 63 4.85 12.44 3.94
N ARG A 64 4.45 11.91 5.09
CA ARG A 64 3.61 10.72 5.13
C ARG A 64 2.14 11.10 5.30
N ARG A 65 1.88 12.27 5.87
CA ARG A 65 0.52 12.73 6.09
C ARG A 65 -0.28 12.68 4.79
N MET A 66 0.37 13.02 3.69
CA MET A 66 -0.29 13.00 2.38
C MET A 66 -0.96 11.66 2.13
N TYR A 67 -0.38 10.59 2.66
CA TYR A 67 -0.93 9.26 2.49
C TYR A 67 -1.79 8.86 3.69
N THR A 68 -1.39 9.33 4.87
CA THR A 68 -2.13 9.03 6.10
C THR A 68 -3.60 9.40 5.95
N LEU A 69 -3.87 10.68 5.75
CA LEU A 69 -5.24 11.17 5.61
C LEU A 69 -5.91 10.53 4.39
N GLU A 70 -5.19 10.51 3.28
CA GLU A 70 -5.72 9.93 2.04
C GLU A 70 -6.24 8.52 2.28
N ALA A 71 -5.37 7.63 2.73
CA ALA A 71 -5.74 6.25 3.00
C ALA A 71 -6.84 6.18 4.05
N LYS A 72 -6.90 7.20 4.91
CA LYS A 72 -7.90 7.25 5.97
C LYS A 72 -9.30 7.32 5.39
N ALA A 73 -9.56 8.35 4.59
CA ALA A 73 -10.86 8.53 3.96
C ALA A 73 -11.29 7.27 3.21
N LEU A 74 -10.33 6.64 2.54
CA LEU A 74 -10.61 5.42 1.77
C LEU A 74 -10.80 4.23 2.71
N ALA A 75 -10.20 4.31 3.89
CA ALA A 75 -10.31 3.24 4.87
C ALA A 75 -11.73 3.16 5.45
N GLU A 76 -12.39 4.31 5.53
CA GLU A 76 -13.75 4.38 6.05
C GLU A 76 -14.78 4.38 4.92
N GLU A 77 -14.48 5.13 3.86
CA GLU A 77 -15.37 5.21 2.72
C GLU A 77 -15.67 3.83 2.15
N GLN A 78 -14.63 3.02 2.02
CA GLN A 78 -14.78 1.67 1.49
C GLN A 78 -15.86 0.90 2.22
N LYS A 79 -16.02 1.21 3.51
CA LYS A 79 -17.03 0.56 4.33
C LYS A 79 -18.42 1.07 4.01
N ARG A 80 -18.55 2.38 3.84
CA ARG A 80 -19.83 3.00 3.52
C ARG A 80 -20.34 2.51 2.17
N LEU A 81 -19.44 2.35 1.21
CA LEU A 81 -19.80 1.89 -0.12
C LEU A 81 -20.17 0.41 -0.10
N ASN A 82 -19.62 -0.31 0.87
CA ASN A 82 -19.90 -1.74 1.00
C ASN A 82 -20.54 -2.05 2.35
N PRO A 83 -21.80 -1.61 2.52
CA PRO A 83 -22.55 -1.83 3.75
C PRO A 83 -22.93 -3.30 3.95
N ASP A 84 -22.95 -4.05 2.85
CA ASP A 84 -23.30 -5.47 2.92
C ASP A 84 -22.34 -6.22 3.82
N CYS A 85 -21.05 -5.97 3.66
CA CYS A 85 -20.02 -6.63 4.46
C CYS A 85 -18.76 -5.77 4.55
N TRP A 86 -18.40 -5.37 5.75
CA TRP A 86 -17.22 -4.55 5.97
C TRP A 86 -15.95 -5.41 5.99
N LYS A 87 -16.14 -6.72 5.83
CA LYS A 87 -15.01 -7.64 5.83
C LYS A 87 -14.25 -7.58 4.50
N GLY A 1 -26.07 -0.92 16.93
CA GLY A 1 -24.81 -0.33 16.51
C GLY A 1 -23.65 -0.73 17.40
N SER A 2 -23.19 -1.97 17.24
CA SER A 2 -22.08 -2.48 18.04
C SER A 2 -20.91 -2.89 17.15
N SER A 3 -20.69 -2.12 16.08
CA SER A 3 -19.61 -2.40 15.16
C SER A 3 -18.25 -2.32 15.85
N GLY A 4 -17.61 -3.47 16.04
CA GLY A 4 -16.33 -3.50 16.69
C GLY A 4 -15.51 -4.73 16.31
N SER A 5 -15.08 -4.80 15.05
CA SER A 5 -14.30 -5.93 14.57
C SER A 5 -12.81 -5.60 14.59
N SER A 6 -11.99 -6.64 14.73
CA SER A 6 -10.55 -6.47 14.77
C SER A 6 -9.94 -6.68 13.38
N GLY A 7 -8.69 -6.24 13.22
CA GLY A 7 -8.01 -6.39 11.94
C GLY A 7 -6.51 -6.46 12.09
N GLY A 8 -6.00 -7.63 12.47
CA GLY A 8 -4.57 -7.81 12.64
C GLY A 8 -4.15 -9.26 12.57
N THR A 9 -2.98 -9.51 12.02
CA THR A 9 -2.46 -10.87 11.90
C THR A 9 -0.93 -10.89 11.88
N VAL A 10 -0.35 -12.00 12.31
CA VAL A 10 1.09 -12.15 12.34
C VAL A 10 1.70 -11.96 10.95
N SER A 11 3.02 -12.09 10.86
CA SER A 11 3.71 -11.94 9.59
C SER A 11 3.87 -13.29 8.89
N ALA A 12 3.23 -13.43 7.74
CA ALA A 12 3.31 -14.67 6.96
C ALA A 12 3.86 -14.42 5.57
N THR A 13 4.89 -15.17 5.19
CA THR A 13 5.51 -15.02 3.88
C THR A 13 4.71 -15.76 2.81
N SER A 14 3.54 -15.23 2.49
CA SER A 14 2.68 -15.83 1.47
C SER A 14 1.45 -14.96 1.21
N PRO A 15 1.69 -13.79 0.61
CA PRO A 15 0.61 -12.84 0.29
C PRO A 15 -0.31 -13.36 -0.83
N ASN A 16 -1.27 -14.19 -0.46
CA ASN A 16 -2.21 -14.75 -1.43
C ASN A 16 -3.50 -15.18 -0.74
N LYS A 17 -4.61 -15.11 -1.47
CA LYS A 17 -5.91 -15.49 -0.94
C LYS A 17 -6.26 -14.65 0.29
N CYS A 18 -5.93 -13.37 0.24
CA CYS A 18 -6.21 -12.47 1.36
C CYS A 18 -6.45 -11.05 0.86
N LYS A 19 -7.48 -10.41 1.40
CA LYS A 19 -7.83 -9.05 1.00
C LYS A 19 -7.74 -8.10 2.20
N ARG A 20 -6.63 -7.37 2.29
CA ARG A 20 -6.43 -6.43 3.39
C ARG A 20 -6.49 -4.99 2.88
N PRO A 21 -6.72 -4.05 3.81
CA PRO A 21 -6.81 -2.62 3.49
C PRO A 21 -5.46 -2.04 3.09
N MET A 22 -5.48 -0.81 2.56
CA MET A 22 -4.26 -0.15 2.14
C MET A 22 -3.89 0.98 3.10
N ASN A 23 -3.05 0.67 4.07
CA ASN A 23 -2.62 1.66 5.06
C ASN A 23 -1.88 2.81 4.39
N ALA A 24 -1.27 3.65 5.21
CA ALA A 24 -0.51 4.80 4.70
C ALA A 24 0.64 4.34 3.82
N PHE A 25 1.43 3.40 4.31
CA PHE A 25 2.57 2.88 3.57
C PHE A 25 2.13 2.35 2.21
N MET A 26 1.00 1.65 2.20
CA MET A 26 0.48 1.08 0.96
C MET A 26 0.39 2.15 -0.14
N LEU A 27 -0.15 3.31 0.22
CA LEU A 27 -0.30 4.41 -0.73
C LEU A 27 1.06 4.85 -1.25
N PHE A 28 2.07 4.81 -0.38
CA PHE A 28 3.42 5.20 -0.76
C PHE A 28 4.04 4.21 -1.73
N ALA A 29 4.19 2.97 -1.27
CA ALA A 29 4.77 1.92 -2.11
C ALA A 29 4.00 1.77 -3.43
N LYS A 30 2.72 2.11 -3.39
CA LYS A 30 1.87 2.02 -4.58
C LYS A 30 2.16 3.18 -5.53
N LYS A 31 1.99 4.40 -5.04
CA LYS A 31 2.23 5.59 -5.84
C LYS A 31 3.65 5.62 -6.38
N TYR A 32 4.55 4.95 -5.67
CA TYR A 32 5.96 4.89 -6.07
C TYR A 32 6.32 3.50 -6.58
N ARG A 33 5.31 2.66 -6.75
CA ARG A 33 5.52 1.30 -7.24
C ARG A 33 6.12 1.31 -8.63
N VAL A 34 5.37 1.82 -9.60
CA VAL A 34 5.84 1.88 -10.98
C VAL A 34 7.03 2.83 -11.12
N GLU A 35 7.04 3.88 -10.31
CA GLU A 35 8.12 4.85 -10.34
C GLU A 35 9.47 4.19 -10.07
N TYR A 36 9.43 3.10 -9.29
CA TYR A 36 10.64 2.37 -8.95
C TYR A 36 10.88 1.22 -9.92
N THR A 37 9.79 0.68 -10.47
CA THR A 37 9.88 -0.42 -11.43
C THR A 37 10.66 -0.01 -12.67
N GLN A 38 10.44 1.22 -13.12
CA GLN A 38 11.13 1.73 -14.30
C GLN A 38 12.48 2.31 -13.94
N MET A 39 12.60 2.81 -12.72
CA MET A 39 13.85 3.40 -12.24
C MET A 39 14.89 2.31 -11.97
N TYR A 40 14.43 1.16 -11.47
CA TYR A 40 15.32 0.05 -11.17
C TYR A 40 14.80 -1.24 -11.81
N PRO A 41 14.89 -1.33 -13.13
CA PRO A 41 14.45 -2.51 -13.89
C PRO A 41 15.34 -3.72 -13.65
N GLY A 42 16.61 -3.47 -13.36
CA GLY A 42 17.56 -4.54 -13.12
C GLY A 42 17.29 -5.24 -11.80
N LYS A 43 16.68 -4.54 -10.86
CA LYS A 43 16.37 -5.10 -9.55
C LYS A 43 15.03 -5.81 -9.56
N ASP A 44 14.84 -6.74 -8.64
CA ASP A 44 13.60 -7.49 -8.54
C ASP A 44 12.58 -6.76 -7.67
N ASN A 45 11.30 -7.12 -7.83
CA ASN A 45 10.24 -6.50 -7.05
C ASN A 45 10.55 -6.55 -5.56
N ARG A 46 11.09 -7.67 -5.10
CA ARG A 46 11.43 -7.85 -3.70
C ARG A 46 12.39 -6.76 -3.24
N ALA A 47 13.25 -6.31 -4.15
CA ALA A 47 14.22 -5.27 -3.83
C ALA A 47 13.56 -3.89 -3.83
N ILE A 48 12.69 -3.64 -4.79
CA ILE A 48 12.00 -2.37 -4.90
C ILE A 48 11.34 -1.99 -3.58
N SER A 49 10.61 -2.94 -3.00
CA SER A 49 9.93 -2.71 -1.73
C SER A 49 10.92 -2.29 -0.65
N VAL A 50 12.01 -3.03 -0.52
CA VAL A 50 13.03 -2.73 0.47
C VAL A 50 13.52 -1.29 0.33
N ILE A 51 13.87 -0.90 -0.88
CA ILE A 51 14.35 0.45 -1.15
C ILE A 51 13.25 1.48 -0.92
N LEU A 52 12.00 1.05 -1.07
CA LEU A 52 10.85 1.94 -0.87
C LEU A 52 10.65 2.25 0.61
N GLY A 53 10.75 1.22 1.45
CA GLY A 53 10.57 1.40 2.87
C GLY A 53 11.52 2.42 3.45
N ASP A 54 12.79 2.34 3.05
CA ASP A 54 13.81 3.26 3.53
C ASP A 54 13.36 4.71 3.35
N ARG A 55 12.92 5.04 2.14
CA ARG A 55 12.46 6.39 1.83
C ARG A 55 11.29 6.78 2.74
N TRP A 56 10.46 5.81 3.08
CA TRP A 56 9.31 6.05 3.94
C TRP A 56 9.74 6.32 5.38
N LYS A 57 10.91 5.79 5.75
CA LYS A 57 11.44 5.98 7.09
C LYS A 57 12.26 7.25 7.19
N LYS A 58 12.89 7.63 6.07
CA LYS A 58 13.70 8.84 6.03
C LYS A 58 12.82 10.09 6.01
N MET A 59 11.62 9.95 5.47
CA MET A 59 10.68 11.08 5.40
C MET A 59 10.35 11.60 6.80
N LYS A 60 9.57 12.66 6.85
CA LYS A 60 9.17 13.26 8.12
C LYS A 60 7.75 12.86 8.49
N ASN A 61 7.22 13.47 9.55
CA ASN A 61 5.88 13.17 10.01
C ASN A 61 4.84 13.67 9.00
N GLU A 62 4.96 14.94 8.62
CA GLU A 62 4.04 15.54 7.66
C GLU A 62 4.18 14.89 6.29
N GLU A 63 5.42 14.58 5.91
CA GLU A 63 5.68 13.96 4.62
C GLU A 63 4.88 12.68 4.45
N ARG A 64 4.53 12.05 5.57
CA ARG A 64 3.77 10.82 5.55
C ARG A 64 2.29 11.08 5.81
N ARG A 65 2.01 12.19 6.50
CA ARG A 65 0.62 12.57 6.81
C ARG A 65 -0.24 12.57 5.56
N MET A 66 0.34 13.04 4.45
CA MET A 66 -0.37 13.10 3.18
C MET A 66 -1.00 11.75 2.84
N TYR A 67 -0.33 10.68 3.26
CA TYR A 67 -0.81 9.33 2.99
C TYR A 67 -1.61 8.79 4.19
N THR A 68 -1.15 9.13 5.38
CA THR A 68 -1.82 8.69 6.61
C THR A 68 -3.30 9.05 6.58
N LEU A 69 -3.59 10.32 6.32
CA LEU A 69 -4.98 10.79 6.28
C LEU A 69 -5.70 10.24 5.06
N GLU A 70 -5.05 10.34 3.89
CA GLU A 70 -5.64 9.86 2.65
C GLU A 70 -6.09 8.41 2.80
N ALA A 71 -5.16 7.53 3.17
CA ALA A 71 -5.46 6.12 3.35
C ALA A 71 -6.66 5.93 4.27
N LYS A 72 -6.73 6.73 5.32
CA LYS A 72 -7.82 6.65 6.28
C LYS A 72 -9.17 6.91 5.59
N ALA A 73 -9.29 8.06 4.95
CA ALA A 73 -10.52 8.41 4.25
C ALA A 73 -10.92 7.33 3.26
N LEU A 74 -9.93 6.77 2.57
CA LEU A 74 -10.18 5.73 1.59
C LEU A 74 -10.54 4.42 2.27
N ALA A 75 -10.08 4.25 3.50
CA ALA A 75 -10.36 3.04 4.27
C ALA A 75 -11.80 3.03 4.78
N GLU A 76 -12.37 4.22 4.94
CA GLU A 76 -13.73 4.34 5.41
C GLU A 76 -14.71 4.51 4.25
N GLU A 77 -14.33 5.34 3.29
CA GLU A 77 -15.17 5.58 2.12
C GLU A 77 -15.52 4.28 1.41
N GLN A 78 -14.51 3.44 1.21
CA GLN A 78 -14.70 2.16 0.54
C GLN A 78 -15.82 1.35 1.21
N LYS A 79 -16.00 1.59 2.50
CA LYS A 79 -17.04 0.88 3.27
C LYS A 79 -18.43 1.32 2.81
N ARG A 80 -18.56 2.58 2.42
CA ARG A 80 -19.83 3.11 1.96
C ARG A 80 -20.16 2.61 0.56
N LEU A 81 -19.13 2.43 -0.26
CA LEU A 81 -19.31 1.94 -1.62
C LEU A 81 -19.67 0.47 -1.64
N ASN A 82 -18.85 -0.35 -1.01
CA ASN A 82 -19.10 -1.79 -0.94
C ASN A 82 -19.36 -2.23 0.50
N PRO A 83 -20.56 -1.92 1.01
CA PRO A 83 -20.96 -2.28 2.37
C PRO A 83 -21.18 -3.78 2.53
N ASP A 84 -21.94 -4.36 1.61
CA ASP A 84 -22.22 -5.79 1.65
C ASP A 84 -22.72 -6.21 3.03
N CYS A 85 -23.53 -5.35 3.64
CA CYS A 85 -24.08 -5.63 4.97
C CYS A 85 -25.60 -5.50 4.97
N TRP A 86 -26.25 -6.29 5.81
CA TRP A 86 -27.71 -6.26 5.91
C TRP A 86 -28.18 -5.12 6.79
N LYS A 87 -27.22 -4.37 7.33
CA LYS A 87 -27.54 -3.23 8.19
C LYS A 87 -28.48 -2.26 7.49
N GLY A 1 -27.24 0.53 6.94
CA GLY A 1 -26.88 0.71 8.33
C GLY A 1 -25.59 1.49 8.50
N SER A 2 -25.48 2.22 9.61
CA SER A 2 -24.28 3.01 9.88
C SER A 2 -23.26 2.20 10.66
N SER A 3 -22.14 1.90 10.01
CA SER A 3 -21.08 1.11 10.63
C SER A 3 -19.90 2.01 11.00
N GLY A 4 -19.16 1.59 12.03
CA GLY A 4 -18.01 2.37 12.47
C GLY A 4 -16.87 1.49 12.95
N SER A 5 -15.66 1.78 12.47
CA SER A 5 -14.49 1.01 12.85
C SER A 5 -13.24 1.88 12.82
N SER A 6 -12.11 1.32 13.26
CA SER A 6 -10.85 2.03 13.29
C SER A 6 -9.71 1.17 12.75
N GLY A 7 -8.51 1.74 12.69
CA GLY A 7 -7.37 1.01 12.19
C GLY A 7 -6.20 1.92 11.88
N GLY A 8 -5.18 1.37 11.23
CA GLY A 8 -4.00 2.15 10.89
C GLY A 8 -2.75 1.30 10.79
N THR A 9 -1.77 1.58 11.65
CA THR A 9 -0.52 0.84 11.64
C THR A 9 -0.67 -0.50 12.35
N VAL A 10 -0.79 -1.56 11.57
CA VAL A 10 -0.94 -2.91 12.12
C VAL A 10 0.29 -3.75 11.84
N SER A 11 0.81 -4.39 12.89
CA SER A 11 2.00 -5.23 12.77
C SER A 11 1.79 -6.58 13.47
N ALA A 12 2.41 -7.62 12.93
CA ALA A 12 2.29 -8.95 13.50
C ALA A 12 3.37 -9.88 12.95
N THR A 13 3.48 -11.07 13.54
CA THR A 13 4.48 -12.05 13.12
C THR A 13 3.83 -13.20 12.36
N SER A 14 2.83 -13.83 12.99
CA SER A 14 2.12 -14.95 12.38
C SER A 14 1.20 -14.47 11.26
N PRO A 15 0.82 -15.40 10.37
CA PRO A 15 -0.06 -15.09 9.24
C PRO A 15 -1.49 -14.79 9.68
N ASN A 16 -2.29 -14.26 8.77
CA ASN A 16 -3.67 -13.92 9.06
C ASN A 16 -4.51 -13.89 7.78
N LYS A 17 -5.74 -14.41 7.87
CA LYS A 17 -6.64 -14.44 6.72
C LYS A 17 -7.66 -13.31 6.81
N CYS A 18 -7.17 -12.08 6.87
CA CYS A 18 -8.05 -10.92 6.95
C CYS A 18 -7.81 -9.97 5.79
N LYS A 19 -8.86 -9.27 5.37
CA LYS A 19 -8.77 -8.33 4.25
C LYS A 19 -8.95 -6.90 4.74
N ARG A 20 -7.84 -6.16 4.82
CA ARG A 20 -7.88 -4.77 5.26
C ARG A 20 -7.68 -3.82 4.09
N PRO A 21 -8.09 -2.56 4.28
CA PRO A 21 -7.97 -1.52 3.25
C PRO A 21 -6.52 -1.12 2.99
N MET A 22 -6.32 -0.21 2.04
CA MET A 22 -4.98 0.25 1.70
C MET A 22 -4.47 1.26 2.73
N ASN A 23 -3.68 0.79 3.68
CA ASN A 23 -3.13 1.64 4.72
C ASN A 23 -2.34 2.80 4.11
N ALA A 24 -1.79 3.65 4.97
CA ALA A 24 -1.01 4.79 4.53
C ALA A 24 0.22 4.35 3.73
N PHE A 25 1.04 3.49 4.35
CA PHE A 25 2.24 2.99 3.70
C PHE A 25 1.92 2.41 2.32
N MET A 26 0.86 1.61 2.26
CA MET A 26 0.44 0.99 1.01
C MET A 26 0.30 2.02 -0.09
N LEU A 27 -0.39 3.13 0.22
CA LEU A 27 -0.60 4.19 -0.75
C LEU A 27 0.73 4.83 -1.15
N PHE A 28 1.71 4.75 -0.26
CA PHE A 28 3.03 5.32 -0.52
C PHE A 28 3.86 4.39 -1.39
N ALA A 29 4.10 3.18 -0.91
CA ALA A 29 4.88 2.20 -1.64
C ALA A 29 4.27 1.93 -3.02
N LYS A 30 2.95 2.07 -3.11
CA LYS A 30 2.24 1.84 -4.36
C LYS A 30 2.48 2.98 -5.33
N LYS A 31 2.13 4.20 -4.91
CA LYS A 31 2.31 5.38 -5.75
C LYS A 31 3.79 5.56 -6.11
N TYR A 32 4.67 4.98 -5.31
CA TYR A 32 6.10 5.09 -5.54
C TYR A 32 6.68 3.76 -6.02
N ARG A 33 5.79 2.81 -6.33
CA ARG A 33 6.21 1.50 -6.80
C ARG A 33 6.82 1.59 -8.19
N VAL A 34 6.15 2.32 -9.08
CA VAL A 34 6.63 2.48 -10.45
C VAL A 34 7.85 3.39 -10.50
N GLU A 35 7.92 4.34 -9.56
CA GLU A 35 9.04 5.26 -9.50
C GLU A 35 10.37 4.51 -9.51
N TYR A 36 10.41 3.37 -8.83
CA TYR A 36 11.62 2.57 -8.76
C TYR A 36 11.62 1.48 -9.83
N THR A 37 10.42 1.15 -10.32
CA THR A 37 10.27 0.13 -11.35
C THR A 37 11.01 0.52 -12.63
N GLN A 38 11.12 1.83 -12.87
CA GLN A 38 11.79 2.34 -14.05
C GLN A 38 13.17 2.87 -13.70
N MET A 39 13.33 3.35 -12.47
CA MET A 39 14.60 3.89 -12.01
C MET A 39 15.59 2.77 -11.70
N TYR A 40 15.06 1.60 -11.36
CA TYR A 40 15.90 0.45 -11.04
C TYR A 40 15.41 -0.80 -11.77
N PRO A 41 15.59 -0.81 -13.10
CA PRO A 41 15.17 -1.94 -13.94
C PRO A 41 16.04 -3.18 -13.72
N GLY A 42 17.19 -2.99 -13.09
CA GLY A 42 18.09 -4.09 -12.82
C GLY A 42 17.69 -4.87 -11.57
N LYS A 43 16.92 -4.24 -10.71
CA LYS A 43 16.47 -4.87 -9.48
C LYS A 43 15.16 -5.61 -9.69
N ASP A 44 14.89 -6.59 -8.82
CA ASP A 44 13.66 -7.38 -8.92
C ASP A 44 12.52 -6.67 -8.20
N ASN A 45 11.30 -6.96 -8.63
CA ASN A 45 10.11 -6.36 -8.03
C ASN A 45 10.11 -6.55 -6.52
N ARG A 46 10.63 -7.69 -6.08
CA ARG A 46 10.69 -8.00 -4.65
C ARG A 46 11.62 -7.03 -3.92
N ALA A 47 12.68 -6.61 -4.60
CA ALA A 47 13.64 -5.68 -4.03
C ALA A 47 13.08 -4.27 -3.96
N ILE A 48 12.32 -3.89 -4.99
CA ILE A 48 11.72 -2.57 -5.05
C ILE A 48 10.96 -2.25 -3.77
N SER A 49 10.05 -3.15 -3.38
CA SER A 49 9.26 -2.97 -2.18
C SER A 49 10.15 -2.71 -0.97
N VAL A 50 11.23 -3.46 -0.85
CA VAL A 50 12.16 -3.31 0.26
C VAL A 50 12.75 -1.90 0.28
N ILE A 51 12.99 -1.35 -0.90
CA ILE A 51 13.55 0.00 -1.01
C ILE A 51 12.55 1.05 -0.55
N LEU A 52 11.28 0.86 -0.91
CA LEU A 52 10.23 1.78 -0.53
C LEU A 52 10.21 2.01 0.98
N GLY A 53 10.21 0.91 1.74
CA GLY A 53 10.20 1.01 3.18
C GLY A 53 11.29 1.93 3.71
N ASP A 54 12.51 1.73 3.22
CA ASP A 54 13.64 2.54 3.66
C ASP A 54 13.32 4.03 3.52
N ARG A 55 12.68 4.39 2.42
CA ARG A 55 12.32 5.78 2.17
C ARG A 55 11.30 6.27 3.19
N TRP A 56 10.35 5.41 3.52
CA TRP A 56 9.31 5.75 4.48
C TRP A 56 9.90 5.99 5.87
N LYS A 57 11.09 5.43 6.10
CA LYS A 57 11.76 5.58 7.38
C LYS A 57 12.50 6.91 7.45
N LYS A 58 12.94 7.41 6.31
CA LYS A 58 13.65 8.67 6.24
C LYS A 58 12.68 9.84 6.08
N MET A 59 11.56 9.58 5.40
CA MET A 59 10.55 10.61 5.18
C MET A 59 10.15 11.27 6.49
N LYS A 60 9.68 12.51 6.41
CA LYS A 60 9.25 13.24 7.59
C LYS A 60 7.83 12.87 8.00
N ASN A 61 7.34 13.47 9.07
CA ASN A 61 6.00 13.19 9.56
C ASN A 61 4.94 13.76 8.62
N GLU A 62 5.30 14.86 7.95
CA GLU A 62 4.38 15.50 7.01
C GLU A 62 4.42 14.81 5.65
N GLU A 63 5.61 14.38 5.24
CA GLU A 63 5.78 13.71 3.97
C GLU A 63 4.91 12.45 3.89
N ARG A 64 4.54 11.92 5.05
CA ARG A 64 3.72 10.73 5.11
C ARG A 64 2.24 11.10 5.30
N ARG A 65 2.00 12.27 5.85
CA ARG A 65 0.64 12.74 6.08
C ARG A 65 -0.19 12.66 4.80
N MET A 66 0.44 12.97 3.67
CA MET A 66 -0.25 12.92 2.38
C MET A 66 -0.92 11.58 2.17
N TYR A 67 -0.31 10.52 2.71
CA TYR A 67 -0.86 9.17 2.59
C TYR A 67 -1.69 8.81 3.80
N THR A 68 -1.33 9.37 4.96
CA THR A 68 -2.04 9.10 6.19
C THR A 68 -3.50 9.52 6.09
N LEU A 69 -3.74 10.82 5.92
CA LEU A 69 -5.09 11.36 5.80
C LEU A 69 -5.79 10.77 4.58
N GLU A 70 -5.07 10.70 3.46
CA GLU A 70 -5.63 10.16 2.23
C GLU A 70 -6.12 8.74 2.42
N ALA A 71 -5.21 7.84 2.76
CA ALA A 71 -5.56 6.43 2.99
C ALA A 71 -6.68 6.31 4.00
N LYS A 72 -6.78 7.29 4.90
CA LYS A 72 -7.80 7.27 5.94
C LYS A 72 -9.20 7.39 5.32
N ALA A 73 -9.38 8.41 4.48
CA ALA A 73 -10.67 8.62 3.82
C ALA A 73 -11.00 7.48 2.87
N LEU A 74 -9.97 6.86 2.32
CA LEU A 74 -10.15 5.74 1.39
C LEU A 74 -10.58 4.49 2.14
N ALA A 75 -9.86 4.16 3.20
CA ALA A 75 -10.17 2.97 4.00
C ALA A 75 -11.63 2.98 4.45
N GLU A 76 -12.18 4.18 4.64
CA GLU A 76 -13.57 4.32 5.06
C GLU A 76 -14.49 4.48 3.85
N GLU A 77 -13.96 5.07 2.79
CA GLU A 77 -14.74 5.29 1.58
C GLU A 77 -15.09 3.97 0.91
N GLN A 78 -14.24 2.96 1.11
CA GLN A 78 -14.45 1.64 0.53
C GLN A 78 -15.44 0.83 1.37
N LYS A 79 -15.55 1.18 2.65
CA LYS A 79 -16.45 0.49 3.55
C LYS A 79 -17.90 0.96 3.34
N ARG A 80 -18.06 2.25 3.10
CA ARG A 80 -19.39 2.82 2.88
C ARG A 80 -20.03 2.23 1.62
N LEU A 81 -19.21 1.70 0.74
CA LEU A 81 -19.69 1.10 -0.50
C LEU A 81 -19.97 -0.39 -0.32
N ASN A 82 -19.17 -1.04 0.51
CA ASN A 82 -19.33 -2.46 0.77
C ASN A 82 -19.62 -2.72 2.26
N PRO A 83 -20.81 -2.29 2.71
CA PRO A 83 -21.22 -2.45 4.11
C PRO A 83 -21.51 -3.91 4.45
N ASP A 84 -21.97 -4.67 3.46
CA ASP A 84 -22.29 -6.08 3.67
C ASP A 84 -21.01 -6.92 3.69
N CYS A 85 -20.30 -6.86 4.81
CA CYS A 85 -19.05 -7.62 4.97
C CYS A 85 -19.17 -8.63 6.10
N TRP A 86 -18.20 -9.54 6.18
CA TRP A 86 -18.19 -10.56 7.22
C TRP A 86 -18.00 -9.92 8.59
N LYS A 87 -17.28 -8.82 8.64
CA LYS A 87 -17.02 -8.11 9.88
C LYS A 87 -18.24 -7.35 10.35
N GLY A 1 -2.00 6.46 12.44
CA GLY A 1 -1.88 5.96 13.79
C GLY A 1 -0.53 5.31 14.06
N SER A 2 -0.55 3.99 14.25
CA SER A 2 0.68 3.25 14.52
C SER A 2 1.33 3.73 15.81
N SER A 3 0.53 3.85 16.87
CA SER A 3 1.03 4.30 18.16
C SER A 3 0.35 3.55 19.29
N GLY A 4 1.11 2.69 19.97
CA GLY A 4 0.56 1.92 21.07
C GLY A 4 1.51 0.85 21.55
N SER A 5 1.77 -0.14 20.70
CA SER A 5 2.67 -1.23 21.05
C SER A 5 4.01 -1.10 20.33
N SER A 6 5.06 -0.83 21.09
CA SER A 6 6.39 -0.67 20.52
C SER A 6 7.11 -2.00 20.44
N GLY A 7 7.32 -2.50 19.22
CA GLY A 7 7.99 -3.76 19.03
C GLY A 7 7.05 -4.95 19.17
N GLY A 8 6.61 -5.49 18.04
CA GLY A 8 5.71 -6.63 18.06
C GLY A 8 4.62 -6.52 17.01
N THR A 9 4.99 -6.09 15.80
CA THR A 9 4.04 -5.95 14.72
C THR A 9 3.55 -7.31 14.23
N VAL A 10 2.57 -7.29 13.33
CA VAL A 10 2.02 -8.52 12.77
C VAL A 10 2.09 -8.52 11.25
N SER A 11 2.20 -9.72 10.67
CA SER A 11 2.28 -9.85 9.22
C SER A 11 0.89 -9.76 8.59
N ALA A 12 0.83 -9.96 7.28
CA ALA A 12 -0.44 -9.89 6.55
C ALA A 12 -0.94 -11.29 6.21
N THR A 13 -1.08 -12.14 7.24
CA THR A 13 -1.56 -13.49 7.04
C THR A 13 -3.07 -13.54 6.91
N SER A 14 -3.55 -13.36 5.67
CA SER A 14 -4.99 -13.37 5.41
C SER A 14 -5.26 -13.45 3.91
N PRO A 15 -5.00 -14.63 3.33
CA PRO A 15 -5.21 -14.88 1.89
C PRO A 15 -6.68 -14.90 1.52
N ASN A 16 -7.19 -13.77 1.04
CA ASN A 16 -8.59 -13.66 0.65
C ASN A 16 -8.72 -13.31 -0.84
N LYS A 17 -9.91 -13.52 -1.38
CA LYS A 17 -10.16 -13.23 -2.79
C LYS A 17 -10.37 -11.73 -3.01
N CYS A 18 -11.20 -11.13 -2.16
CA CYS A 18 -11.49 -9.70 -2.26
C CYS A 18 -10.22 -8.87 -2.05
N LYS A 19 -10.21 -7.67 -2.59
CA LYS A 19 -9.06 -6.77 -2.46
C LYS A 19 -8.81 -6.42 -1.00
N ARG A 20 -7.77 -5.63 -0.75
CA ARG A 20 -7.43 -5.23 0.60
C ARG A 20 -7.40 -3.70 0.73
N PRO A 21 -7.56 -3.20 1.96
CA PRO A 21 -7.55 -1.77 2.24
C PRO A 21 -6.17 -1.15 2.06
N MET A 22 -6.05 -0.25 1.08
CA MET A 22 -4.78 0.41 0.82
C MET A 22 -4.42 1.38 1.95
N ASN A 23 -3.53 0.94 2.83
CA ASN A 23 -3.10 1.77 3.96
C ASN A 23 -2.25 2.94 3.48
N ALA A 24 -1.73 3.70 4.42
CA ALA A 24 -0.90 4.86 4.11
C ALA A 24 0.34 4.43 3.31
N PHE A 25 1.05 3.44 3.82
CA PHE A 25 2.25 2.94 3.16
C PHE A 25 1.94 2.48 1.74
N MET A 26 0.81 1.80 1.58
CA MET A 26 0.40 1.30 0.27
C MET A 26 0.41 2.42 -0.77
N LEU A 27 -0.13 3.57 -0.39
CA LEU A 27 -0.18 4.73 -1.28
C LEU A 27 1.22 5.16 -1.70
N PHE A 28 2.18 4.96 -0.80
CA PHE A 28 3.57 5.33 -1.07
C PHE A 28 4.22 4.34 -2.02
N ALA A 29 4.29 3.09 -1.60
CA ALA A 29 4.89 2.04 -2.42
C ALA A 29 4.23 1.96 -3.79
N LYS A 30 2.97 2.35 -3.86
CA LYS A 30 2.22 2.34 -5.11
C LYS A 30 2.59 3.55 -5.97
N LYS A 31 2.41 4.74 -5.42
CA LYS A 31 2.72 5.97 -6.14
C LYS A 31 4.19 5.99 -6.56
N TYR A 32 5.02 5.27 -5.83
CA TYR A 32 6.45 5.20 -6.13
C TYR A 32 6.83 3.83 -6.68
N ARG A 33 5.82 3.02 -6.97
CA ARG A 33 6.05 1.68 -7.50
C ARG A 33 6.81 1.73 -8.81
N VAL A 34 6.17 2.28 -9.84
CA VAL A 34 6.79 2.39 -11.16
C VAL A 34 8.01 3.30 -11.11
N GLU A 35 7.96 4.30 -10.22
CA GLU A 35 9.06 5.25 -10.07
C GLU A 35 10.38 4.52 -9.89
N TYR A 36 10.34 3.41 -9.16
CA TYR A 36 11.54 2.62 -8.90
C TYR A 36 11.68 1.49 -9.90
N THR A 37 10.55 1.05 -10.46
CA THR A 37 10.55 -0.02 -11.44
C THR A 37 11.38 0.35 -12.67
N GLN A 38 11.43 1.64 -12.98
CA GLN A 38 12.18 2.13 -14.12
C GLN A 38 13.58 2.59 -13.70
N MET A 39 13.69 3.04 -12.45
CA MET A 39 14.96 3.51 -11.92
C MET A 39 15.89 2.34 -11.62
N TYR A 40 15.30 1.20 -11.27
CA TYR A 40 16.09 0.00 -10.95
C TYR A 40 15.53 -1.22 -11.68
N PRO A 41 15.72 -1.24 -13.00
CA PRO A 41 15.25 -2.35 -13.85
C PRO A 41 16.03 -3.64 -13.60
N GLY A 42 17.27 -3.49 -13.13
CA GLY A 42 18.11 -4.65 -12.87
C GLY A 42 17.72 -5.36 -11.59
N LYS A 43 17.13 -4.62 -10.66
CA LYS A 43 16.71 -5.20 -9.38
C LYS A 43 15.35 -5.89 -9.52
N ASP A 44 15.07 -6.82 -8.62
CA ASP A 44 13.81 -7.55 -8.63
C ASP A 44 12.76 -6.83 -7.79
N ASN A 45 11.49 -7.15 -8.04
CA ASN A 45 10.38 -6.54 -7.31
C ASN A 45 10.60 -6.66 -5.81
N ARG A 46 11.02 -7.85 -5.37
CA ARG A 46 11.25 -8.10 -3.95
C ARG A 46 12.24 -7.09 -3.38
N ALA A 47 13.15 -6.61 -4.22
CA ALA A 47 14.14 -5.64 -3.79
C ALA A 47 13.57 -4.22 -3.82
N ILE A 48 12.86 -3.90 -4.89
CA ILE A 48 12.25 -2.58 -5.03
C ILE A 48 11.43 -2.22 -3.80
N SER A 49 10.61 -3.15 -3.34
CA SER A 49 9.77 -2.93 -2.17
C SER A 49 10.62 -2.62 -0.94
N VAL A 50 11.70 -3.39 -0.77
CA VAL A 50 12.60 -3.20 0.37
C VAL A 50 13.20 -1.79 0.37
N ILE A 51 13.58 -1.32 -0.82
CA ILE A 51 14.16 0.00 -0.96
C ILE A 51 13.12 1.09 -0.73
N LEU A 52 11.86 0.78 -1.03
CA LEU A 52 10.78 1.73 -0.86
C LEU A 52 10.52 2.01 0.62
N GLY A 53 10.43 0.93 1.40
CA GLY A 53 10.18 1.08 2.83
C GLY A 53 11.18 2.00 3.49
N ASP A 54 12.47 1.79 3.20
CA ASP A 54 13.52 2.61 3.78
C ASP A 54 13.24 4.09 3.57
N ARG A 55 12.79 4.44 2.37
CA ARG A 55 12.48 5.82 2.04
C ARG A 55 11.34 6.35 2.91
N TRP A 56 10.41 5.47 3.23
CA TRP A 56 9.26 5.85 4.06
C TRP A 56 9.69 6.14 5.49
N LYS A 57 10.79 5.54 5.90
CA LYS A 57 11.32 5.72 7.25
C LYS A 57 12.11 7.03 7.35
N LYS A 58 12.66 7.47 6.22
CA LYS A 58 13.43 8.71 6.17
C LYS A 58 12.52 9.93 6.19
N MET A 59 11.36 9.80 5.54
CA MET A 59 10.39 10.90 5.49
C MET A 59 10.02 11.36 6.90
N LYS A 60 9.25 12.43 6.97
CA LYS A 60 8.81 12.98 8.26
C LYS A 60 7.37 12.61 8.54
N ASN A 61 6.85 13.08 9.68
CA ASN A 61 5.47 12.80 10.07
C ASN A 61 4.49 13.46 9.10
N GLU A 62 4.86 14.64 8.62
CA GLU A 62 4.01 15.38 7.69
C GLU A 62 4.12 14.82 6.28
N GLU A 63 5.34 14.45 5.89
CA GLU A 63 5.59 13.90 4.56
C GLU A 63 4.75 12.65 4.33
N ARG A 64 4.39 11.98 5.42
CA ARG A 64 3.59 10.76 5.34
C ARG A 64 2.12 11.07 5.55
N ARG A 65 1.84 12.17 6.26
CA ARG A 65 0.46 12.57 6.53
C ARG A 65 -0.36 12.61 5.25
N MET A 66 0.26 13.08 4.16
CA MET A 66 -0.42 13.17 2.88
C MET A 66 -1.06 11.84 2.50
N TYR A 67 -0.43 10.75 2.92
CA TYR A 67 -0.94 9.41 2.62
C TYR A 67 -1.76 8.88 3.79
N THR A 68 -1.38 9.25 5.00
CA THR A 68 -2.08 8.81 6.20
C THR A 68 -3.57 9.19 6.14
N LEU A 69 -3.83 10.49 6.12
CA LEU A 69 -5.21 10.99 6.06
C LEU A 69 -5.88 10.56 4.76
N GLU A 70 -5.16 10.68 3.65
CA GLU A 70 -5.69 10.30 2.35
C GLU A 70 -6.21 8.87 2.36
N ALA A 71 -5.33 7.94 2.69
CA ALA A 71 -5.69 6.53 2.73
C ALA A 71 -6.79 6.28 3.78
N LYS A 72 -6.83 7.14 4.79
CA LYS A 72 -7.83 7.02 5.85
C LYS A 72 -9.24 7.18 5.29
N ALA A 73 -9.50 8.33 4.68
CA ALA A 73 -10.81 8.61 4.10
C ALA A 73 -11.24 7.49 3.16
N LEU A 74 -10.29 6.98 2.38
CA LEU A 74 -10.57 5.90 1.44
C LEU A 74 -10.76 4.57 2.15
N ALA A 75 -10.15 4.45 3.33
CA ALA A 75 -10.25 3.24 4.12
C ALA A 75 -11.64 3.10 4.75
N GLU A 76 -12.25 4.24 5.07
CA GLU A 76 -13.58 4.24 5.67
C GLU A 76 -14.66 4.41 4.61
N GLU A 77 -14.31 5.10 3.52
CA GLU A 77 -15.25 5.33 2.43
C GLU A 77 -15.60 4.02 1.72
N GLN A 78 -14.70 3.06 1.81
CA GLN A 78 -14.90 1.76 1.18
C GLN A 78 -15.89 0.91 1.98
N LYS A 79 -16.00 1.20 3.27
CA LYS A 79 -16.92 0.48 4.14
C LYS A 79 -18.36 0.93 3.92
N ARG A 80 -18.55 2.24 3.81
CA ARG A 80 -19.89 2.79 3.60
C ARG A 80 -20.48 2.29 2.29
N LEU A 81 -19.62 1.81 1.41
CA LEU A 81 -20.06 1.30 0.10
C LEU A 81 -20.51 -0.15 0.22
N ASN A 82 -19.87 -0.90 1.11
CA ASN A 82 -20.22 -2.30 1.33
C ASN A 82 -20.55 -2.57 2.79
N PRO A 83 -21.71 -2.06 3.24
CA PRO A 83 -22.17 -2.23 4.62
C PRO A 83 -22.58 -3.67 4.92
N ASP A 84 -22.92 -4.42 3.88
CA ASP A 84 -23.33 -5.80 4.03
C ASP A 84 -22.17 -6.75 3.74
N CYS A 85 -21.23 -6.83 4.68
CA CYS A 85 -20.07 -7.69 4.53
C CYS A 85 -20.17 -8.90 5.45
N TRP A 86 -20.27 -8.64 6.75
CA TRP A 86 -20.37 -9.72 7.73
C TRP A 86 -21.79 -10.24 7.82
N LYS A 87 -22.70 -9.65 7.03
CA LYS A 87 -24.09 -10.07 7.02
C LYS A 87 -24.29 -11.28 6.12
N GLY A 1 -4.73 -25.50 -9.94
CA GLY A 1 -4.28 -26.87 -9.74
C GLY A 1 -3.08 -26.96 -8.82
N SER A 2 -2.00 -26.27 -9.19
CA SER A 2 -0.78 -26.29 -8.39
C SER A 2 -0.18 -24.88 -8.30
N SER A 3 0.48 -24.59 -7.19
CA SER A 3 1.09 -23.29 -6.98
C SER A 3 2.39 -23.17 -7.78
N GLY A 4 2.55 -22.03 -8.45
CA GLY A 4 3.76 -21.81 -9.25
C GLY A 4 3.62 -20.63 -10.18
N SER A 5 4.45 -19.63 -9.99
CA SER A 5 4.42 -18.43 -10.82
C SER A 5 5.49 -18.49 -11.90
N SER A 6 5.09 -18.25 -13.15
CA SER A 6 6.02 -18.28 -14.27
C SER A 6 6.85 -17.00 -14.32
N GLY A 7 8.01 -17.08 -14.98
CA GLY A 7 8.87 -15.92 -15.08
C GLY A 7 8.93 -15.37 -16.50
N GLY A 8 7.76 -15.19 -17.11
CA GLY A 8 7.70 -14.67 -18.46
C GLY A 8 7.13 -13.26 -18.51
N THR A 9 5.83 -13.17 -18.78
CA THR A 9 5.16 -11.88 -18.88
C THR A 9 3.80 -11.92 -18.18
N VAL A 10 3.25 -10.73 -17.90
CA VAL A 10 1.95 -10.63 -17.24
C VAL A 10 0.89 -10.12 -18.20
N SER A 11 -0.26 -10.80 -18.22
CA SER A 11 -1.35 -10.43 -19.10
C SER A 11 -2.44 -9.69 -18.32
N ALA A 12 -2.16 -8.45 -17.94
CA ALA A 12 -3.11 -7.65 -17.19
C ALA A 12 -3.78 -6.61 -18.09
N THR A 13 -5.05 -6.85 -18.43
CA THR A 13 -5.80 -5.93 -19.28
C THR A 13 -6.65 -4.98 -18.45
N SER A 14 -6.46 -3.69 -18.68
CA SER A 14 -7.21 -2.66 -17.95
C SER A 14 -6.92 -2.74 -16.45
N PRO A 15 -7.21 -1.63 -15.74
CA PRO A 15 -6.98 -1.55 -14.30
C PRO A 15 -7.93 -2.44 -13.50
N ASN A 16 -7.35 -3.35 -12.72
CA ASN A 16 -8.15 -4.27 -11.91
C ASN A 16 -8.58 -3.60 -10.60
N LYS A 17 -9.89 -3.57 -10.37
CA LYS A 17 -10.43 -2.97 -9.15
C LYS A 17 -10.58 -4.00 -8.05
N CYS A 18 -10.02 -3.70 -6.88
CA CYS A 18 -10.10 -4.60 -5.74
C CYS A 18 -10.80 -3.94 -4.56
N LYS A 19 -11.29 -4.76 -3.63
CA LYS A 19 -11.98 -4.25 -2.45
C LYS A 19 -11.25 -4.65 -1.18
N ARG A 20 -10.60 -3.68 -0.55
CA ARG A 20 -9.86 -3.93 0.69
C ARG A 20 -9.25 -2.64 1.23
N PRO A 21 -8.97 -2.63 2.54
CA PRO A 21 -8.38 -1.46 3.21
C PRO A 21 -6.94 -1.22 2.79
N MET A 22 -6.64 0.02 2.40
CA MET A 22 -5.29 0.38 1.97
C MET A 22 -4.68 1.40 2.93
N ASN A 23 -3.77 0.94 3.78
CA ASN A 23 -3.11 1.80 4.75
C ASN A 23 -2.33 2.92 4.03
N ALA A 24 -1.61 3.71 4.82
CA ALA A 24 -0.82 4.80 4.26
C ALA A 24 0.36 4.27 3.45
N PHE A 25 1.02 3.26 3.97
CA PHE A 25 2.17 2.66 3.30
C PHE A 25 1.80 2.20 1.89
N MET A 26 0.64 1.55 1.78
CA MET A 26 0.17 1.06 0.50
C MET A 26 0.17 2.17 -0.55
N LEU A 27 -0.28 3.35 -0.14
CA LEU A 27 -0.32 4.50 -1.05
C LEU A 27 1.09 4.96 -1.42
N PHE A 28 2.02 4.76 -0.49
CA PHE A 28 3.41 5.16 -0.72
C PHE A 28 4.09 4.22 -1.71
N ALA A 29 4.18 2.94 -1.34
CA ALA A 29 4.80 1.95 -2.19
C ALA A 29 4.18 1.94 -3.58
N LYS A 30 2.88 2.18 -3.65
CA LYS A 30 2.16 2.21 -4.91
C LYS A 30 2.55 3.43 -5.73
N LYS A 31 2.34 4.61 -5.16
CA LYS A 31 2.67 5.86 -5.83
C LYS A 31 4.15 5.91 -6.21
N TYR A 32 4.96 5.18 -5.45
CA TYR A 32 6.39 5.13 -5.72
C TYR A 32 6.79 3.83 -6.40
N ARG A 33 5.78 3.05 -6.81
CA ARG A 33 6.02 1.78 -7.49
C ARG A 33 6.63 2.00 -8.86
N VAL A 34 5.83 2.51 -9.79
CA VAL A 34 6.29 2.76 -11.15
C VAL A 34 7.53 3.65 -11.16
N GLU A 35 7.63 4.52 -10.15
CA GLU A 35 8.75 5.43 -10.04
C GLU A 35 10.06 4.65 -9.83
N TYR A 36 9.95 3.52 -9.13
CA TYR A 36 11.12 2.69 -8.85
C TYR A 36 11.26 1.59 -9.88
N THR A 37 10.13 1.18 -10.47
CA THR A 37 10.12 0.13 -11.48
C THR A 37 10.96 0.53 -12.69
N GLN A 38 10.97 1.82 -13.00
CA GLN A 38 11.73 2.33 -14.14
C GLN A 38 13.09 2.84 -13.70
N MET A 39 13.18 3.30 -12.45
CA MET A 39 14.42 3.81 -11.91
C MET A 39 15.41 2.67 -11.62
N TYR A 40 14.87 1.54 -11.17
CA TYR A 40 15.70 0.38 -10.86
C TYR A 40 15.23 -0.85 -11.63
N PRO A 41 15.44 -0.83 -12.95
CA PRO A 41 15.06 -1.94 -13.84
C PRO A 41 15.90 -3.19 -13.61
N GLY A 42 17.11 -2.99 -13.09
CA GLY A 42 18.00 -4.11 -12.84
C GLY A 42 17.62 -4.88 -11.59
N LYS A 43 16.92 -4.21 -10.67
CA LYS A 43 16.50 -4.84 -9.43
C LYS A 43 15.16 -5.55 -9.60
N ASP A 44 14.88 -6.49 -8.72
CA ASP A 44 13.63 -7.25 -8.77
C ASP A 44 12.56 -6.59 -7.92
N ASN A 45 11.30 -6.91 -8.20
CA ASN A 45 10.18 -6.35 -7.46
C ASN A 45 10.35 -6.58 -5.96
N ARG A 46 11.05 -7.65 -5.60
CA ARG A 46 11.29 -7.97 -4.20
C ARG A 46 12.19 -6.93 -3.55
N ALA A 47 13.10 -6.36 -4.34
CA ALA A 47 14.01 -5.35 -3.83
C ALA A 47 13.34 -3.98 -3.79
N ILE A 48 12.48 -3.70 -4.76
CA ILE A 48 11.78 -2.43 -4.83
C ILE A 48 11.09 -2.12 -3.51
N SER A 49 10.31 -3.08 -3.00
CA SER A 49 9.60 -2.90 -1.75
C SER A 49 10.56 -2.63 -0.61
N VAL A 50 11.61 -3.45 -0.51
CA VAL A 50 12.61 -3.29 0.53
C VAL A 50 13.16 -1.86 0.57
N ILE A 51 13.48 -1.34 -0.60
CA ILE A 51 14.01 0.02 -0.70
C ILE A 51 12.93 1.06 -0.42
N LEU A 52 11.70 0.74 -0.79
CA LEU A 52 10.57 1.65 -0.56
C LEU A 52 10.33 1.85 0.93
N GLY A 53 10.25 0.75 1.67
CA GLY A 53 10.01 0.84 3.10
C GLY A 53 11.00 1.76 3.79
N ASP A 54 12.29 1.57 3.50
CA ASP A 54 13.34 2.39 4.10
C ASP A 54 13.04 3.87 3.92
N ARG A 55 12.62 4.25 2.71
CA ARG A 55 12.31 5.64 2.41
C ARG A 55 11.17 6.14 3.29
N TRP A 56 10.21 5.26 3.57
CA TRP A 56 9.07 5.61 4.40
C TRP A 56 9.49 5.84 5.85
N LYS A 57 10.59 5.21 6.24
CA LYS A 57 11.11 5.36 7.60
C LYS A 57 12.00 6.58 7.72
N LYS A 58 12.68 6.92 6.62
CA LYS A 58 13.57 8.08 6.60
C LYS A 58 12.78 9.37 6.44
N MET A 59 11.65 9.29 5.74
CA MET A 59 10.81 10.45 5.51
C MET A 59 10.40 11.09 6.83
N LYS A 60 9.71 12.23 6.74
CA LYS A 60 9.26 12.94 7.93
C LYS A 60 7.79 12.65 8.22
N ASN A 61 7.23 13.40 9.17
CA ASN A 61 5.82 13.22 9.53
C ASN A 61 4.90 13.73 8.43
N GLU A 62 5.15 14.94 7.96
CA GLU A 62 4.34 15.54 6.91
C GLU A 62 4.54 14.81 5.59
N GLU A 63 5.76 14.35 5.36
CA GLU A 63 6.09 13.62 4.12
C GLU A 63 5.21 12.38 3.98
N ARG A 64 4.72 11.88 5.11
CA ARG A 64 3.87 10.69 5.11
C ARG A 64 2.41 11.07 5.30
N ARG A 65 2.17 12.22 5.93
CA ARG A 65 0.82 12.69 6.17
C ARG A 65 -0.01 12.67 4.89
N MET A 66 0.62 13.05 3.78
CA MET A 66 -0.06 13.08 2.48
C MET A 66 -0.75 11.75 2.21
N TYR A 67 -0.13 10.66 2.64
CA TYR A 67 -0.69 9.33 2.44
C TYR A 67 -1.52 8.89 3.64
N THR A 68 -1.18 9.43 4.81
CA THR A 68 -1.89 9.10 6.04
C THR A 68 -3.37 9.44 5.92
N LEU A 69 -3.67 10.72 5.81
CA LEU A 69 -5.05 11.18 5.69
C LEU A 69 -5.69 10.66 4.40
N GLU A 70 -4.95 10.78 3.30
CA GLU A 70 -5.44 10.32 2.00
C GLU A 70 -5.93 8.88 2.08
N ALA A 71 -5.04 7.98 2.50
CA ALA A 71 -5.38 6.57 2.63
C ALA A 71 -6.55 6.37 3.58
N LYS A 72 -6.67 7.25 4.56
CA LYS A 72 -7.75 7.18 5.54
C LYS A 72 -9.11 7.30 4.86
N ALA A 73 -9.30 8.39 4.13
CA ALA A 73 -10.56 8.63 3.43
C ALA A 73 -10.95 7.42 2.58
N LEU A 74 -9.94 6.74 2.03
CA LEU A 74 -10.17 5.58 1.19
C LEU A 74 -10.70 4.41 2.02
N ALA A 75 -10.14 4.23 3.22
CA ALA A 75 -10.56 3.16 4.10
C ALA A 75 -11.96 3.40 4.64
N GLU A 76 -12.31 4.67 4.80
CA GLU A 76 -13.64 5.05 5.31
C GLU A 76 -14.66 5.08 4.18
N GLU A 77 -14.18 5.24 2.95
CA GLU A 77 -15.06 5.31 1.78
C GLU A 77 -15.27 3.91 1.19
N GLN A 78 -14.35 3.01 1.50
CA GLN A 78 -14.44 1.63 0.99
C GLN A 78 -15.38 0.80 1.86
N LYS A 79 -15.54 1.20 3.11
CA LYS A 79 -16.41 0.50 4.04
C LYS A 79 -17.88 0.79 3.74
N ARG A 80 -18.14 2.00 3.25
CA ARG A 80 -19.50 2.42 2.92
C ARG A 80 -19.98 1.76 1.63
N LEU A 81 -19.02 1.27 0.83
CA LEU A 81 -19.34 0.62 -0.44
C LEU A 81 -19.92 -0.78 -0.19
N ASN A 82 -19.38 -1.47 0.81
CA ASN A 82 -19.84 -2.82 1.14
C ASN A 82 -19.93 -2.99 2.66
N PRO A 83 -20.95 -2.37 3.26
CA PRO A 83 -21.17 -2.46 4.71
C PRO A 83 -21.62 -3.85 5.15
N ASP A 84 -22.30 -4.56 4.25
CA ASP A 84 -22.79 -5.90 4.55
C ASP A 84 -21.64 -6.80 4.99
N CYS A 85 -20.44 -6.52 4.50
CA CYS A 85 -19.26 -7.31 4.84
C CYS A 85 -18.89 -7.11 6.29
N TRP A 86 -18.92 -5.85 6.75
CA TRP A 86 -18.58 -5.52 8.12
C TRP A 86 -19.82 -5.22 8.94
N LYS A 87 -20.64 -6.24 9.17
CA LYS A 87 -21.87 -6.09 9.94
C LYS A 87 -21.55 -5.76 11.40
N GLY A 1 9.72 20.68 23.12
CA GLY A 1 11.05 20.47 22.57
C GLY A 1 11.41 19.00 22.48
N SER A 2 11.05 18.24 23.52
CA SER A 2 11.34 16.82 23.56
C SER A 2 10.06 15.99 23.52
N SER A 3 9.95 15.12 22.52
CA SER A 3 8.77 14.28 22.36
C SER A 3 9.16 12.82 22.23
N GLY A 4 8.22 11.93 22.52
CA GLY A 4 8.49 10.50 22.42
C GLY A 4 8.59 9.84 23.78
N SER A 5 7.65 8.94 24.07
CA SER A 5 7.63 8.23 25.34
C SER A 5 7.49 6.72 25.12
N SER A 6 6.29 6.30 24.77
CA SER A 6 6.01 4.88 24.54
C SER A 6 5.37 4.67 23.17
N GLY A 7 5.94 3.76 22.38
CA GLY A 7 5.41 3.47 21.06
C GLY A 7 6.47 2.96 20.11
N GLY A 8 6.81 1.68 20.24
CA GLY A 8 7.82 1.10 19.37
C GLY A 8 7.89 -0.41 19.52
N THR A 9 7.75 -0.89 20.74
CA THR A 9 7.81 -2.32 21.02
C THR A 9 6.41 -2.94 21.03
N VAL A 10 5.92 -3.30 19.85
CA VAL A 10 4.61 -3.91 19.72
C VAL A 10 4.66 -5.18 18.89
N SER A 11 4.55 -6.33 19.57
CA SER A 11 4.60 -7.62 18.90
C SER A 11 3.23 -7.99 18.33
N ALA A 12 3.15 -8.08 17.01
CA ALA A 12 1.91 -8.41 16.33
C ALA A 12 1.72 -9.92 16.25
N THR A 13 1.04 -10.49 17.26
CA THR A 13 0.80 -11.92 17.30
C THR A 13 0.12 -12.40 16.02
N SER A 14 -0.72 -11.55 15.45
CA SER A 14 -1.44 -11.88 14.23
C SER A 14 -0.50 -11.91 13.03
N PRO A 15 -0.93 -12.59 11.95
CA PRO A 15 -0.14 -12.71 10.73
C PRO A 15 -0.03 -11.38 9.97
N ASN A 16 1.11 -11.14 9.36
CA ASN A 16 1.34 -9.91 8.60
C ASN A 16 0.80 -10.04 7.18
N LYS A 17 0.76 -11.28 6.68
CA LYS A 17 0.26 -11.53 5.34
C LYS A 17 -1.26 -11.58 5.32
N CYS A 18 -1.89 -10.45 5.03
CA CYS A 18 -3.34 -10.36 4.98
C CYS A 18 -3.79 -9.30 3.98
N LYS A 19 -5.09 -9.26 3.70
CA LYS A 19 -5.65 -8.29 2.77
C LYS A 19 -5.64 -6.89 3.37
N ARG A 20 -6.56 -6.64 4.30
CA ARG A 20 -6.66 -5.34 4.95
C ARG A 20 -7.00 -4.25 3.93
N PRO A 21 -7.50 -3.12 4.44
CA PRO A 21 -7.87 -1.98 3.59
C PRO A 21 -6.66 -1.28 2.99
N MET A 22 -6.91 -0.19 2.28
CA MET A 22 -5.83 0.57 1.65
C MET A 22 -5.01 1.32 2.69
N ASN A 23 -3.95 0.67 3.19
CA ASN A 23 -3.09 1.28 4.19
C ASN A 23 -2.34 2.47 3.61
N ALA A 24 -1.81 3.31 4.49
CA ALA A 24 -1.06 4.49 4.07
C ALA A 24 0.18 4.10 3.30
N PHE A 25 0.89 3.09 3.78
CA PHE A 25 2.11 2.62 3.13
C PHE A 25 1.82 2.19 1.69
N MET A 26 0.70 1.51 1.49
CA MET A 26 0.31 1.04 0.16
C MET A 26 0.35 2.18 -0.85
N LEU A 27 -0.22 3.33 -0.46
CA LEU A 27 -0.25 4.50 -1.34
C LEU A 27 1.16 4.95 -1.68
N PHE A 28 2.10 4.68 -0.79
CA PHE A 28 3.50 5.07 -1.01
C PHE A 28 4.19 4.07 -1.93
N ALA A 29 4.23 2.82 -1.50
CA ALA A 29 4.87 1.77 -2.29
C ALA A 29 4.32 1.73 -3.71
N LYS A 30 3.06 2.12 -3.86
CA LYS A 30 2.41 2.14 -5.17
C LYS A 30 2.80 3.40 -5.95
N LYS A 31 2.55 4.56 -5.37
CA LYS A 31 2.87 5.83 -6.00
C LYS A 31 4.36 5.90 -6.35
N TYR A 32 5.17 5.16 -5.60
CA TYR A 32 6.61 5.14 -5.82
C TYR A 32 7.03 3.85 -6.50
N ARG A 33 6.05 3.06 -6.93
CA ARG A 33 6.33 1.79 -7.60
C ARG A 33 7.02 2.03 -8.94
N VAL A 34 6.27 2.53 -9.91
CA VAL A 34 6.81 2.79 -11.24
C VAL A 34 8.04 3.68 -11.16
N GLU A 35 8.08 4.54 -10.14
CA GLU A 35 9.21 5.45 -9.97
C GLU A 35 10.51 4.67 -9.75
N TYR A 36 10.40 3.54 -9.05
CA TYR A 36 11.56 2.71 -8.78
C TYR A 36 11.70 1.60 -9.81
N THR A 37 10.58 1.21 -10.40
CA THR A 37 10.57 0.16 -11.41
C THR A 37 11.43 0.54 -12.61
N GLN A 38 11.51 1.83 -12.89
CA GLN A 38 12.31 2.33 -14.00
C GLN A 38 13.68 2.81 -13.53
N MET A 39 13.73 3.30 -12.30
CA MET A 39 14.98 3.79 -11.72
C MET A 39 15.90 2.64 -11.38
N TYR A 40 15.33 1.48 -11.10
CA TYR A 40 16.10 0.29 -10.75
C TYR A 40 15.62 -0.93 -11.52
N PRO A 41 15.91 -0.95 -12.83
CA PRO A 41 15.51 -2.05 -13.72
C PRO A 41 16.28 -3.34 -13.41
N GLY A 42 17.60 -3.20 -13.24
CA GLY A 42 18.42 -4.36 -12.95
C GLY A 42 17.97 -5.11 -11.72
N LYS A 43 17.25 -4.41 -10.84
CA LYS A 43 16.76 -5.03 -9.61
C LYS A 43 15.35 -5.60 -9.82
N ASP A 44 14.94 -6.47 -8.90
CA ASP A 44 13.62 -7.09 -8.99
C ASP A 44 12.66 -6.45 -7.99
N ASN A 45 11.38 -6.75 -8.13
CA ASN A 45 10.36 -6.21 -7.24
C ASN A 45 10.73 -6.43 -5.78
N ARG A 46 11.29 -7.61 -5.50
CA ARG A 46 11.68 -7.95 -4.13
C ARG A 46 12.58 -6.87 -3.54
N ALA A 47 13.40 -6.25 -4.38
CA ALA A 47 14.30 -5.19 -3.94
C ALA A 47 13.59 -3.84 -3.87
N ILE A 48 12.78 -3.55 -4.89
CA ILE A 48 12.04 -2.30 -4.94
C ILE A 48 11.17 -2.13 -3.69
N SER A 49 10.45 -3.18 -3.33
CA SER A 49 9.57 -3.14 -2.16
C SER A 49 10.37 -2.84 -0.90
N VAL A 50 11.53 -3.49 -0.77
CA VAL A 50 12.39 -3.29 0.38
C VAL A 50 12.93 -1.87 0.43
N ILE A 51 13.60 -1.46 -0.64
CA ILE A 51 14.16 -0.11 -0.72
C ILE A 51 13.10 0.94 -0.48
N LEU A 52 11.86 0.62 -0.82
CA LEU A 52 10.75 1.55 -0.63
C LEU A 52 10.47 1.77 0.85
N GLY A 53 10.39 0.68 1.61
CA GLY A 53 10.13 0.78 3.03
C GLY A 53 11.08 1.74 3.72
N ASP A 54 12.37 1.58 3.48
CA ASP A 54 13.38 2.44 4.09
C ASP A 54 13.04 3.91 3.87
N ARG A 55 12.66 4.25 2.64
CA ARG A 55 12.31 5.63 2.29
C ARG A 55 11.14 6.11 3.14
N TRP A 56 10.21 5.21 3.41
CA TRP A 56 9.03 5.54 4.20
C TRP A 56 9.41 5.84 5.64
N LYS A 57 10.58 5.37 6.06
CA LYS A 57 11.06 5.59 7.41
C LYS A 57 11.85 6.89 7.51
N LYS A 58 12.51 7.26 6.42
CA LYS A 58 13.29 8.48 6.37
C LYS A 58 12.39 9.70 6.22
N MET A 59 11.32 9.54 5.46
CA MET A 59 10.38 10.63 5.23
C MET A 59 9.91 11.23 6.56
N LYS A 60 9.32 12.42 6.49
CA LYS A 60 8.83 13.11 7.67
C LYS A 60 7.35 12.82 7.90
N ASN A 61 6.85 13.21 9.06
CA ASN A 61 5.45 13.00 9.40
C ASN A 61 4.54 13.56 8.31
N GLU A 62 4.84 14.77 7.86
CA GLU A 62 4.05 15.42 6.83
C GLU A 62 4.20 14.70 5.49
N GLU A 63 5.42 14.28 5.19
CA GLU A 63 5.70 13.57 3.94
C GLU A 63 4.85 12.31 3.83
N ARG A 64 4.44 11.77 4.97
CA ARG A 64 3.62 10.56 5.00
C ARG A 64 2.15 10.92 5.20
N ARG A 65 1.90 12.06 5.83
CA ARG A 65 0.53 12.51 6.09
C ARG A 65 -0.29 12.49 4.80
N MET A 66 0.33 12.89 3.70
CA MET A 66 -0.35 12.91 2.41
C MET A 66 -1.02 11.57 2.12
N TYR A 67 -0.41 10.49 2.59
CA TYR A 67 -0.95 9.16 2.38
C TYR A 67 -1.78 8.71 3.58
N THR A 68 -1.43 9.20 4.76
CA THR A 68 -2.14 8.85 5.98
C THR A 68 -3.60 9.27 5.91
N LEU A 69 -3.83 10.58 5.81
CA LEU A 69 -5.19 11.11 5.72
C LEU A 69 -5.89 10.63 4.46
N GLU A 70 -5.14 10.58 3.36
CA GLU A 70 -5.69 10.12 2.09
C GLU A 70 -6.21 8.70 2.19
N ALA A 71 -5.30 7.77 2.46
CA ALA A 71 -5.67 6.36 2.59
C ALA A 71 -6.69 6.16 3.70
N LYS A 72 -6.66 7.04 4.70
CA LYS A 72 -7.58 6.96 5.82
C LYS A 72 -9.03 7.13 5.36
N ALA A 73 -9.29 8.25 4.70
CA ALA A 73 -10.64 8.53 4.19
C ALA A 73 -11.14 7.40 3.31
N LEU A 74 -10.25 6.84 2.49
CA LEU A 74 -10.60 5.75 1.60
C LEU A 74 -10.78 4.45 2.36
N ALA A 75 -10.11 4.35 3.51
CA ALA A 75 -10.19 3.16 4.35
C ALA A 75 -11.58 3.02 4.97
N GLU A 76 -12.24 4.16 5.19
CA GLU A 76 -13.57 4.16 5.79
C GLU A 76 -14.64 4.37 4.71
N GLU A 77 -14.31 5.13 3.68
CA GLU A 77 -15.24 5.41 2.60
C GLU A 77 -15.59 4.13 1.85
N GLN A 78 -14.70 3.14 1.93
CA GLN A 78 -14.92 1.86 1.25
C GLN A 78 -15.90 1.00 2.03
N LYS A 79 -16.14 1.35 3.29
CA LYS A 79 -17.06 0.61 4.15
C LYS A 79 -18.48 1.12 3.98
N ARG A 80 -18.65 2.44 4.07
CA ARG A 80 -19.96 3.05 3.94
C ARG A 80 -20.60 2.69 2.60
N LEU A 81 -19.76 2.44 1.61
CA LEU A 81 -20.24 2.08 0.27
C LEU A 81 -20.74 0.64 0.24
N ASN A 82 -19.94 -0.27 0.78
CA ASN A 82 -20.30 -1.69 0.82
C ASN A 82 -20.17 -2.24 2.24
N PRO A 83 -21.07 -1.82 3.13
CA PRO A 83 -21.08 -2.26 4.52
C PRO A 83 -21.48 -3.72 4.66
N ASP A 84 -22.10 -4.28 3.61
CA ASP A 84 -22.52 -5.67 3.62
C ASP A 84 -21.68 -6.50 2.66
N CYS A 85 -20.37 -6.46 2.85
CA CYS A 85 -19.46 -7.21 2.00
C CYS A 85 -19.47 -8.70 2.36
N TRP A 86 -18.70 -9.48 1.62
CA TRP A 86 -18.62 -10.91 1.87
C TRP A 86 -18.02 -11.21 3.25
N LYS A 87 -16.98 -10.47 3.60
CA LYS A 87 -16.32 -10.65 4.89
C LYS A 87 -17.12 -10.01 6.01
#